data_1NLX
#
_entry.id   1NLX
#
_cell.length_a   110.809
_cell.length_b   110.335
_cell.length_c   159.420
_cell.angle_alpha   90.0
_cell.angle_beta   90.0
_cell.angle_gamma   90.0
#
_symmetry.space_group_name_H-M   'P 21 21 21'
#
loop_
_entity.id
_entity.type
_entity.pdbx_description
1 polymer 'Pollen allergen Phl p 6'
2 non-polymer 'ZINC ION'
3 non-polymer ARSENIC
#
_entity_poly.entity_id   1
_entity_poly.type   'polypeptide(L)'
_entity_poly.pdbx_seq_one_letter_code
;MGKATTEEQKLIEDVNASFRAAMATTANVPPADKYKTFEAAFTVSSKRNLADAVSKAPQLVPKLDEVYNAAYNAADHAAP
EDKYEAFVLHFSEALRIIAGTPEVHAVKPGA
;
_entity_poly.pdbx_strand_id   A,B,C,D,E,F,G,H,I,J,K,L,M,N
#
# COMPACT_ATOMS: atom_id res chain seq x y z
N ALA A 4 42.87 -1.83 11.42
CA ALA A 4 41.42 -1.46 11.49
C ALA A 4 40.96 -0.74 10.20
N THR A 5 40.76 0.58 10.30
CA THR A 5 40.31 1.40 9.15
C THR A 5 41.46 1.48 8.14
N THR A 6 42.65 1.08 8.60
CA THR A 6 43.84 1.10 7.77
C THR A 6 43.73 0.02 6.72
N GLU A 7 43.25 -1.13 7.16
CA GLU A 7 43.07 -2.29 6.30
C GLU A 7 42.16 -1.94 5.13
N GLU A 8 41.09 -1.21 5.41
CA GLU A 8 40.14 -0.80 4.40
C GLU A 8 40.83 0.11 3.37
N GLN A 9 41.57 1.10 3.85
CA GLN A 9 42.30 2.00 2.95
C GLN A 9 43.20 1.21 2.02
N LYS A 10 44.06 0.38 2.61
CA LYS A 10 44.98 -0.43 1.84
C LYS A 10 44.26 -1.24 0.77
N LEU A 11 43.15 -1.87 1.14
CA LEU A 11 42.41 -2.66 0.18
C LEU A 11 41.90 -1.81 -0.97
N ILE A 12 41.47 -0.59 -0.67
CA ILE A 12 41.00 0.30 -1.73
C ILE A 12 42.15 0.55 -2.68
N GLU A 13 43.35 0.72 -2.14
CA GLU A 13 44.53 0.96 -2.96
C GLU A 13 44.74 -0.22 -3.90
N ASP A 14 44.65 -1.42 -3.33
CA ASP A 14 44.84 -2.63 -4.13
C ASP A 14 43.81 -2.71 -5.24
N VAL A 15 42.56 -2.50 -4.89
CA VAL A 15 41.50 -2.55 -5.89
C VAL A 15 41.82 -1.59 -7.02
N ASN A 16 42.13 -0.34 -6.69
CA ASN A 16 42.44 0.63 -7.72
C ASN A 16 43.61 0.17 -8.59
N ALA A 17 44.62 -0.40 -7.94
CA ALA A 17 45.81 -0.91 -8.63
C ALA A 17 45.40 -1.97 -9.65
N SER A 18 44.59 -2.95 -9.21
CA SER A 18 44.13 -4.02 -10.10
C SER A 18 43.34 -3.42 -11.26
N PHE A 19 42.52 -2.43 -10.95
CA PHE A 19 41.69 -1.74 -11.92
C PHE A 19 42.56 -1.07 -12.98
N ARG A 20 43.49 -0.24 -12.50
CA ARG A 20 44.39 0.50 -13.36
C ARG A 20 45.25 -0.45 -14.23
N ALA A 21 45.67 -1.56 -13.64
CA ALA A 21 46.46 -2.54 -14.39
C ALA A 21 45.61 -3.15 -15.51
N ALA A 22 44.38 -3.56 -15.18
CA ALA A 22 43.52 -4.15 -16.19
C ALA A 22 43.32 -3.14 -17.33
N MET A 23 43.10 -1.87 -16.97
CA MET A 23 42.93 -0.85 -17.98
C MET A 23 44.13 -0.86 -18.92
N ALA A 24 45.31 -1.00 -18.34
CA ALA A 24 46.55 -1.02 -19.12
C ALA A 24 46.54 -2.11 -20.18
N THR A 25 45.96 -3.26 -19.84
CA THR A 25 45.87 -4.40 -20.75
C THR A 25 45.17 -4.01 -22.05
N THR A 26 44.38 -2.94 -21.96
CA THR A 26 43.59 -2.45 -23.08
C THR A 26 44.40 -1.60 -24.05
N ALA A 27 45.68 -1.45 -23.69
CA ALA A 27 46.67 -0.64 -24.41
C ALA A 27 46.65 -0.60 -25.94
N ASN A 28 46.83 -1.73 -26.61
CA ASN A 28 46.85 -1.68 -28.06
C ASN A 28 45.75 -2.47 -28.71
N VAL A 29 44.73 -2.81 -27.95
CA VAL A 29 43.66 -3.59 -28.52
C VAL A 29 42.68 -2.66 -29.22
N PRO A 30 42.18 -3.08 -30.39
CA PRO A 30 41.22 -2.23 -31.11
C PRO A 30 39.96 -2.00 -30.28
N PRO A 31 39.43 -0.77 -30.28
CA PRO A 31 38.24 -0.35 -29.55
C PRO A 31 37.13 -1.39 -29.33
N ALA A 32 36.67 -2.01 -30.41
CA ALA A 32 35.60 -3.00 -30.30
C ALA A 32 36.01 -4.13 -29.34
N ASP A 33 37.30 -4.34 -29.19
CA ASP A 33 37.78 -5.39 -28.31
C ASP A 33 38.20 -4.91 -26.92
N LYS A 34 38.27 -3.58 -26.72
CA LYS A 34 38.70 -3.04 -25.45
C LYS A 34 37.91 -3.45 -24.21
N TYR A 35 36.59 -3.35 -24.25
CA TYR A 35 35.81 -3.72 -23.10
C TYR A 35 36.02 -5.18 -22.73
N LYS A 36 35.93 -6.07 -23.74
CA LYS A 36 36.15 -7.51 -23.53
C LYS A 36 37.47 -7.75 -22.78
N THR A 37 38.54 -7.25 -23.39
CA THR A 37 39.90 -7.41 -22.88
C THR A 37 40.04 -6.95 -21.45
N PHE A 38 39.60 -5.72 -21.19
CA PHE A 38 39.67 -5.16 -19.85
C PHE A 38 38.94 -6.05 -18.85
N GLU A 39 37.69 -6.39 -19.20
CA GLU A 39 36.84 -7.21 -18.36
C GLU A 39 37.54 -8.51 -17.94
N ALA A 40 38.14 -9.19 -18.91
CA ALA A 40 38.83 -10.44 -18.63
C ALA A 40 39.95 -10.26 -17.63
N ALA A 41 40.81 -9.27 -17.88
CA ALA A 41 41.94 -9.00 -17.01
C ALA A 41 41.50 -8.62 -15.61
N PHE A 42 40.46 -7.78 -15.54
CA PHE A 42 39.96 -7.30 -14.25
C PHE A 42 39.27 -8.35 -13.41
N THR A 43 38.52 -9.25 -14.05
CA THR A 43 37.82 -10.30 -13.31
C THR A 43 38.77 -11.15 -12.49
N VAL A 44 39.95 -11.42 -13.05
CA VAL A 44 40.96 -12.21 -12.36
C VAL A 44 41.39 -11.51 -11.06
N SER A 45 42.09 -10.39 -11.21
CA SER A 45 42.58 -9.64 -10.06
C SER A 45 41.51 -9.24 -9.06
N SER A 46 40.28 -9.02 -9.51
CA SER A 46 39.20 -8.64 -8.60
C SER A 46 38.95 -9.67 -7.51
N LYS A 47 38.86 -10.93 -7.92
CA LYS A 47 38.61 -12.00 -6.97
C LYS A 47 39.63 -12.02 -5.84
N ARG A 48 40.90 -11.83 -6.16
CA ARG A 48 41.91 -11.83 -5.12
C ARG A 48 41.57 -10.72 -4.13
N ASN A 49 41.37 -9.52 -4.66
CA ASN A 49 41.03 -8.37 -3.84
C ASN A 49 39.83 -8.63 -2.96
N LEU A 50 38.77 -9.17 -3.56
CA LEU A 50 37.57 -9.45 -2.79
C LEU A 50 37.85 -10.45 -1.64
N ALA A 51 38.67 -11.46 -1.92
CA ALA A 51 39.02 -12.46 -0.92
C ALA A 51 39.80 -11.83 0.25
N ASP A 52 40.75 -10.95 -0.11
CA ASP A 52 41.54 -10.25 0.90
C ASP A 52 40.59 -9.46 1.79
N ALA A 53 39.59 -8.84 1.18
CA ALA A 53 38.62 -8.06 1.92
C ALA A 53 37.87 -8.95 2.89
N VAL A 54 37.41 -10.10 2.41
CA VAL A 54 36.65 -11.04 3.24
C VAL A 54 37.34 -11.41 4.54
N SER A 55 38.66 -11.44 4.55
CA SER A 55 39.35 -11.78 5.78
C SER A 55 39.99 -10.61 6.50
N LYS A 56 40.32 -9.53 5.80
CA LYS A 56 40.96 -8.38 6.45
C LYS A 56 39.98 -7.26 6.81
N ALA A 57 38.93 -7.09 6.00
CA ALA A 57 37.95 -6.03 6.25
C ALA A 57 36.59 -6.39 5.64
N PRO A 58 35.89 -7.34 6.26
CA PRO A 58 34.57 -7.77 5.78
C PRO A 58 33.55 -6.67 5.49
N GLN A 59 33.48 -5.64 6.33
CA GLN A 59 32.51 -4.56 6.11
C GLN A 59 32.69 -3.94 4.73
N LEU A 60 33.91 -4.00 4.21
CA LEU A 60 34.22 -3.42 2.91
C LEU A 60 33.71 -4.26 1.74
N VAL A 61 33.44 -5.54 1.98
CA VAL A 61 32.98 -6.41 0.92
C VAL A 61 31.71 -5.94 0.22
N PRO A 62 30.61 -5.74 0.97
CA PRO A 62 29.38 -5.29 0.30
C PRO A 62 29.56 -3.96 -0.42
N LYS A 63 30.42 -3.09 0.10
CA LYS A 63 30.65 -1.81 -0.55
C LYS A 63 31.32 -2.09 -1.88
N LEU A 64 32.35 -2.92 -1.84
CA LEU A 64 33.09 -3.30 -3.04
C LEU A 64 32.17 -3.90 -4.09
N ASP A 65 31.23 -4.75 -3.67
CA ASP A 65 30.31 -5.34 -4.64
C ASP A 65 29.50 -4.22 -5.32
N GLU A 66 29.18 -3.17 -4.58
CA GLU A 66 28.43 -2.04 -5.12
C GLU A 66 29.15 -1.30 -6.23
N VAL A 67 30.43 -1.01 -6.04
CA VAL A 67 31.15 -0.27 -7.08
C VAL A 67 31.37 -1.18 -8.27
N TYR A 68 31.47 -2.48 -8.02
CA TYR A 68 31.62 -3.43 -9.13
C TYR A 68 30.30 -3.43 -9.88
N ASN A 69 29.19 -3.57 -9.15
CA ASN A 69 27.85 -3.56 -9.77
C ASN A 69 27.54 -2.26 -10.49
N ALA A 70 27.99 -1.14 -9.94
CA ALA A 70 27.77 0.14 -10.58
C ALA A 70 28.38 0.11 -11.96
N ALA A 71 29.66 -0.28 -12.03
CA ALA A 71 30.38 -0.33 -13.31
C ALA A 71 29.91 -1.42 -14.28
N TYR A 72 29.63 -2.63 -13.77
CA TYR A 72 29.17 -3.66 -14.69
C TYR A 72 27.80 -3.32 -15.28
N ASN A 73 26.94 -2.72 -14.47
CA ASN A 73 25.62 -2.37 -14.94
C ASN A 73 25.60 -1.19 -15.89
N ALA A 74 26.46 -0.21 -15.67
CA ALA A 74 26.49 0.93 -16.55
C ALA A 74 26.88 0.45 -17.95
N ALA A 75 27.92 -0.37 -18.03
CA ALA A 75 28.39 -0.88 -19.32
C ALA A 75 27.39 -1.83 -19.95
N ASP A 76 26.72 -2.58 -19.10
CA ASP A 76 25.74 -3.56 -19.54
C ASP A 76 24.65 -2.93 -20.39
N HIS A 77 24.23 -1.72 -20.03
CA HIS A 77 23.18 -1.03 -20.76
C HIS A 77 23.69 -0.02 -21.78
N ALA A 78 25.01 0.03 -21.99
CA ALA A 78 25.59 0.96 -22.96
C ALA A 78 25.83 0.30 -24.32
N ALA A 79 25.87 1.12 -25.37
CA ALA A 79 26.11 0.61 -26.71
C ALA A 79 27.54 0.08 -26.71
N PRO A 80 27.81 -1.01 -27.45
CA PRO A 80 29.14 -1.63 -27.53
C PRO A 80 30.29 -0.64 -27.53
N GLU A 81 30.18 0.36 -28.38
CA GLU A 81 31.17 1.41 -28.54
C GLU A 81 31.44 2.20 -27.25
N ASP A 82 30.46 2.27 -26.36
CA ASP A 82 30.60 3.03 -25.11
C ASP A 82 30.85 2.21 -23.85
N LYS A 83 30.60 0.90 -23.92
CA LYS A 83 30.77 0.03 -22.76
C LYS A 83 32.04 0.27 -21.94
N TYR A 84 33.20 0.20 -22.57
CA TYR A 84 34.46 0.39 -21.83
C TYR A 84 34.49 1.71 -21.08
N GLU A 85 34.20 2.80 -21.77
CA GLU A 85 34.22 4.11 -21.15
C GLU A 85 33.18 4.19 -20.03
N ALA A 86 32.01 3.59 -20.27
CA ALA A 86 30.93 3.60 -19.27
C ALA A 86 31.38 2.94 -17.98
N PHE A 87 32.05 1.79 -18.12
CA PHE A 87 32.55 1.05 -16.97
C PHE A 87 33.60 1.86 -16.22
N VAL A 88 34.67 2.23 -16.90
CA VAL A 88 35.74 3.00 -16.28
C VAL A 88 35.24 4.24 -15.52
N LEU A 89 34.42 5.05 -16.20
CA LEU A 89 33.88 6.26 -15.60
C LEU A 89 33.13 5.96 -14.32
N HIS A 90 32.16 5.05 -14.38
CA HIS A 90 31.38 4.72 -13.19
C HIS A 90 32.17 4.02 -12.10
N PHE A 91 33.16 3.23 -12.48
CA PHE A 91 33.96 2.53 -11.49
C PHE A 91 34.81 3.50 -10.69
N SER A 92 35.55 4.34 -11.41
CA SER A 92 36.43 5.31 -10.77
C SER A 92 35.68 6.19 -9.79
N GLU A 93 34.51 6.67 -10.18
CA GLU A 93 33.73 7.54 -9.30
C GLU A 93 33.17 6.77 -8.11
N ALA A 94 32.55 5.64 -8.35
CA ALA A 94 31.98 4.84 -7.27
C ALA A 94 33.05 4.50 -6.24
N LEU A 95 34.25 4.19 -6.69
CA LEU A 95 35.32 3.85 -5.77
C LEU A 95 35.71 5.08 -4.94
N ARG A 96 35.77 6.25 -5.58
CA ARG A 96 36.11 7.47 -4.86
C ARG A 96 35.07 7.76 -3.79
N ILE A 97 33.81 7.51 -4.11
CA ILE A 97 32.75 7.73 -3.16
C ILE A 97 32.94 6.80 -1.96
N ILE A 98 33.14 5.53 -2.27
CA ILE A 98 33.33 4.54 -1.22
C ILE A 98 34.56 4.91 -0.36
N ALA A 99 35.55 5.53 -0.99
CA ALA A 99 36.77 5.91 -0.27
C ALA A 99 36.60 7.18 0.54
N GLY A 100 35.52 7.91 0.33
CA GLY A 100 35.32 9.15 1.05
C GLY A 100 36.09 10.29 0.40
N THR A 101 36.43 10.11 -0.86
CA THR A 101 37.17 11.14 -1.59
C THR A 101 36.17 12.22 -2.03
N PRO A 102 36.37 13.46 -1.57
CA PRO A 102 35.49 14.58 -1.90
C PRO A 102 35.34 14.94 -3.36
N GLU A 103 36.43 14.96 -4.12
CA GLU A 103 36.32 15.31 -5.53
C GLU A 103 36.10 14.01 -6.28
N VAL A 104 34.84 13.63 -6.53
CA VAL A 104 34.60 12.38 -7.23
C VAL A 104 34.60 12.50 -8.75
N HIS A 105 34.57 13.71 -9.29
CA HIS A 105 34.55 13.84 -10.74
C HIS A 105 35.89 13.97 -11.48
N ALA A 106 36.56 15.11 -11.43
CA ALA A 106 37.81 15.22 -12.19
C ALA A 106 38.73 16.43 -11.90
N VAL A 107 39.91 16.45 -12.53
CA VAL A 107 40.92 17.51 -12.36
C VAL A 107 42.26 17.08 -12.96
N ALA B 4 33.06 -22.17 11.76
CA ALA B 4 31.63 -22.08 12.04
C ALA B 4 30.81 -22.23 10.76
N THR B 5 30.76 -23.46 10.25
CA THR B 5 30.00 -23.77 9.04
C THR B 5 28.52 -23.70 9.42
N THR B 6 28.26 -23.70 10.72
CA THR B 6 26.90 -23.65 11.25
C THR B 6 26.33 -22.28 11.00
N GLU B 7 27.17 -21.27 11.23
CA GLU B 7 26.78 -19.89 11.04
C GLU B 7 26.31 -19.68 9.61
N GLU B 8 27.03 -20.25 8.66
CA GLU B 8 26.71 -20.11 7.25
C GLU B 8 25.33 -20.73 6.97
N GLN B 9 25.09 -21.93 7.48
CA GLN B 9 23.81 -22.61 7.29
C GLN B 9 22.67 -21.74 7.79
N LYS B 10 22.80 -21.30 9.04
CA LYS B 10 21.79 -20.46 9.66
C LYS B 10 21.50 -19.23 8.83
N LEU B 11 22.55 -18.57 8.34
CA LEU B 11 22.37 -17.39 7.52
C LEU B 11 21.60 -17.70 6.25
N ILE B 12 21.86 -18.87 5.65
CA ILE B 12 21.15 -19.24 4.44
C ILE B 12 19.68 -19.37 4.79
N GLU B 13 19.39 -19.93 5.97
CA GLU B 13 18.01 -20.08 6.40
C GLU B 13 17.35 -18.72 6.49
N ASP B 14 18.06 -17.77 7.09
CA ASP B 14 17.52 -16.43 7.25
C ASP B 14 17.24 -15.80 5.90
N VAL B 15 18.21 -15.89 5.01
CA VAL B 15 18.04 -15.32 3.68
C VAL B 15 16.79 -15.88 3.04
N ASN B 16 16.66 -17.20 3.05
CA ASN B 16 15.49 -17.82 2.46
C ASN B 16 14.20 -17.32 3.09
N ALA B 17 14.23 -17.17 4.42
CA ALA B 17 13.08 -16.68 5.17
C ALA B 17 12.69 -15.28 4.69
N SER B 18 13.68 -14.38 4.59
CA SER B 18 13.44 -13.02 4.12
C SER B 18 12.86 -13.05 2.71
N PHE B 19 13.42 -13.93 1.88
CA PHE B 19 13.01 -14.10 0.51
C PHE B 19 11.55 -14.53 0.43
N ARG B 20 11.24 -15.61 1.14
CA ARG B 20 9.90 -16.16 1.17
C ARG B 20 8.88 -15.16 1.73
N ALA B 21 9.31 -14.38 2.72
CA ALA B 21 8.43 -13.37 3.29
C ALA B 21 8.13 -12.28 2.27
N ALA B 22 9.16 -11.80 1.59
CA ALA B 22 8.96 -10.77 0.59
C ALA B 22 8.01 -11.29 -0.48
N MET B 23 8.19 -12.54 -0.89
CA MET B 23 7.30 -13.12 -1.90
C MET B 23 5.85 -13.02 -1.41
N ALA B 24 5.65 -13.28 -0.13
CA ALA B 24 4.32 -13.23 0.46
C ALA B 24 3.68 -11.85 0.29
N THR B 25 4.49 -10.81 0.37
CA THR B 25 4.02 -9.44 0.22
C THR B 25 3.32 -9.26 -1.12
N THR B 26 3.66 -10.13 -2.06
CA THR B 26 3.14 -10.08 -3.41
C THR B 26 1.76 -10.72 -3.55
N ALA B 27 1.28 -11.28 -2.44
CA ALA B 27 0.01 -12.01 -2.35
C ALA B 27 -1.24 -11.51 -3.05
N ASN B 28 -1.58 -10.24 -2.90
CA ASN B 28 -2.80 -9.77 -3.55
C ASN B 28 -2.59 -8.66 -4.56
N VAL B 29 -1.34 -8.36 -4.89
CA VAL B 29 -1.13 -7.28 -5.82
C VAL B 29 -1.21 -7.78 -7.27
N PRO B 30 -1.80 -6.97 -8.16
CA PRO B 30 -1.91 -7.39 -9.56
C PRO B 30 -0.52 -7.71 -10.11
N PRO B 31 -0.43 -8.66 -11.04
CA PRO B 31 0.85 -9.07 -11.65
C PRO B 31 1.82 -7.96 -12.10
N ALA B 32 1.34 -6.97 -12.83
CA ALA B 32 2.21 -5.87 -13.28
C ALA B 32 2.94 -5.21 -12.11
N ASP B 33 2.41 -5.36 -10.90
CA ASP B 33 3.00 -4.76 -9.72
C ASP B 33 3.81 -5.74 -8.87
N LYS B 34 3.53 -7.03 -9.00
CA LYS B 34 4.20 -8.04 -8.19
C LYS B 34 5.71 -7.85 -8.10
N TYR B 35 6.39 -7.76 -9.24
CA TYR B 35 7.84 -7.63 -9.19
C TYR B 35 8.32 -6.47 -8.34
N LYS B 36 7.85 -5.25 -8.61
CA LYS B 36 8.31 -4.11 -7.81
C LYS B 36 7.88 -4.18 -6.35
N THR B 37 6.70 -4.70 -6.07
CA THR B 37 6.26 -4.86 -4.70
C THR B 37 7.25 -5.80 -4.00
N PHE B 38 7.51 -6.95 -4.61
CA PHE B 38 8.43 -7.93 -4.07
C PHE B 38 9.82 -7.31 -3.85
N GLU B 39 10.30 -6.67 -4.90
CA GLU B 39 11.61 -6.04 -4.89
C GLU B 39 11.75 -5.10 -3.69
N ALA B 40 10.75 -4.27 -3.47
CA ALA B 40 10.79 -3.31 -2.37
C ALA B 40 10.89 -4.00 -1.02
N ALA B 41 10.04 -4.99 -0.81
CA ALA B 41 10.02 -5.72 0.46
C ALA B 41 11.33 -6.45 0.67
N PHE B 42 11.84 -7.08 -0.37
CA PHE B 42 13.07 -7.86 -0.28
C PHE B 42 14.33 -7.04 -0.05
N THR B 43 14.41 -5.86 -0.66
CA THR B 43 15.58 -5.01 -0.51
C THR B 43 15.83 -4.65 0.94
N VAL B 44 14.75 -4.43 1.69
CA VAL B 44 14.86 -4.10 3.10
C VAL B 44 15.51 -5.26 3.85
N SER B 45 14.79 -6.37 3.98
CA SER B 45 15.30 -7.53 4.70
C SER B 45 16.65 -8.05 4.23
N SER B 46 16.98 -7.87 2.95
CA SER B 46 18.25 -8.34 2.44
C SER B 46 19.43 -7.70 3.13
N LYS B 47 19.38 -6.38 3.28
CA LYS B 47 20.46 -5.65 3.92
C LYS B 47 20.78 -6.19 5.30
N ARG B 48 19.76 -6.48 6.10
CA ARG B 48 19.99 -7.00 7.43
C ARG B 48 20.78 -8.29 7.29
N ASN B 49 20.27 -9.19 6.45
CA ASN B 49 20.92 -10.49 6.23
C ASN B 49 22.37 -10.32 5.80
N LEU B 50 22.60 -9.43 4.84
CA LEU B 50 23.97 -9.21 4.38
C LEU B 50 24.88 -8.71 5.51
N ALA B 51 24.35 -7.83 6.36
CA ALA B 51 25.12 -7.30 7.48
C ALA B 51 25.47 -8.41 8.46
N ASP B 52 24.50 -9.28 8.74
CA ASP B 52 24.72 -10.38 9.66
C ASP B 52 25.84 -11.24 9.10
N ALA B 53 25.83 -11.45 7.79
CA ALA B 53 26.86 -12.25 7.14
C ALA B 53 28.21 -11.61 7.34
N VAL B 54 28.30 -10.30 7.10
CA VAL B 54 29.57 -9.58 7.23
C VAL B 54 30.26 -9.80 8.56
N SER B 55 29.49 -9.99 9.62
CA SER B 55 30.13 -10.19 10.91
C SER B 55 30.13 -11.63 11.42
N LYS B 56 29.20 -12.46 10.95
CA LYS B 56 29.15 -13.84 11.41
C LYS B 56 29.81 -14.82 10.44
N ALA B 57 29.75 -14.53 9.14
CA ALA B 57 30.34 -15.42 8.14
C ALA B 57 30.71 -14.66 6.88
N PRO B 58 31.77 -13.87 6.94
CA PRO B 58 32.23 -13.08 5.79
C PRO B 58 32.41 -13.83 4.47
N GLN B 59 32.93 -15.05 4.50
CA GLN B 59 33.14 -15.80 3.27
C GLN B 59 31.83 -15.97 2.50
N LEU B 60 30.72 -15.94 3.23
CA LEU B 60 29.41 -16.10 2.62
C LEU B 60 28.92 -14.85 1.89
N VAL B 61 29.48 -13.69 2.22
CA VAL B 61 29.05 -12.46 1.60
C VAL B 61 29.16 -12.44 0.08
N PRO B 62 30.35 -12.68 -0.47
CA PRO B 62 30.46 -12.67 -1.93
C PRO B 62 29.55 -13.70 -2.59
N LYS B 63 29.32 -14.82 -1.93
CA LYS B 63 28.45 -15.84 -2.52
C LYS B 63 27.05 -15.25 -2.58
N LEU B 64 26.62 -14.68 -1.45
CA LEU B 64 25.31 -14.06 -1.36
C LEU B 64 25.12 -12.97 -2.42
N ASP B 65 26.11 -12.11 -2.63
CA ASP B 65 25.96 -11.08 -3.64
C ASP B 65 25.75 -11.73 -5.00
N GLU B 66 26.31 -12.92 -5.17
CA GLU B 66 26.19 -13.64 -6.43
C GLU B 66 24.80 -14.17 -6.71
N VAL B 67 24.11 -14.66 -5.68
CA VAL B 67 22.76 -15.17 -5.92
C VAL B 67 21.81 -14.00 -6.08
N TYR B 68 22.11 -12.89 -5.40
CA TYR B 68 21.28 -11.71 -5.54
C TYR B 68 21.45 -11.20 -6.97
N ASN B 69 22.69 -11.10 -7.43
CA ASN B 69 22.99 -10.65 -8.79
C ASN B 69 22.32 -11.57 -9.81
N ALA B 70 22.43 -12.88 -9.58
CA ALA B 70 21.84 -13.85 -10.50
C ALA B 70 20.39 -13.45 -10.74
N ALA B 71 19.62 -13.36 -9.65
CA ALA B 71 18.20 -13.01 -9.72
C ALA B 71 17.89 -11.60 -10.28
N TYR B 72 18.56 -10.58 -9.74
CA TYR B 72 18.31 -9.23 -10.24
C TYR B 72 18.61 -9.14 -11.73
N ASN B 73 19.71 -9.74 -12.19
CA ASN B 73 20.06 -9.70 -13.60
C ASN B 73 19.12 -10.48 -14.50
N ALA B 74 18.63 -11.61 -14.02
CA ALA B 74 17.71 -12.38 -14.83
C ALA B 74 16.44 -11.54 -15.07
N ALA B 75 15.92 -10.94 -14.02
CA ALA B 75 14.71 -10.13 -14.14
C ALA B 75 14.97 -8.85 -14.95
N ASP B 76 16.17 -8.32 -14.79
CA ASP B 76 16.55 -7.09 -15.46
C ASP B 76 16.41 -7.21 -16.98
N HIS B 77 16.72 -8.37 -17.51
CA HIS B 77 16.64 -8.59 -18.95
C HIS B 77 15.34 -9.28 -19.40
N ALA B 78 14.40 -9.47 -18.50
CA ALA B 78 13.13 -10.12 -18.83
C ALA B 78 12.05 -9.10 -19.13
N ALA B 79 11.05 -9.52 -19.90
CA ALA B 79 9.93 -8.64 -20.21
C ALA B 79 9.20 -8.40 -18.90
N PRO B 80 8.64 -7.20 -18.70
CA PRO B 80 7.91 -6.83 -17.48
C PRO B 80 7.06 -7.96 -16.90
N GLU B 81 6.28 -8.58 -17.76
CA GLU B 81 5.39 -9.67 -17.40
C GLU B 81 6.11 -10.87 -16.80
N ASP B 82 7.38 -11.06 -17.14
CA ASP B 82 8.16 -12.20 -16.64
C ASP B 82 9.16 -11.90 -15.53
N LYS B 83 9.47 -10.63 -15.32
CA LYS B 83 10.44 -10.24 -14.30
C LYS B 83 10.31 -10.94 -12.96
N TYR B 84 9.14 -10.88 -12.34
CA TYR B 84 8.96 -11.52 -11.03
C TYR B 84 9.31 -13.00 -11.05
N GLU B 85 8.73 -13.73 -11.99
CA GLU B 85 9.00 -15.15 -12.09
C GLU B 85 10.47 -15.41 -12.39
N ALA B 86 11.09 -14.59 -13.23
CA ALA B 86 12.50 -14.74 -13.58
C ALA B 86 13.37 -14.62 -12.34
N PHE B 87 13.06 -13.65 -11.50
CA PHE B 87 13.82 -13.42 -10.28
C PHE B 87 13.67 -14.59 -9.32
N VAL B 88 12.44 -14.91 -8.97
CA VAL B 88 12.18 -16.01 -8.05
C VAL B 88 12.85 -17.33 -8.48
N LEU B 89 12.65 -17.70 -9.74
CA LEU B 89 13.22 -18.92 -10.25
C LEU B 89 14.73 -18.94 -10.09
N HIS B 90 15.40 -17.89 -10.57
CA HIS B 90 16.85 -17.86 -10.48
C HIS B 90 17.39 -17.70 -9.07
N PHE B 91 16.66 -17.01 -8.22
CA PHE B 91 17.11 -16.83 -6.85
C PHE B 91 17.05 -18.16 -6.12
N SER B 92 15.91 -18.80 -6.28
CA SER B 92 15.61 -20.07 -5.65
C SER B 92 16.69 -21.08 -5.93
N GLU B 93 17.04 -21.21 -7.20
CA GLU B 93 18.05 -22.16 -7.63
C GLU B 93 19.45 -21.73 -7.22
N ALA B 94 19.79 -20.48 -7.46
CA ALA B 94 21.13 -20.00 -7.10
C ALA B 94 21.39 -20.21 -5.63
N LEU B 95 20.38 -19.99 -4.80
CA LEU B 95 20.57 -20.17 -3.37
C LEU B 95 20.80 -21.66 -3.05
N ARG B 96 20.05 -22.54 -3.72
CA ARG B 96 20.22 -23.97 -3.48
C ARG B 96 21.62 -24.40 -3.86
N ILE B 97 22.13 -23.84 -4.95
CA ILE B 97 23.47 -24.16 -5.37
C ILE B 97 24.47 -23.73 -4.32
N ILE B 98 24.34 -22.49 -3.87
CA ILE B 98 25.24 -21.96 -2.86
C ILE B 98 25.13 -22.79 -1.59
N ALA B 99 23.95 -23.32 -1.31
CA ALA B 99 23.75 -24.13 -0.11
C ALA B 99 24.28 -25.56 -0.25
N GLY B 100 24.60 -25.98 -1.47
CA GLY B 100 25.09 -27.33 -1.65
C GLY B 100 23.94 -28.31 -1.75
N THR B 101 22.75 -27.80 -2.06
CA THR B 101 21.57 -28.63 -2.20
C THR B 101 21.63 -29.31 -3.56
N PRO B 102 21.66 -30.65 -3.60
CA PRO B 102 21.72 -31.43 -4.84
C PRO B 102 20.58 -31.25 -5.83
N GLU B 103 19.34 -31.22 -5.35
CA GLU B 103 18.21 -31.05 -6.27
C GLU B 103 17.96 -29.56 -6.38
N VAL B 104 18.56 -28.91 -7.39
CA VAL B 104 18.35 -27.47 -7.51
C VAL B 104 17.13 -27.09 -8.31
N HIS B 105 16.51 -28.03 -9.01
CA HIS B 105 15.34 -27.67 -9.81
C HIS B 105 13.95 -27.77 -9.17
N ALA B 106 13.41 -28.97 -9.00
CA ALA B 106 12.05 -29.06 -8.43
C ALA B 106 11.53 -30.45 -8.02
N VAL B 107 10.25 -30.52 -7.68
CA VAL B 107 9.63 -31.78 -7.26
C VAL B 107 8.10 -31.75 -7.44
N ALA C 4 -42.74 12.12 28.04
CA ALA C 4 -42.75 13.48 27.48
C ALA C 4 -41.53 14.28 27.97
N THR C 5 -41.54 14.61 29.24
CA THR C 5 -40.47 15.36 29.88
C THR C 5 -39.76 14.39 30.84
N THR C 6 -40.38 13.25 31.07
CA THR C 6 -39.85 12.23 31.95
C THR C 6 -38.67 11.58 31.26
N GLU C 7 -38.84 11.32 29.97
CA GLU C 7 -37.82 10.69 29.17
C GLU C 7 -36.54 11.50 29.21
N GLU C 8 -36.69 12.82 29.12
CA GLU C 8 -35.56 13.72 29.15
C GLU C 8 -34.82 13.63 30.49
N GLN C 9 -35.57 13.64 31.58
CA GLN C 9 -34.99 13.53 32.92
C GLN C 9 -34.19 12.25 33.03
N LYS C 10 -34.83 11.13 32.68
CA LYS C 10 -34.17 9.83 32.76
C LYS C 10 -32.87 9.82 31.96
N LEU C 11 -32.90 10.38 30.75
CA LEU C 11 -31.70 10.42 29.92
C LEU C 11 -30.60 11.22 30.56
N ILE C 12 -30.95 12.30 31.25
CA ILE C 12 -29.93 13.11 31.93
C ILE C 12 -29.29 12.24 33.00
N GLU C 13 -30.11 11.44 33.69
CA GLU C 13 -29.61 10.56 34.74
C GLU C 13 -28.59 9.61 34.14
N ASP C 14 -28.96 9.01 33.01
CA ASP C 14 -28.07 8.07 32.34
C ASP C 14 -26.76 8.70 31.96
N VAL C 15 -26.84 9.88 31.34
CA VAL C 15 -25.64 10.60 30.94
C VAL C 15 -24.75 10.80 32.15
N ASN C 16 -25.31 11.33 33.23
CA ASN C 16 -24.52 11.56 34.42
C ASN C 16 -23.87 10.27 34.91
N ALA C 17 -24.64 9.18 34.87
CA ALA C 17 -24.16 7.86 35.30
C ALA C 17 -22.93 7.45 34.48
N SER C 18 -23.04 7.57 33.16
CA SER C 18 -21.96 7.23 32.25
C SER C 18 -20.75 8.10 32.57
N PHE C 19 -21.02 9.39 32.80
CA PHE C 19 -19.98 10.36 33.11
C PHE C 19 -19.24 9.97 34.38
N ARG C 20 -20.01 9.76 35.45
CA ARG C 20 -19.46 9.41 36.74
C ARG C 20 -18.68 8.09 36.67
N ALA C 21 -19.18 7.15 35.89
CA ALA C 21 -18.50 5.86 35.75
C ALA C 21 -17.15 6.06 35.05
N ALA C 22 -17.13 6.81 33.97
CA ALA C 22 -15.89 7.04 33.26
C ALA C 22 -14.90 7.70 34.22
N MET C 23 -15.37 8.68 35.00
CA MET C 23 -14.49 9.35 35.95
C MET C 23 -13.83 8.31 36.84
N ALA C 24 -14.62 7.33 37.27
CA ALA C 24 -14.12 6.27 38.14
C ALA C 24 -12.96 5.51 37.50
N THR C 25 -13.01 5.33 36.19
CA THR C 25 -11.97 4.63 35.46
C THR C 25 -10.61 5.29 35.71
N THR C 26 -10.68 6.55 36.09
CA THR C 26 -9.50 7.37 36.32
C THR C 26 -8.86 7.20 37.69
N ALA C 27 -9.53 6.46 38.56
CA ALA C 27 -9.08 6.23 39.94
C ALA C 27 -7.59 5.98 40.19
N ASN C 28 -7.11 4.84 39.72
CA ASN C 28 -5.72 4.48 39.94
C ASN C 28 -4.71 5.11 39.01
N VAL C 29 -5.07 5.34 37.76
CA VAL C 29 -4.15 5.94 36.81
C VAL C 29 -3.52 7.19 37.41
N PRO C 30 -2.27 7.49 37.01
CA PRO C 30 -1.56 8.67 37.52
C PRO C 30 -2.06 9.93 36.78
N PRO C 31 -1.92 11.10 37.43
CA PRO C 31 -2.34 12.40 36.91
C PRO C 31 -1.91 12.82 35.50
N ALA C 32 -1.20 11.96 34.79
CA ALA C 32 -0.79 12.33 33.45
C ALA C 32 -1.62 11.58 32.44
N ASP C 33 -2.33 10.56 32.90
CA ASP C 33 -3.15 9.75 32.01
C ASP C 33 -4.63 9.85 32.29
N LYS C 34 -5.00 10.36 33.46
CA LYS C 34 -6.40 10.47 33.82
C LYS C 34 -7.30 10.96 32.67
N TYR C 35 -6.93 12.05 32.00
CA TYR C 35 -7.78 12.54 30.92
C TYR C 35 -7.95 11.53 29.78
N LYS C 36 -6.86 11.01 29.23
CA LYS C 36 -6.95 10.03 28.14
C LYS C 36 -7.79 8.83 28.56
N THR C 37 -7.51 8.31 29.74
CA THR C 37 -8.24 7.17 30.27
C THR C 37 -9.73 7.48 30.37
N PHE C 38 -10.04 8.60 31.02
CA PHE C 38 -11.42 9.01 31.19
C PHE C 38 -12.11 9.19 29.85
N GLU C 39 -11.44 9.93 28.97
CA GLU C 39 -11.94 10.21 27.65
C GLU C 39 -12.33 8.94 26.91
N ALA C 40 -11.43 7.96 26.93
CA ALA C 40 -11.68 6.68 26.26
C ALA C 40 -12.93 5.98 26.80
N ALA C 41 -13.02 5.85 28.12
CA ALA C 41 -14.15 5.19 28.76
C ALA C 41 -15.46 5.93 28.48
N PHE C 42 -15.41 7.25 28.53
CA PHE C 42 -16.60 8.06 28.33
C PHE C 42 -17.11 8.07 26.91
N THR C 43 -16.20 8.05 25.94
CA THR C 43 -16.61 8.08 24.54
C THR C 43 -17.49 6.89 24.19
N VAL C 44 -17.18 5.76 24.78
CA VAL C 44 -17.97 4.57 24.54
C VAL C 44 -19.40 4.76 25.02
N SER C 45 -19.57 4.86 26.33
CA SER C 45 -20.90 5.02 26.92
C SER C 45 -21.71 6.21 26.39
N SER C 46 -21.02 7.27 25.97
CA SER C 46 -21.72 8.45 25.47
C SER C 46 -22.58 8.14 24.27
N LYS C 47 -21.99 7.43 23.31
CA LYS C 47 -22.71 7.09 22.09
C LYS C 47 -24.02 6.39 22.35
N ARG C 48 -24.02 5.45 23.29
CA ARG C 48 -25.26 4.75 23.62
C ARG C 48 -26.29 5.78 24.08
N ASN C 49 -25.90 6.61 25.04
CA ASN C 49 -26.77 7.64 25.58
C ASN C 49 -27.31 8.53 24.49
N LEU C 50 -26.44 8.98 23.60
CA LEU C 50 -26.86 9.87 22.53
C LEU C 50 -27.88 9.19 21.63
N ALA C 51 -27.67 7.91 21.35
CA ALA C 51 -28.59 7.14 20.50
C ALA C 51 -29.95 7.01 21.18
N ASP C 52 -29.95 6.73 22.48
CA ASP C 52 -31.20 6.61 23.22
C ASP C 52 -31.96 7.93 23.12
N ALA C 53 -31.23 9.04 23.18
CA ALA C 53 -31.83 10.35 23.10
C ALA C 53 -32.47 10.54 21.74
N VAL C 54 -31.75 10.17 20.68
CA VAL C 54 -32.26 10.33 19.32
C VAL C 54 -33.62 9.70 19.11
N SER C 55 -33.90 8.60 19.80
CA SER C 55 -35.20 7.96 19.63
C SER C 55 -36.22 8.21 20.74
N LYS C 56 -35.75 8.51 21.96
CA LYS C 56 -36.68 8.76 23.07
C LYS C 56 -36.97 10.25 23.31
N ALA C 57 -35.99 11.11 23.07
CA ALA C 57 -36.16 12.54 23.30
C ALA C 57 -35.21 13.35 22.43
N PRO C 58 -35.52 13.43 21.11
CA PRO C 58 -34.71 14.18 20.15
C PRO C 58 -34.35 15.62 20.53
N GLN C 59 -35.28 16.36 21.11
CA GLN C 59 -34.99 17.74 21.49
C GLN C 59 -33.80 17.83 22.42
N LEU C 60 -33.55 16.77 23.16
CA LEU C 60 -32.43 16.73 24.10
C LEU C 60 -31.08 16.52 23.42
N VAL C 61 -31.08 16.01 22.20
CA VAL C 61 -29.83 15.76 21.51
C VAL C 61 -28.93 16.98 21.35
N PRO C 62 -29.44 18.05 20.71
CA PRO C 62 -28.60 19.23 20.55
C PRO C 62 -28.11 19.81 21.89
N LYS C 63 -28.93 19.68 22.94
CA LYS C 63 -28.53 20.19 24.24
C LYS C 63 -27.36 19.35 24.72
N LEU C 64 -27.51 18.03 24.64
CA LEU C 64 -26.46 17.10 25.03
C LEU C 64 -25.18 17.41 24.24
N ASP C 65 -25.34 17.80 22.99
CA ASP C 65 -24.19 18.12 22.19
C ASP C 65 -23.51 19.35 22.77
N GLU C 66 -24.30 20.30 23.26
CA GLU C 66 -23.76 21.53 23.84
C GLU C 66 -22.96 21.28 25.11
N VAL C 67 -23.48 20.44 26.01
CA VAL C 67 -22.74 20.17 27.23
C VAL C 67 -21.48 19.37 26.91
N TYR C 68 -21.57 18.42 25.99
CA TYR C 68 -20.38 17.67 25.62
C TYR C 68 -19.35 18.67 25.08
N ASN C 69 -19.74 19.49 24.13
CA ASN C 69 -18.82 20.47 23.57
C ASN C 69 -18.20 21.36 24.62
N ALA C 70 -19.01 21.86 25.54
CA ALA C 70 -18.53 22.72 26.59
C ALA C 70 -17.32 22.08 27.24
N ALA C 71 -17.50 20.83 27.68
CA ALA C 71 -16.44 20.07 28.35
C ALA C 71 -15.23 19.79 27.46
N TYR C 72 -15.46 19.29 26.26
CA TYR C 72 -14.36 18.99 25.35
C TYR C 72 -13.59 20.22 24.97
N ASN C 73 -14.31 21.29 24.66
CA ASN C 73 -13.64 22.51 24.29
C ASN C 73 -12.87 23.11 25.44
N ALA C 74 -13.41 23.01 26.64
CA ALA C 74 -12.71 23.58 27.79
C ALA C 74 -11.36 22.88 27.95
N ALA C 75 -11.38 21.55 27.90
CA ALA C 75 -10.16 20.76 28.06
C ALA C 75 -9.21 20.93 26.88
N ASP C 76 -9.80 21.10 25.69
CA ASP C 76 -9.03 21.28 24.47
C ASP C 76 -8.07 22.45 24.55
N HIS C 77 -8.50 23.53 25.19
CA HIS C 77 -7.68 24.73 25.33
C HIS C 77 -6.92 24.80 26.66
N ALA C 78 -6.99 23.77 27.47
CA ALA C 78 -6.29 23.77 28.76
C ALA C 78 -4.94 23.08 28.66
N ALA C 79 -4.03 23.43 29.58
CA ALA C 79 -2.72 22.81 29.62
C ALA C 79 -2.95 21.36 30.01
N PRO C 80 -2.14 20.43 29.46
CA PRO C 80 -2.25 19.00 29.73
C PRO C 80 -2.63 18.66 31.18
N GLU C 81 -1.91 19.28 32.10
CA GLU C 81 -2.11 19.08 33.52
C GLU C 81 -3.51 19.44 34.01
N ASP C 82 -4.19 20.35 33.30
CA ASP C 82 -5.54 20.81 33.70
C ASP C 82 -6.70 20.22 32.90
N LYS C 83 -6.39 19.63 31.76
CA LYS C 83 -7.43 19.08 30.90
C LYS C 83 -8.52 18.29 31.61
N TYR C 84 -8.14 17.26 32.35
CA TYR C 84 -9.13 16.43 33.04
C TYR C 84 -10.05 17.24 33.93
N GLU C 85 -9.46 18.04 34.80
CA GLU C 85 -10.26 18.87 35.70
C GLU C 85 -11.13 19.86 34.93
N ALA C 86 -10.60 20.43 33.86
CA ALA C 86 -11.35 21.38 33.04
C ALA C 86 -12.58 20.73 32.46
N PHE C 87 -12.43 19.50 31.97
CA PHE C 87 -13.54 18.76 31.38
C PHE C 87 -14.60 18.45 32.43
N VAL C 88 -14.20 17.77 33.49
CA VAL C 88 -15.14 17.42 34.55
C VAL C 88 -15.93 18.62 35.09
N LEU C 89 -15.22 19.69 35.44
CA LEU C 89 -15.86 20.88 35.95
C LEU C 89 -16.91 21.41 35.00
N HIS C 90 -16.53 21.64 33.75
CA HIS C 90 -17.48 22.17 32.78
C HIS C 90 -18.60 21.22 32.39
N PHE C 91 -18.32 19.94 32.42
CA PHE C 91 -19.36 18.98 32.07
C PHE C 91 -20.44 18.92 33.15
N SER C 92 -20.03 18.69 34.40
CA SER C 92 -21.00 18.59 35.47
C SER C 92 -21.89 19.82 35.52
N GLU C 93 -21.29 21.01 35.40
CA GLU C 93 -22.10 22.22 35.45
C GLU C 93 -23.03 22.35 34.25
N ALA C 94 -22.50 22.14 33.04
CA ALA C 94 -23.33 22.25 31.84
C ALA C 94 -24.51 21.31 31.92
N LEU C 95 -24.28 20.11 32.43
CA LEU C 95 -25.35 19.13 32.53
C LEU C 95 -26.39 19.63 33.53
N ARG C 96 -25.95 20.19 34.65
CA ARG C 96 -26.87 20.70 35.65
C ARG C 96 -27.74 21.81 35.05
N ILE C 97 -27.12 22.65 34.24
CA ILE C 97 -27.85 23.73 33.61
C ILE C 97 -28.91 23.15 32.71
N ILE C 98 -28.50 22.22 31.83
CA ILE C 98 -29.43 21.60 30.91
C ILE C 98 -30.56 20.93 31.68
N ALA C 99 -30.26 20.40 32.86
CA ALA C 99 -31.25 19.71 33.68
C ALA C 99 -32.19 20.65 34.43
N GLY C 100 -31.85 21.94 34.48
CA GLY C 100 -32.67 22.88 35.20
C GLY C 100 -32.37 22.85 36.68
N THR C 101 -31.19 22.35 37.02
CA THR C 101 -30.77 22.29 38.42
C THR C 101 -30.28 23.67 38.84
N PRO C 102 -30.94 24.28 39.83
CA PRO C 102 -30.58 25.62 40.32
C PRO C 102 -29.17 25.80 40.89
N GLU C 103 -28.67 24.84 41.66
CA GLU C 103 -27.32 24.99 42.21
C GLU C 103 -26.37 24.35 41.22
N VAL C 104 -25.82 25.12 40.29
CA VAL C 104 -24.92 24.50 39.33
C VAL C 104 -23.47 24.43 39.78
N HIS C 105 -23.12 25.11 40.87
CA HIS C 105 -21.73 25.06 41.29
C HIS C 105 -21.30 23.99 42.29
N ALA C 106 -21.65 24.12 43.56
CA ALA C 106 -21.20 23.11 44.53
C ALA C 106 -21.80 23.11 45.94
N VAL C 107 -21.28 22.26 46.82
CA VAL C 107 -21.76 22.14 48.19
C VAL C 107 -20.84 22.87 49.16
N ALA D 4 -40.06 9.25 4.32
CA ALA D 4 -39.29 9.21 5.57
C ALA D 4 -37.84 9.69 5.34
N THR D 5 -37.21 9.10 4.33
CA THR D 5 -35.83 9.41 3.94
C THR D 5 -35.85 10.68 3.11
N THR D 6 -37.06 11.08 2.71
CA THR D 6 -37.27 12.27 1.90
C THR D 6 -37.04 13.49 2.76
N GLU D 7 -37.55 13.40 3.97
CA GLU D 7 -37.42 14.48 4.93
C GLU D 7 -35.96 14.80 5.16
N GLU D 8 -35.14 13.76 5.29
CA GLU D 8 -33.72 13.92 5.51
C GLU D 8 -33.07 14.65 4.33
N GLN D 9 -33.38 14.21 3.12
CA GLN D 9 -32.84 14.84 1.93
C GLN D 9 -33.17 16.33 1.93
N LYS D 10 -34.44 16.64 2.09
CA LYS D 10 -34.89 18.02 2.09
C LYS D 10 -34.15 18.86 3.12
N LEU D 11 -33.98 18.32 4.32
CA LEU D 11 -33.28 19.04 5.35
C LEU D 11 -31.83 19.31 4.95
N ILE D 12 -31.19 18.36 4.28
CA ILE D 12 -29.82 18.56 3.86
C ILE D 12 -29.82 19.74 2.89
N GLU D 13 -30.81 19.81 2.02
CA GLU D 13 -30.90 20.90 1.06
C GLU D 13 -30.98 22.21 1.79
N ASP D 14 -31.84 22.27 2.80
CA ASP D 14 -32.02 23.48 3.58
C ASP D 14 -30.73 23.90 4.22
N VAL D 15 -30.05 22.94 4.87
CA VAL D 15 -28.79 23.23 5.52
C VAL D 15 -27.82 23.84 4.53
N ASN D 16 -27.67 23.19 3.39
CA ASN D 16 -26.75 23.71 2.40
C ASN D 16 -27.15 25.12 1.99
N ALA D 17 -28.45 25.34 1.84
CA ALA D 17 -28.96 26.65 1.44
C ALA D 17 -28.54 27.71 2.47
N SER D 18 -28.76 27.41 3.75
CA SER D 18 -28.40 28.31 4.84
C SER D 18 -26.90 28.59 4.81
N PHE D 19 -26.14 27.53 4.59
CA PHE D 19 -24.69 27.60 4.51
C PHE D 19 -24.24 28.54 3.39
N ARG D 20 -24.73 28.25 2.18
CA ARG D 20 -24.39 29.03 1.01
C ARG D 20 -24.80 30.50 1.18
N ALA D 21 -25.95 30.73 1.80
CA ALA D 21 -26.41 32.10 2.02
C ALA D 21 -25.48 32.83 2.98
N ALA D 22 -25.11 32.18 4.08
CA ALA D 22 -24.21 32.81 5.04
C ALA D 22 -22.90 33.13 4.32
N MET D 23 -22.40 32.20 3.50
CA MET D 23 -21.17 32.46 2.77
C MET D 23 -21.31 33.76 1.99
N ALA D 24 -22.48 33.94 1.36
CA ALA D 24 -22.75 35.13 0.57
C ALA D 24 -22.59 36.42 1.37
N THR D 25 -22.97 36.36 2.65
CA THR D 25 -22.85 37.51 3.54
C THR D 25 -21.41 38.02 3.60
N THR D 26 -20.49 37.12 3.28
CA THR D 26 -19.08 37.40 3.33
C THR D 26 -18.55 38.16 2.12
N ALA D 27 -19.45 38.39 1.18
CA ALA D 27 -19.13 39.06 -0.09
C ALA D 27 -18.21 40.27 -0.07
N ASN D 28 -18.55 41.28 0.72
CA ASN D 28 -17.73 42.48 0.72
C ASN D 28 -16.85 42.72 1.93
N VAL D 29 -17.06 41.96 3.00
CA VAL D 29 -16.24 42.16 4.19
C VAL D 29 -14.78 41.82 3.89
N PRO D 30 -13.85 42.58 4.50
CA PRO D 30 -12.40 42.39 4.34
C PRO D 30 -11.99 41.05 4.89
N PRO D 31 -11.11 40.35 4.19
CA PRO D 31 -10.65 39.03 4.63
C PRO D 31 -10.57 38.78 6.15
N ALA D 32 -10.10 39.76 6.91
CA ALA D 32 -9.98 39.57 8.36
C ALA D 32 -11.28 39.37 9.15
N ASP D 33 -12.40 39.79 8.57
CA ASP D 33 -13.69 39.68 9.25
C ASP D 33 -14.63 38.69 8.56
N LYS D 34 -14.18 38.11 7.46
CA LYS D 34 -15.02 37.18 6.73
C LYS D 34 -15.54 36.06 7.61
N TYR D 35 -14.65 35.44 8.37
CA TYR D 35 -15.07 34.32 9.21
C TYR D 35 -16.15 34.66 10.22
N LYS D 36 -15.91 35.65 11.07
CA LYS D 36 -16.91 36.01 12.07
C LYS D 36 -18.20 36.52 11.44
N THR D 37 -18.11 37.23 10.31
CA THR D 37 -19.31 37.70 9.61
C THR D 37 -20.11 36.46 9.21
N PHE D 38 -19.43 35.52 8.56
CA PHE D 38 -20.06 34.28 8.12
C PHE D 38 -20.64 33.53 9.32
N GLU D 39 -19.81 33.40 10.35
CA GLU D 39 -20.19 32.70 11.56
C GLU D 39 -21.49 33.25 12.15
N ALA D 40 -21.57 34.57 12.23
CA ALA D 40 -22.77 35.21 12.78
C ALA D 40 -24.01 34.89 11.95
N ALA D 41 -23.91 35.06 10.63
CA ALA D 41 -25.04 34.80 9.75
C ALA D 41 -25.47 33.35 9.80
N PHE D 42 -24.50 32.45 9.82
CA PHE D 42 -24.78 31.02 9.81
C PHE D 42 -25.38 30.49 11.09
N THR D 43 -24.95 31.02 12.23
CA THR D 43 -25.47 30.57 13.53
C THR D 43 -26.98 30.75 13.61
N VAL D 44 -27.46 31.84 13.04
CA VAL D 44 -28.89 32.12 13.04
C VAL D 44 -29.64 31.01 12.29
N SER D 45 -29.46 30.97 10.98
CA SER D 45 -30.14 29.99 10.14
C SER D 45 -29.93 28.53 10.55
N SER D 46 -28.79 28.22 11.16
CA SER D 46 -28.53 26.86 11.57
C SER D 46 -29.55 26.35 12.56
N LYS D 47 -29.83 27.15 13.59
CA LYS D 47 -30.77 26.76 14.62
C LYS D 47 -32.12 26.37 14.03
N ARG D 48 -32.61 27.14 13.07
CA ARG D 48 -33.90 26.82 12.46
C ARG D 48 -33.79 25.43 11.86
N ASN D 49 -32.77 25.22 11.03
CA ASN D 49 -32.54 23.94 10.39
C ASN D 49 -32.49 22.80 11.40
N LEU D 50 -31.71 22.98 12.47
CA LEU D 50 -31.60 21.94 13.47
C LEU D 50 -32.95 21.62 14.11
N ALA D 51 -33.76 22.65 14.36
CA ALA D 51 -35.07 22.46 14.95
C ALA D 51 -35.97 21.66 14.01
N ASP D 52 -35.92 22.01 12.73
CA ASP D 52 -36.73 21.31 11.73
C ASP D 52 -36.36 19.84 11.76
N ALA D 53 -35.06 19.57 11.89
CA ALA D 53 -34.57 18.21 11.94
C ALA D 53 -35.15 17.48 13.16
N VAL D 54 -35.10 18.13 14.31
CA VAL D 54 -35.59 17.53 15.54
C VAL D 54 -37.02 17.01 15.44
N SER D 55 -37.84 17.66 14.64
CA SER D 55 -39.20 17.19 14.51
C SER D 55 -39.52 16.43 13.23
N LYS D 56 -38.75 16.66 12.16
CA LYS D 56 -39.02 15.97 10.90
C LYS D 56 -38.13 14.75 10.67
N ALA D 57 -36.89 14.80 11.16
CA ALA D 57 -35.95 13.71 10.97
C ALA D 57 -34.89 13.68 12.08
N PRO D 58 -35.30 13.26 13.28
CA PRO D 58 -34.39 13.20 14.44
C PRO D 58 -33.06 12.46 14.22
N GLN D 59 -33.07 11.37 13.47
CA GLN D 59 -31.83 10.62 13.25
C GLN D 59 -30.78 11.49 12.58
N LEU D 60 -31.23 12.51 11.87
CA LEU D 60 -30.32 13.41 11.18
C LEU D 60 -29.65 14.44 12.10
N VAL D 61 -30.24 14.68 13.26
CA VAL D 61 -29.68 15.65 14.19
C VAL D 61 -28.25 15.38 14.60
N PRO D 62 -27.98 14.19 15.18
CA PRO D 62 -26.58 13.92 15.56
C PRO D 62 -25.59 14.01 14.40
N LYS D 63 -26.04 13.64 13.21
CA LYS D 63 -25.17 13.71 12.04
C LYS D 63 -24.86 15.17 11.79
N LEU D 64 -25.91 15.99 11.79
CA LEU D 64 -25.80 17.43 11.58
C LEU D 64 -24.89 18.09 12.63
N ASP D 65 -25.12 17.76 13.91
CA ASP D 65 -24.30 18.30 14.99
C ASP D 65 -22.85 17.94 14.69
N GLU D 66 -22.64 16.79 14.04
CA GLU D 66 -21.30 16.35 13.73
C GLU D 66 -20.63 17.25 12.71
N VAL D 67 -21.31 17.48 11.60
CA VAL D 67 -20.70 18.30 10.58
C VAL D 67 -20.46 19.72 11.09
N TYR D 68 -21.34 20.27 11.91
CA TYR D 68 -21.08 21.62 12.42
C TYR D 68 -19.80 21.58 13.26
N ASN D 69 -19.67 20.58 14.13
CA ASN D 69 -18.47 20.48 14.96
C ASN D 69 -17.23 20.32 14.08
N ALA D 70 -17.36 19.54 13.01
CA ALA D 70 -16.26 19.31 12.10
C ALA D 70 -15.74 20.66 11.58
N ALA D 71 -16.64 21.44 10.97
CA ALA D 71 -16.26 22.74 10.46
C ALA D 71 -15.79 23.66 11.56
N TYR D 72 -16.53 23.71 12.67
CA TYR D 72 -16.13 24.60 13.75
C TYR D 72 -14.75 24.32 14.33
N ASN D 73 -14.44 23.04 14.50
CA ASN D 73 -13.17 22.65 15.05
C ASN D 73 -12.00 22.86 14.11
N ALA D 74 -12.24 22.66 12.81
CA ALA D 74 -11.19 22.87 11.84
C ALA D 74 -10.75 24.34 11.89
N ALA D 75 -11.72 25.24 11.87
CA ALA D 75 -11.43 26.67 11.90
C ALA D 75 -10.82 27.10 13.24
N ASP D 76 -11.30 26.47 14.29
CA ASP D 76 -10.86 26.77 15.63
C ASP D 76 -9.35 26.63 15.78
N HIS D 77 -8.78 25.62 15.12
CA HIS D 77 -7.35 25.39 15.20
C HIS D 77 -6.55 25.98 14.04
N ALA D 78 -7.20 26.76 13.18
CA ALA D 78 -6.50 27.37 12.05
C ALA D 78 -6.08 28.81 12.34
N ALA D 79 -5.07 29.27 11.62
CA ALA D 79 -4.60 30.64 11.79
C ALA D 79 -5.74 31.53 11.30
N PRO D 80 -5.94 32.70 11.94
CA PRO D 80 -7.00 33.65 11.59
C PRO D 80 -7.26 33.78 10.08
N GLU D 81 -6.18 33.96 9.34
CA GLU D 81 -6.22 34.09 7.90
C GLU D 81 -6.85 32.87 7.18
N ASP D 82 -6.76 31.69 7.79
CA ASP D 82 -7.30 30.47 7.19
C ASP D 82 -8.63 29.97 7.75
N LYS D 83 -9.04 30.51 8.89
CA LYS D 83 -10.28 30.06 9.51
C LYS D 83 -11.48 29.92 8.58
N TYR D 84 -11.82 30.98 7.86
CA TYR D 84 -12.98 30.92 6.97
C TYR D 84 -12.89 29.79 5.95
N GLU D 85 -11.77 29.72 5.26
CA GLU D 85 -11.59 28.67 4.27
C GLU D 85 -11.62 27.29 4.93
N ALA D 86 -11.00 27.17 6.11
CA ALA D 86 -10.97 25.90 6.83
C ALA D 86 -12.38 25.42 7.15
N PHE D 87 -13.25 26.33 7.59
CA PHE D 87 -14.61 26.00 7.92
C PHE D 87 -15.39 25.55 6.67
N VAL D 88 -15.44 26.42 5.67
CA VAL D 88 -16.15 26.11 4.45
C VAL D 88 -15.71 24.77 3.84
N LEU D 89 -14.42 24.57 3.70
CA LEU D 89 -13.92 23.34 3.13
C LEU D 89 -14.42 22.11 3.89
N HIS D 90 -14.20 22.10 5.20
CA HIS D 90 -14.62 20.97 6.00
C HIS D 90 -16.12 20.80 6.12
N PHE D 91 -16.86 21.90 6.08
CA PHE D 91 -18.30 21.81 6.19
C PHE D 91 -18.90 21.19 4.91
N SER D 92 -18.44 21.71 3.77
CA SER D 92 -18.89 21.26 2.46
C SER D 92 -18.75 19.77 2.31
N GLU D 93 -17.58 19.29 2.68
CA GLU D 93 -17.28 17.89 2.57
C GLU D 93 -18.04 17.07 3.60
N ALA D 94 -18.02 17.50 4.86
CA ALA D 94 -18.73 16.75 5.88
C ALA D 94 -20.21 16.58 5.53
N LEU D 95 -20.80 17.62 4.97
CA LEU D 95 -22.20 17.56 4.62
C LEU D 95 -22.40 16.57 3.48
N ARG D 96 -21.47 16.57 2.52
CA ARG D 96 -21.58 15.63 1.39
C ARG D 96 -21.47 14.20 1.90
N ILE D 97 -20.62 13.98 2.88
CA ILE D 97 -20.47 12.65 3.45
C ILE D 97 -21.77 12.26 4.12
N ILE D 98 -22.27 13.12 4.98
CA ILE D 98 -23.52 12.84 5.67
C ILE D 98 -24.65 12.58 4.67
N ALA D 99 -24.58 13.24 3.51
CA ALA D 99 -25.61 13.08 2.48
C ALA D 99 -25.46 11.81 1.65
N GLY D 100 -24.31 11.17 1.75
CA GLY D 100 -24.09 9.97 0.97
C GLY D 100 -23.64 10.32 -0.45
N THR D 101 -23.12 11.53 -0.60
CA THR D 101 -22.63 11.98 -1.90
C THR D 101 -21.25 11.38 -2.10
N PRO D 102 -21.08 10.57 -3.15
CA PRO D 102 -19.80 9.91 -3.46
C PRO D 102 -18.60 10.82 -3.75
N GLU D 103 -18.80 11.90 -4.50
CA GLU D 103 -17.67 12.79 -4.79
C GLU D 103 -17.66 13.85 -3.71
N VAL D 104 -16.91 13.61 -2.64
CA VAL D 104 -16.90 14.60 -1.58
C VAL D 104 -15.87 15.71 -1.77
N HIS D 105 -14.95 15.57 -2.71
CA HIS D 105 -13.98 16.62 -2.88
C HIS D 105 -14.26 17.76 -3.88
N ALA D 106 -14.17 17.52 -5.19
CA ALA D 106 -14.42 18.63 -6.12
C ALA D 106 -14.53 18.33 -7.62
N VAL D 107 -14.44 19.41 -8.41
CA VAL D 107 -14.53 19.40 -9.88
C VAL D 107 -13.36 20.20 -10.53
N ALA E 4 -36.23 -13.97 1.73
CA ALA E 4 -34.79 -14.22 1.80
C ALA E 4 -34.08 -13.72 0.53
N THR E 5 -34.20 -14.52 -0.52
CA THR E 5 -33.61 -14.19 -1.81
C THR E 5 -34.67 -13.45 -2.63
N THR E 6 -35.91 -13.52 -2.15
CA THR E 6 -37.04 -12.88 -2.80
C THR E 6 -36.91 -11.39 -2.62
N GLU E 7 -36.54 -11.01 -1.40
CA GLU E 7 -36.41 -9.60 -1.06
C GLU E 7 -35.39 -8.94 -1.98
N GLU E 8 -34.30 -9.64 -2.24
CA GLU E 8 -33.26 -9.14 -3.10
C GLU E 8 -33.78 -8.91 -4.51
N GLN E 9 -34.51 -9.89 -5.05
CA GLN E 9 -35.09 -9.78 -6.38
C GLN E 9 -35.96 -8.56 -6.47
N LYS E 10 -36.92 -8.46 -5.53
CA LYS E 10 -37.84 -7.33 -5.50
C LYS E 10 -37.11 -6.01 -5.49
N LEU E 11 -36.08 -5.90 -4.65
CA LEU E 11 -35.30 -4.67 -4.58
C LEU E 11 -34.64 -4.32 -5.91
N ILE E 12 -34.16 -5.34 -6.62
CA ILE E 12 -33.55 -5.09 -7.92
C ILE E 12 -34.63 -4.50 -8.83
N GLU E 13 -35.84 -5.04 -8.75
CA GLU E 13 -36.93 -4.55 -9.57
C GLU E 13 -37.15 -3.07 -9.28
N ASP E 14 -37.21 -2.74 -8.00
CA ASP E 14 -37.41 -1.36 -7.59
C ASP E 14 -36.34 -0.45 -8.13
N VAL E 15 -35.08 -0.86 -7.97
CA VAL E 15 -33.95 -0.07 -8.46
C VAL E 15 -34.12 0.19 -9.93
N ASN E 16 -34.39 -0.87 -10.69
CA ASN E 16 -34.55 -0.69 -12.13
C ASN E 16 -35.67 0.28 -12.44
N ALA E 17 -36.78 0.16 -11.70
CA ALA E 17 -37.94 1.03 -11.87
C ALA E 17 -37.54 2.50 -11.67
N SER E 18 -36.84 2.78 -10.58
CA SER E 18 -36.37 4.12 -10.27
C SER E 18 -35.47 4.61 -11.40
N PHE E 19 -34.59 3.73 -11.85
CA PHE E 19 -33.64 4.02 -12.93
C PHE E 19 -34.38 4.42 -14.19
N ARG E 20 -35.28 3.53 -14.62
CA ARG E 20 -36.05 3.73 -15.83
C ARG E 20 -36.90 5.01 -15.75
N ALA E 21 -37.44 5.28 -14.56
CA ALA E 21 -38.25 6.49 -14.38
C ALA E 21 -37.38 7.74 -14.53
N ALA E 22 -36.21 7.74 -13.90
CA ALA E 22 -35.32 8.90 -14.01
C ALA E 22 -34.96 9.10 -15.48
N MET E 23 -34.68 8.00 -16.19
CA MET E 23 -34.35 8.12 -17.60
C MET E 23 -35.46 8.86 -18.33
N ALA E 24 -36.70 8.52 -17.99
CA ALA E 24 -37.87 9.15 -18.60
C ALA E 24 -37.86 10.66 -18.41
N THR E 25 -37.39 11.13 -17.26
CA THR E 25 -37.32 12.55 -16.96
C THR E 25 -36.51 13.28 -18.03
N THR E 26 -35.68 12.51 -18.70
CA THR E 26 -34.78 13.03 -19.72
C THR E 26 -35.39 13.19 -21.12
N ALA E 27 -36.55 12.59 -21.32
CA ALA E 27 -37.22 12.62 -22.63
C ALA E 27 -37.23 13.94 -23.38
N ASN E 28 -37.95 14.91 -22.86
CA ASN E 28 -38.07 16.17 -23.57
C ASN E 28 -36.97 17.19 -23.43
N VAL E 29 -35.93 16.86 -22.68
CA VAL E 29 -34.84 17.82 -22.53
C VAL E 29 -33.87 17.70 -23.69
N PRO E 30 -33.07 18.76 -23.93
CA PRO E 30 -32.10 18.74 -25.02
C PRO E 30 -30.89 17.94 -24.53
N PRO E 31 -30.20 17.25 -25.45
CA PRO E 31 -29.04 16.42 -25.08
C PRO E 31 -28.06 16.99 -24.05
N ALA E 32 -27.61 18.22 -24.24
CA ALA E 32 -26.66 18.83 -23.32
C ALA E 32 -27.10 18.81 -21.86
N ASP E 33 -28.39 18.60 -21.60
CA ASP E 33 -28.90 18.59 -20.24
C ASP E 33 -29.29 17.24 -19.71
N LYS E 34 -29.68 16.34 -20.61
CA LYS E 34 -30.12 14.99 -20.24
C LYS E 34 -29.39 14.37 -19.05
N TYR E 35 -28.06 14.42 -19.03
CA TYR E 35 -27.37 13.82 -17.90
C TYR E 35 -27.72 14.48 -16.57
N LYS E 36 -27.48 15.78 -16.42
CA LYS E 36 -27.77 16.45 -15.14
C LYS E 36 -29.23 16.31 -14.70
N THR E 37 -30.14 16.28 -15.67
CA THR E 37 -31.55 16.10 -15.37
C THR E 37 -31.77 14.69 -14.81
N PHE E 38 -31.27 13.70 -15.55
CA PHE E 38 -31.40 12.31 -15.14
C PHE E 38 -30.78 12.10 -13.77
N GLU E 39 -29.55 12.57 -13.63
CA GLU E 39 -28.81 12.43 -12.39
C GLU E 39 -29.60 12.97 -11.20
N ALA E 40 -30.17 14.15 -11.35
CA ALA E 40 -30.95 14.77 -10.28
C ALA E 40 -32.14 13.90 -9.88
N ALA E 41 -32.92 13.47 -10.86
CA ALA E 41 -34.09 12.64 -10.60
C ALA E 41 -33.73 11.31 -9.96
N PHE E 42 -32.64 10.71 -10.45
CA PHE E 42 -32.22 9.41 -9.96
C PHE E 42 -31.66 9.44 -8.55
N THR E 43 -30.92 10.50 -8.21
CA THR E 43 -30.34 10.59 -6.88
C THR E 43 -31.39 10.52 -5.80
N VAL E 44 -32.53 11.14 -6.08
CA VAL E 44 -33.62 11.13 -5.11
C VAL E 44 -34.11 9.70 -4.85
N SER E 45 -34.72 9.10 -5.85
CA SER E 45 -35.25 7.76 -5.73
C SER E 45 -34.22 6.70 -5.29
N SER E 46 -32.96 6.89 -5.62
CA SER E 46 -31.93 5.91 -5.24
C SER E 46 -31.82 5.74 -3.75
N LYS E 47 -31.77 6.85 -3.03
CA LYS E 47 -31.64 6.82 -1.58
C LYS E 47 -32.73 5.98 -0.92
N ARG E 48 -33.96 6.12 -1.39
CA ARG E 48 -35.04 5.34 -0.81
C ARG E 48 -34.72 3.86 -0.99
N ASN E 49 -34.39 3.49 -2.24
CA ASN E 49 -34.06 2.11 -2.58
C ASN E 49 -32.93 1.59 -1.71
N LEU E 50 -31.87 2.38 -1.56
CA LEU E 50 -30.74 1.95 -0.77
C LEU E 50 -31.14 1.72 0.69
N ALA E 51 -32.01 2.58 1.21
CA ALA E 51 -32.49 2.47 2.59
C ALA E 51 -33.31 1.19 2.77
N ASP E 52 -34.17 0.90 1.80
CA ASP E 52 -34.99 -0.30 1.84
C ASP E 52 -34.07 -1.52 1.88
N ALA E 53 -32.97 -1.46 1.11
CA ALA E 53 -32.02 -2.56 1.08
C ALA E 53 -31.37 -2.73 2.44
N VAL E 54 -30.94 -1.63 3.04
CA VAL E 54 -30.29 -1.68 4.34
C VAL E 54 -31.09 -2.45 5.39
N SER E 55 -32.42 -2.38 5.33
CA SER E 55 -33.22 -3.09 6.30
C SER E 55 -33.85 -4.40 5.82
N LYS E 56 -34.07 -4.55 4.52
CA LYS E 56 -34.68 -5.77 4.00
C LYS E 56 -33.66 -6.79 3.47
N ALA E 57 -32.56 -6.30 2.91
CA ALA E 57 -31.54 -7.20 2.35
C ALA E 57 -30.16 -6.53 2.35
N PRO E 58 -29.54 -6.40 3.53
CA PRO E 58 -28.23 -5.77 3.68
C PRO E 58 -27.12 -6.27 2.75
N GLN E 59 -27.07 -7.58 2.48
CA GLN E 59 -26.03 -8.12 1.60
C GLN E 59 -26.08 -7.47 0.21
N LEU E 60 -27.26 -7.00 -0.17
CA LEU E 60 -27.43 -6.37 -1.46
C LEU E 60 -26.90 -4.93 -1.51
N VAL E 61 -26.70 -4.31 -0.36
CA VAL E 61 -26.22 -2.93 -0.34
C VAL E 61 -24.88 -2.72 -1.03
N PRO E 62 -23.83 -3.43 -0.60
CA PRO E 62 -22.53 -3.25 -1.27
C PRO E 62 -22.59 -3.55 -2.79
N LYS E 63 -23.43 -4.50 -3.19
CA LYS E 63 -23.55 -4.82 -4.61
C LYS E 63 -24.15 -3.61 -5.30
N LEU E 64 -25.25 -3.10 -4.75
CA LEU E 64 -25.91 -1.92 -5.29
C LEU E 64 -24.92 -0.77 -5.38
N ASP E 65 -24.04 -0.67 -4.39
CA ASP E 65 -23.06 0.39 -4.40
C ASP E 65 -22.13 0.21 -5.60
N GLU E 66 -21.80 -1.04 -5.92
CA GLU E 66 -20.90 -1.33 -7.05
C GLU E 66 -21.53 -1.02 -8.39
N VAL E 67 -22.83 -1.29 -8.55
CA VAL E 67 -23.45 -1.00 -9.83
C VAL E 67 -23.61 0.50 -9.98
N TYR E 68 -23.81 1.20 -8.87
CA TYR E 68 -23.91 2.66 -8.90
C TYR E 68 -22.54 3.22 -9.29
N ASN E 69 -21.48 2.78 -8.61
CA ASN E 69 -20.16 3.26 -8.93
C ASN E 69 -19.75 2.97 -10.36
N ALA E 70 -20.20 1.83 -10.88
CA ALA E 70 -19.88 1.47 -12.25
C ALA E 70 -20.39 2.57 -13.15
N ALA E 71 -21.68 2.87 -13.03
CA ALA E 71 -22.31 3.91 -13.84
C ALA E 71 -21.71 5.32 -13.60
N TYR E 72 -21.67 5.76 -12.34
CA TYR E 72 -21.15 7.09 -12.06
C TYR E 72 -19.71 7.26 -12.54
N ASN E 73 -18.88 6.27 -12.27
CA ASN E 73 -17.51 6.36 -12.69
C ASN E 73 -17.35 6.35 -14.20
N ALA E 74 -18.17 5.57 -14.89
CA ALA E 74 -18.07 5.52 -16.33
C ALA E 74 -18.38 6.90 -16.91
N ALA E 75 -19.43 7.53 -16.42
CA ALA E 75 -19.82 8.85 -16.89
C ALA E 75 -18.83 9.92 -16.48
N ASP E 76 -18.28 9.75 -15.28
CA ASP E 76 -17.32 10.68 -14.72
C ASP E 76 -16.11 10.89 -15.65
N HIS E 77 -15.67 9.82 -16.30
CA HIS E 77 -14.52 9.91 -17.18
C HIS E 77 -14.89 10.08 -18.67
N ALA E 78 -16.18 10.26 -18.96
CA ALA E 78 -16.62 10.41 -20.34
C ALA E 78 -16.78 11.87 -20.72
N ALA E 79 -16.69 12.16 -22.01
CA ALA E 79 -16.85 13.53 -22.50
C ALA E 79 -18.31 13.89 -22.24
N PRO E 80 -18.57 15.16 -21.90
CA PRO E 80 -19.92 15.65 -21.61
C PRO E 80 -21.01 15.05 -22.50
N GLU E 81 -20.76 15.06 -23.79
CA GLU E 81 -21.67 14.53 -24.78
C GLU E 81 -22.01 13.05 -24.60
N ASP E 82 -21.10 12.29 -23.99
CA ASP E 82 -21.30 10.84 -23.79
C ASP E 82 -21.71 10.42 -22.38
N LYS E 83 -21.55 11.32 -21.41
CA LYS E 83 -21.86 10.99 -20.03
C LYS E 83 -23.17 10.24 -19.80
N TYR E 84 -24.29 10.79 -20.27
CA TYR E 84 -25.57 10.14 -20.06
C TYR E 84 -25.60 8.72 -20.59
N GLU E 85 -25.19 8.54 -21.84
CA GLU E 85 -25.19 7.22 -22.44
C GLU E 85 -24.23 6.28 -21.70
N ALA E 86 -23.09 6.81 -21.28
CA ALA E 86 -22.11 6.01 -20.56
C ALA E 86 -22.70 5.47 -19.25
N PHE E 87 -23.43 6.33 -18.54
CA PHE E 87 -24.06 5.94 -17.29
C PHE E 87 -25.12 4.87 -17.51
N VAL E 88 -26.10 5.18 -18.35
CA VAL E 88 -27.17 4.25 -18.63
C VAL E 88 -26.66 2.85 -19.07
N LEU E 89 -25.75 2.84 -20.04
CA LEU E 89 -25.20 1.59 -20.52
C LEU E 89 -24.58 0.78 -19.39
N HIS E 90 -23.68 1.40 -18.63
CA HIS E 90 -23.03 0.66 -17.56
C HIS E 90 -23.93 0.30 -16.40
N PHE E 91 -24.92 1.12 -16.15
CA PHE E 91 -25.84 0.83 -15.05
C PHE E 91 -26.71 -0.39 -15.37
N SER E 92 -27.39 -0.33 -16.51
CA SER E 92 -28.27 -1.42 -16.90
C SER E 92 -27.53 -2.76 -16.91
N GLU E 93 -26.33 -2.78 -17.45
CA GLU E 93 -25.60 -4.04 -17.50
C GLU E 93 -25.16 -4.48 -16.11
N ALA E 94 -24.58 -3.56 -15.33
CA ALA E 94 -24.12 -3.91 -13.99
C ALA E 94 -25.27 -4.46 -13.14
N LEU E 95 -26.45 -3.88 -13.31
CA LEU E 95 -27.59 -4.34 -12.55
C LEU E 95 -27.99 -5.75 -13.00
N ARG E 96 -27.94 -6.01 -14.30
CA ARG E 96 -28.30 -7.32 -14.81
C ARG E 96 -27.33 -8.37 -14.28
N ILE E 97 -26.05 -8.00 -14.18
CA ILE E 97 -25.06 -8.90 -13.66
C ILE E 97 -25.38 -9.21 -12.21
N ILE E 98 -25.58 -8.16 -11.42
CA ILE E 98 -25.90 -8.35 -10.02
C ILE E 98 -27.17 -9.21 -9.87
N ALA E 99 -28.09 -9.08 -10.82
CA ALA E 99 -29.34 -9.83 -10.76
C ALA E 99 -29.20 -11.29 -11.19
N GLY E 100 -28.07 -11.61 -11.82
CA GLY E 100 -27.88 -12.96 -12.29
C GLY E 100 -28.56 -13.17 -13.64
N THR E 101 -28.83 -12.07 -14.33
CA THR E 101 -29.45 -12.15 -15.64
C THR E 101 -28.39 -12.53 -16.67
N PRO E 102 -28.56 -13.66 -17.34
CA PRO E 102 -27.62 -14.15 -18.34
C PRO E 102 -27.35 -13.25 -19.55
N GLU E 103 -28.37 -12.64 -20.12
CA GLU E 103 -28.14 -11.77 -21.27
C GLU E 103 -27.92 -10.37 -20.74
N VAL E 104 -26.67 -9.99 -20.50
CA VAL E 104 -26.44 -8.66 -19.97
C VAL E 104 -26.31 -7.57 -21.02
N HIS E 105 -26.20 -7.93 -22.30
CA HIS E 105 -26.06 -6.89 -23.31
C HIS E 105 -27.31 -6.35 -23.99
N ALA E 106 -27.94 -7.11 -24.89
CA ALA E 106 -29.13 -6.56 -25.57
C ALA E 106 -29.98 -7.50 -26.45
N VAL E 107 -30.85 -6.91 -27.26
CA VAL E 107 -31.75 -7.67 -28.14
C VAL E 107 -31.80 -7.10 -29.57
N ALA F 4 -25.78 -3.91 19.31
CA ALA F 4 -26.46 -2.62 19.20
C ALA F 4 -25.58 -1.54 18.54
N THR F 5 -25.34 -0.46 19.27
CA THR F 5 -24.52 0.65 18.80
C THR F 5 -23.07 0.29 19.09
N THR F 6 -22.89 -0.76 19.89
CA THR F 6 -21.56 -1.22 20.29
C THR F 6 -20.90 -1.88 19.09
N GLU F 7 -21.69 -2.65 18.39
CA GLU F 7 -21.23 -3.37 17.22
C GLU F 7 -20.68 -2.39 16.19
N GLU F 8 -21.37 -1.27 16.02
CA GLU F 8 -20.95 -0.25 15.07
C GLU F 8 -19.61 0.33 15.49
N GLN F 9 -19.45 0.67 16.76
CA GLN F 9 -18.20 1.22 17.26
C GLN F 9 -17.06 0.26 16.95
N LYS F 10 -17.23 -0.99 17.38
CA LYS F 10 -16.21 -2.01 17.18
C LYS F 10 -15.82 -2.11 15.71
N LEU F 11 -16.82 -2.12 14.82
CA LEU F 11 -16.53 -2.22 13.39
C LEU F 11 -15.71 -1.03 12.92
N ILE F 12 -15.99 0.16 13.45
CA ILE F 12 -15.22 1.33 13.05
C ILE F 12 -13.77 1.10 13.48
N GLU F 13 -13.57 0.53 14.65
CA GLU F 13 -12.22 0.26 15.14
C GLU F 13 -11.50 -0.66 14.17
N ASP F 14 -12.20 -1.73 13.77
CA ASP F 14 -11.62 -2.70 12.85
C ASP F 14 -11.23 -2.01 11.55
N VAL F 15 -12.16 -1.25 10.98
CA VAL F 15 -11.89 -0.55 9.73
C VAL F 15 -10.63 0.28 9.88
N ASN F 16 -10.57 1.08 10.92
CA ASN F 16 -9.40 1.92 11.11
C ASN F 16 -8.15 1.06 11.21
N ALA F 17 -8.25 -0.05 11.92
CA ALA F 17 -7.11 -0.96 12.08
C ALA F 17 -6.63 -1.45 10.71
N SER F 18 -7.56 -1.89 9.86
CA SER F 18 -7.24 -2.37 8.52
C SER F 18 -6.56 -1.26 7.71
N PHE F 19 -7.12 -0.07 7.84
CA PHE F 19 -6.63 1.12 7.16
C PHE F 19 -5.18 1.42 7.56
N ARG F 20 -4.97 1.53 8.87
CA ARG F 20 -3.65 1.84 9.43
C ARG F 20 -2.63 0.75 9.05
N ALA F 21 -3.07 -0.50 9.04
CA ALA F 21 -2.19 -1.60 8.66
C ALA F 21 -1.78 -1.49 7.19
N ALA F 22 -2.75 -1.23 6.31
CA ALA F 22 -2.44 -1.10 4.90
C ALA F 22 -1.45 0.06 4.72
N MET F 23 -1.68 1.16 5.43
CA MET F 23 -0.77 2.30 5.33
C MET F 23 0.63 1.82 5.62
N ALA F 24 0.77 1.00 6.66
CA ALA F 24 2.07 0.47 7.08
C ALA F 24 2.78 -0.26 5.95
N THR F 25 2.02 -0.96 5.12
CA THR F 25 2.56 -1.70 3.98
C THR F 25 3.35 -0.77 3.06
N THR F 26 3.02 0.51 3.14
CA THR F 26 3.62 1.53 2.31
C THR F 26 4.98 2.01 2.79
N ALA F 27 5.42 1.48 3.93
CA ALA F 27 6.69 1.84 4.56
C ALA F 27 7.94 2.00 3.69
N ASN F 28 8.28 0.99 2.90
CA ASN F 28 9.50 1.06 2.12
C ASN F 28 9.37 1.29 0.63
N VAL F 29 8.16 1.21 0.10
CA VAL F 29 7.99 1.43 -1.33
C VAL F 29 8.24 2.90 -1.67
N PRO F 30 8.88 3.15 -2.82
CA PRO F 30 9.15 4.53 -3.22
C PRO F 30 7.84 5.21 -3.59
N PRO F 31 7.69 6.49 -3.22
CA PRO F 31 6.51 7.32 -3.47
C PRO F 31 5.65 6.96 -4.68
N ALA F 32 6.28 6.71 -5.81
CA ALA F 32 5.56 6.38 -7.04
C ALA F 32 4.68 5.12 -6.94
N ASP F 33 4.95 4.28 -5.96
CA ASP F 33 4.21 3.03 -5.81
C ASP F 33 3.36 3.01 -4.54
N LYS F 34 3.66 3.90 -3.61
CA LYS F 34 2.92 3.94 -2.36
C LYS F 34 1.41 3.79 -2.49
N TYR F 35 0.80 4.48 -3.45
CA TYR F 35 -0.64 4.39 -3.57
C TYR F 35 -1.16 3.02 -3.98
N LYS F 36 -0.67 2.49 -5.09
CA LYS F 36 -1.11 1.19 -5.55
C LYS F 36 -0.86 0.14 -4.49
N THR F 37 0.33 0.17 -3.87
CA THR F 37 0.67 -0.78 -2.83
C THR F 37 -0.38 -0.73 -1.73
N PHE F 38 -0.65 0.48 -1.24
CA PHE F 38 -1.63 0.68 -0.18
C PHE F 38 -2.99 0.17 -0.63
N GLU F 39 -3.38 0.58 -1.83
CA GLU F 39 -4.66 0.20 -2.40
C GLU F 39 -4.85 -1.32 -2.40
N ALA F 40 -3.83 -2.03 -2.84
CA ALA F 40 -3.90 -3.49 -2.90
C ALA F 40 -4.11 -4.09 -1.52
N ALA F 41 -3.28 -3.68 -0.55
CA ALA F 41 -3.38 -4.19 0.81
C ALA F 41 -4.72 -3.88 1.45
N PHE F 42 -5.21 -2.66 1.23
CA PHE F 42 -6.46 -2.22 1.81
C PHE F 42 -7.69 -2.89 1.24
N THR F 43 -7.70 -3.13 -0.06
CA THR F 43 -8.85 -3.77 -0.71
C THR F 43 -9.16 -5.12 -0.07
N VAL F 44 -8.11 -5.85 0.28
CA VAL F 44 -8.30 -7.15 0.90
C VAL F 44 -9.04 -7.02 2.23
N SER F 45 -8.37 -6.42 3.21
CA SER F 45 -8.97 -6.25 4.54
C SER F 45 -10.30 -5.52 4.57
N SER F 46 -10.53 -4.63 3.61
CA SER F 46 -11.80 -3.91 3.58
C SER F 46 -13.01 -4.82 3.44
N LYS F 47 -12.93 -5.75 2.48
CA LYS F 47 -14.02 -6.68 2.25
C LYS F 47 -14.43 -7.42 3.51
N ARG F 48 -13.45 -7.87 4.29
CA ARG F 48 -13.77 -8.59 5.52
C ARG F 48 -14.59 -7.66 6.40
N ASN F 49 -14.07 -6.45 6.60
CA ASN F 49 -14.75 -5.46 7.42
C ASN F 49 -16.18 -5.20 6.94
N LEU F 50 -16.34 -4.99 5.64
CA LEU F 50 -17.66 -4.74 5.10
C LEU F 50 -18.61 -5.90 5.36
N ALA F 51 -18.11 -7.13 5.23
CA ALA F 51 -18.93 -8.31 5.46
C ALA F 51 -19.38 -8.38 6.92
N ASP F 52 -18.45 -8.08 7.82
CA ASP F 52 -18.75 -8.10 9.25
C ASP F 52 -19.87 -7.11 9.51
N ALA F 53 -19.80 -5.96 8.84
CA ALA F 53 -20.81 -4.93 8.98
C ALA F 53 -22.15 -5.46 8.51
N VAL F 54 -22.16 -6.10 7.35
CA VAL F 54 -23.40 -6.61 6.80
C VAL F 54 -24.19 -7.52 7.75
N SER F 55 -23.51 -8.24 8.60
CA SER F 55 -24.21 -9.10 9.53
C SER F 55 -24.29 -8.58 10.96
N LYS F 56 -23.36 -7.72 11.38
CA LYS F 56 -23.39 -7.20 12.75
C LYS F 56 -24.03 -5.82 12.88
N ALA F 57 -23.89 -4.99 11.84
CA ALA F 57 -24.42 -3.64 11.87
C ALA F 57 -24.71 -3.11 10.46
N PRO F 58 -25.76 -3.64 9.81
CA PRO F 58 -26.13 -3.23 8.46
C PRO F 58 -26.25 -1.72 8.20
N GLN F 59 -26.79 -0.98 9.15
CA GLN F 59 -26.94 0.47 8.95
C GLN F 59 -25.60 1.13 8.69
N LEU F 60 -24.54 0.51 9.17
CA LEU F 60 -23.20 1.06 9.00
C LEU F 60 -22.63 0.83 7.60
N VAL F 61 -23.18 -0.15 6.88
CA VAL F 61 -22.67 -0.44 5.55
C VAL F 61 -22.69 0.74 4.60
N PRO F 62 -23.86 1.35 4.36
CA PRO F 62 -23.89 2.48 3.45
C PRO F 62 -22.97 3.62 3.87
N LYS F 63 -22.81 3.81 5.17
CA LYS F 63 -21.95 4.87 5.66
C LYS F 63 -20.53 4.51 5.25
N LEU F 64 -20.16 3.28 5.53
CA LEU F 64 -18.82 2.77 5.18
C LEU F 64 -18.56 2.88 3.68
N ASP F 65 -19.56 2.52 2.86
CA ASP F 65 -19.38 2.63 1.42
C ASP F 65 -19.09 4.07 1.08
N GLU F 66 -19.63 4.99 1.87
CA GLU F 66 -19.42 6.41 1.62
C GLU F 66 -17.97 6.83 1.83
N VAL F 67 -17.37 6.43 2.94
CA VAL F 67 -16.00 6.83 3.19
C VAL F 67 -15.04 6.27 2.13
N TYR F 68 -15.18 5.00 1.79
CA TYR F 68 -14.31 4.43 0.76
C TYR F 68 -14.43 5.30 -0.51
N ASN F 69 -15.67 5.54 -0.94
CA ASN F 69 -15.88 6.34 -2.15
C ASN F 69 -15.24 7.71 -2.00
N ALA F 70 -15.46 8.33 -0.85
CA ALA F 70 -14.90 9.64 -0.55
C ALA F 70 -13.39 9.60 -0.82
N ALA F 71 -12.71 8.67 -0.16
CA ALA F 71 -11.28 8.52 -0.31
C ALA F 71 -10.87 8.15 -1.72
N TYR F 72 -11.48 7.10 -2.26
CA TYR F 72 -11.13 6.68 -3.62
C TYR F 72 -11.32 7.78 -4.66
N ASN F 73 -12.41 8.52 -4.56
CA ASN F 73 -12.67 9.59 -5.50
C ASN F 73 -11.69 10.74 -5.36
N ALA F 74 -11.29 11.05 -4.13
CA ALA F 74 -10.35 12.13 -3.92
C ALA F 74 -9.05 11.79 -4.64
N ALA F 75 -8.56 10.57 -4.45
CA ALA F 75 -7.31 10.14 -5.08
C ALA F 75 -7.46 10.02 -6.59
N ASP F 76 -8.65 9.58 -7.01
CA ASP F 76 -8.93 9.37 -8.42
C ASP F 76 -8.69 10.64 -9.23
N HIS F 77 -9.03 11.79 -8.65
CA HIS F 77 -8.86 13.07 -9.35
C HIS F 77 -7.57 13.82 -8.99
N ALA F 78 -6.70 13.19 -8.21
CA ALA F 78 -5.45 13.84 -7.83
C ALA F 78 -4.29 13.42 -8.73
N ALA F 79 -3.26 14.26 -8.81
CA ALA F 79 -2.08 13.95 -9.60
C ALA F 79 -1.43 12.74 -8.93
N PRO F 80 -0.84 11.83 -9.72
CA PRO F 80 -0.18 10.61 -9.22
C PRO F 80 0.59 10.82 -7.90
N GLU F 81 1.41 11.86 -7.89
CA GLU F 81 2.22 12.22 -6.74
C GLU F 81 1.39 12.49 -5.47
N ASP F 82 0.14 12.91 -5.63
CA ASP F 82 -0.71 13.23 -4.48
C ASP F 82 -1.76 12.19 -4.11
N LYS F 83 -2.02 11.26 -5.01
CA LYS F 83 -3.04 10.24 -4.78
C LYS F 83 -3.03 9.60 -3.39
N TYR F 84 -1.90 9.06 -2.97
CA TYR F 84 -1.82 8.40 -1.67
C TYR F 84 -2.24 9.32 -0.53
N GLU F 85 -1.63 10.49 -0.49
CA GLU F 85 -1.96 11.45 0.55
C GLU F 85 -3.44 11.87 0.47
N ALA F 86 -3.94 12.06 -0.74
CA ALA F 86 -5.33 12.45 -0.94
C ALA F 86 -6.30 11.43 -0.36
N PHE F 87 -5.99 10.15 -0.58
CA PHE F 87 -6.81 9.07 -0.07
C PHE F 87 -6.77 9.02 1.45
N VAL F 88 -5.56 8.91 2.01
CA VAL F 88 -5.43 8.84 3.45
C VAL F 88 -6.12 10.01 4.16
N LEU F 89 -5.85 11.22 3.71
CA LEU F 89 -6.44 12.38 4.32
C LEU F 89 -7.97 12.31 4.34
N HIS F 90 -8.56 12.08 3.18
CA HIS F 90 -10.00 12.01 3.10
C HIS F 90 -10.62 10.81 3.79
N PHE F 91 -9.91 9.69 3.81
CA PHE F 91 -10.45 8.51 4.48
C PHE F 91 -10.49 8.73 6.00
N SER F 92 -9.38 9.20 6.55
CA SER F 92 -9.25 9.48 7.96
C SER F 92 -10.35 10.38 8.49
N GLU F 93 -10.67 11.41 7.71
CA GLU F 93 -11.69 12.37 8.10
C GLU F 93 -13.09 11.81 7.93
N ALA F 94 -13.36 11.23 6.75
CA ALA F 94 -14.68 10.68 6.52
C ALA F 94 -15.07 9.65 7.59
N LEU F 95 -14.10 8.85 8.00
CA LEU F 95 -14.38 7.84 9.01
C LEU F 95 -14.68 8.52 10.34
N ARG F 96 -13.94 9.57 10.67
CA ARG F 96 -14.18 10.29 11.91
C ARG F 96 -15.58 10.89 11.91
N ILE F 97 -16.00 11.39 10.76
CA ILE F 97 -17.33 11.97 10.65
C ILE F 97 -18.37 10.88 10.88
N ILE F 98 -18.23 9.78 10.17
CA ILE F 98 -19.16 8.67 10.32
C ILE F 98 -19.18 8.20 11.79
N ALA F 99 -18.05 8.29 12.46
CA ALA F 99 -17.96 7.85 13.84
C ALA F 99 -18.55 8.85 14.84
N GLY F 100 -18.82 10.07 14.39
CA GLY F 100 -19.35 11.06 15.30
C GLY F 100 -18.23 11.71 16.11
N THR F 101 -17.00 11.62 15.60
CA THR F 101 -15.86 12.23 16.27
C THR F 101 -15.85 13.70 15.93
N PRO F 102 -15.94 14.57 16.95
CA PRO F 102 -15.96 16.03 16.78
C PRO F 102 -14.72 16.68 16.13
N GLU F 103 -13.53 16.22 16.48
CA GLU F 103 -12.34 16.83 15.88
C GLU F 103 -12.01 15.99 14.67
N VAL F 104 -12.50 16.38 13.50
CA VAL F 104 -12.22 15.57 12.32
C VAL F 104 -10.93 15.94 11.61
N HIS F 105 -10.30 17.05 11.97
CA HIS F 105 -9.08 17.41 11.28
C HIS F 105 -7.74 16.97 11.86
N ALA F 106 -7.26 17.57 12.94
CA ALA F 106 -5.96 17.13 13.47
C ALA F 106 -5.51 17.61 14.85
N VAL F 107 -4.25 17.29 15.15
CA VAL F 107 -3.61 17.60 16.43
C VAL F 107 -2.30 18.39 16.24
N ALA G 4 -6.31 -33.84 -13.80
CA ALA G 4 -7.40 -33.40 -12.91
C ALA G 4 -8.71 -33.27 -13.70
N THR G 5 -9.15 -32.02 -13.85
CA THR G 5 -10.35 -31.71 -14.60
C THR G 5 -9.95 -31.72 -16.07
N THR G 6 -8.64 -31.73 -16.30
CA THR G 6 -8.09 -31.75 -17.65
C THR G 6 -8.36 -33.10 -18.26
N GLU G 7 -8.15 -34.13 -17.45
CA GLU G 7 -8.34 -35.50 -17.90
C GLU G 7 -9.76 -35.69 -18.40
N GLU G 8 -10.71 -35.13 -17.67
CA GLU G 8 -12.11 -35.23 -18.03
C GLU G 8 -12.35 -34.58 -19.39
N GLN G 9 -11.84 -33.37 -19.57
CA GLN G 9 -11.99 -32.66 -20.83
C GLN G 9 -11.47 -33.50 -21.98
N LYS G 10 -10.22 -33.95 -21.84
CA LYS G 10 -9.59 -34.76 -22.87
C LYS G 10 -10.43 -35.98 -23.22
N LEU G 11 -10.94 -36.67 -22.21
CA LEU G 11 -11.77 -37.84 -22.46
C LEU G 11 -13.03 -37.49 -23.24
N ILE G 12 -13.62 -36.33 -22.95
CA ILE G 12 -14.81 -35.93 -23.68
C ILE G 12 -14.43 -35.76 -25.14
N GLU G 13 -13.25 -35.20 -25.38
CA GLU G 13 -12.77 -35.00 -26.74
C GLU G 13 -12.68 -36.34 -27.45
N ASP G 14 -12.09 -37.31 -26.77
CA ASP G 14 -11.93 -38.64 -27.32
C ASP G 14 -13.28 -39.25 -27.66
N VAL G 15 -14.21 -39.17 -26.71
CA VAL G 15 -15.53 -39.72 -26.92
C VAL G 15 -16.14 -39.13 -28.18
N ASN G 16 -16.10 -37.81 -28.26
CA ASN G 16 -16.68 -37.14 -29.42
C ASN G 16 -16.00 -37.61 -30.71
N ALA G 17 -14.68 -37.78 -30.66
CA ALA G 17 -13.91 -38.23 -31.80
C ALA G 17 -14.39 -39.62 -32.25
N SER G 18 -14.55 -40.54 -31.30
CA SER G 18 -15.02 -41.88 -31.60
C SER G 18 -16.42 -41.83 -32.20
N PHE G 19 -17.24 -40.96 -31.62
CA PHE G 19 -18.61 -40.75 -32.07
C PHE G 19 -18.63 -40.29 -33.52
N ARG G 20 -17.92 -39.20 -33.77
CA ARG G 20 -17.87 -38.60 -35.09
C ARG G 20 -17.32 -39.57 -36.12
N ALA G 21 -16.34 -40.37 -35.71
CA ALA G 21 -15.74 -41.35 -36.60
C ALA G 21 -16.76 -42.42 -36.97
N ALA G 22 -17.48 -42.94 -35.97
CA ALA G 22 -18.48 -43.96 -36.24
C ALA G 22 -19.52 -43.39 -37.18
N MET G 23 -19.93 -42.14 -36.95
CA MET G 23 -20.91 -41.52 -37.83
C MET G 23 -20.40 -41.58 -39.28
N ALA G 24 -19.12 -41.32 -39.47
CA ALA G 24 -18.49 -41.34 -40.79
C ALA G 24 -18.66 -42.70 -41.48
N THR G 25 -18.57 -43.77 -40.71
CA THR G 25 -18.74 -45.12 -41.23
C THR G 25 -20.07 -45.26 -41.94
N THR G 26 -21.00 -44.40 -41.60
CA THR G 26 -22.36 -44.40 -42.14
C THR G 26 -22.48 -43.68 -43.47
N ALA G 27 -21.41 -42.98 -43.81
CA ALA G 27 -21.30 -42.19 -45.02
C ALA G 27 -21.91 -42.77 -46.28
N ASN G 28 -21.63 -44.04 -46.57
CA ASN G 28 -22.16 -44.62 -47.80
C ASN G 28 -23.20 -45.72 -47.70
N VAL G 29 -23.61 -46.09 -46.50
CA VAL G 29 -24.62 -47.12 -46.38
C VAL G 29 -26.00 -46.50 -46.57
N PRO G 30 -26.92 -47.26 -47.17
CA PRO G 30 -28.28 -46.76 -47.39
C PRO G 30 -28.98 -46.60 -46.05
N PRO G 31 -29.87 -45.61 -45.95
CA PRO G 31 -30.65 -45.29 -44.76
C PRO G 31 -30.95 -46.41 -43.78
N ALA G 32 -31.60 -47.47 -44.26
CA ALA G 32 -31.97 -48.61 -43.42
C ALA G 32 -30.84 -49.29 -42.67
N ASP G 33 -29.62 -49.10 -43.14
CA ASP G 33 -28.48 -49.72 -42.48
C ASP G 33 -27.62 -48.72 -41.73
N LYS G 34 -27.88 -47.43 -41.95
CA LYS G 34 -27.08 -46.42 -41.28
C LYS G 34 -26.95 -46.67 -39.79
N TYR G 35 -28.07 -46.85 -39.09
CA TYR G 35 -27.99 -47.10 -37.65
C TYR G 35 -27.12 -48.32 -37.30
N LYS G 36 -27.53 -49.50 -37.77
CA LYS G 36 -26.79 -50.74 -37.52
C LYS G 36 -25.27 -50.58 -37.72
N THR G 37 -24.91 -49.98 -38.84
CA THR G 37 -23.51 -49.74 -39.20
C THR G 37 -22.83 -48.86 -38.19
N PHE G 38 -23.45 -47.72 -37.92
CA PHE G 38 -22.93 -46.76 -36.96
C PHE G 38 -22.77 -47.40 -35.60
N GLU G 39 -23.83 -48.05 -35.16
CA GLU G 39 -23.85 -48.72 -33.87
C GLU G 39 -22.67 -49.68 -33.71
N ALA G 40 -22.44 -50.50 -34.72
CA ALA G 40 -21.35 -51.45 -34.67
C ALA G 40 -20.00 -50.77 -34.51
N ALA G 41 -19.74 -49.77 -35.34
CA ALA G 41 -18.47 -49.05 -35.29
C ALA G 41 -18.27 -48.31 -33.97
N PHE G 42 -19.35 -47.71 -33.47
CA PHE G 42 -19.29 -46.96 -32.23
C PHE G 42 -19.08 -47.80 -30.98
N THR G 43 -19.72 -48.98 -30.95
CA THR G 43 -19.60 -49.86 -29.80
C THR G 43 -18.15 -50.24 -29.52
N VAL G 44 -17.39 -50.44 -30.58
CA VAL G 44 -15.98 -50.78 -30.44
C VAL G 44 -15.21 -49.66 -29.74
N SER G 45 -15.08 -48.53 -30.42
CA SER G 45 -14.36 -47.38 -29.88
C SER G 45 -14.86 -46.89 -28.52
N SER G 46 -16.15 -47.07 -28.23
CA SER G 46 -16.70 -46.61 -26.95
C SER G 46 -16.03 -47.28 -25.77
N LYS G 47 -15.91 -48.60 -25.84
CA LYS G 47 -15.30 -49.36 -24.76
C LYS G 47 -13.93 -48.85 -24.38
N ARG G 48 -13.11 -48.54 -25.38
CA ARG G 48 -11.79 -48.02 -25.09
C ARG G 48 -11.94 -46.75 -24.27
N ASN G 49 -12.75 -45.82 -24.79
CA ASN G 49 -12.97 -44.55 -24.12
C ASN G 49 -13.46 -44.73 -22.70
N LEU G 50 -14.41 -45.64 -22.50
CA LEU G 50 -14.93 -45.86 -21.16
C LEU G 50 -13.84 -46.37 -20.23
N ALA G 51 -12.99 -47.25 -20.74
CA ALA G 51 -11.91 -47.81 -19.95
C ALA G 51 -10.91 -46.71 -19.54
N ASP G 52 -10.59 -45.84 -20.48
CA ASP G 52 -9.67 -44.73 -20.21
C ASP G 52 -10.26 -43.88 -19.10
N ALA G 53 -11.57 -43.70 -19.13
CA ALA G 53 -12.25 -42.92 -18.12
C ALA G 53 -12.12 -43.60 -16.77
N VAL G 54 -12.37 -44.90 -16.73
CA VAL G 54 -12.28 -45.64 -15.48
C VAL G 54 -10.97 -45.43 -14.73
N SER G 55 -9.87 -45.27 -15.46
CA SER G 55 -8.59 -45.08 -14.78
C SER G 55 -8.08 -43.63 -14.74
N LYS G 56 -8.52 -42.79 -15.66
CA LYS G 56 -8.05 -41.40 -15.68
C LYS G 56 -9.02 -40.42 -15.03
N ALA G 57 -10.32 -40.70 -15.14
CA ALA G 57 -11.33 -39.81 -14.56
C ALA G 57 -12.61 -40.59 -14.25
N PRO G 58 -12.60 -41.38 -13.18
CA PRO G 58 -13.76 -42.18 -12.77
C PRO G 58 -15.09 -41.42 -12.63
N GLN G 59 -15.05 -40.22 -12.07
CA GLN G 59 -16.29 -39.46 -11.90
C GLN G 59 -17.01 -39.26 -13.23
N LEU G 60 -16.26 -39.29 -14.32
CA LEU G 60 -16.83 -39.08 -15.64
C LEU G 60 -17.55 -40.32 -16.17
N VAL G 61 -17.25 -41.49 -15.62
CA VAL G 61 -17.87 -42.73 -16.08
C VAL G 61 -19.38 -42.72 -16.03
N PRO G 62 -19.96 -42.50 -14.84
CA PRO G 62 -21.43 -42.50 -14.77
C PRO G 62 -22.06 -41.44 -15.68
N LYS G 63 -21.39 -40.32 -15.87
CA LYS G 63 -21.93 -39.28 -16.75
C LYS G 63 -21.94 -39.84 -18.16
N LEU G 64 -20.82 -40.42 -18.56
CA LEU G 64 -20.69 -41.02 -19.89
C LEU G 64 -21.76 -42.10 -20.08
N ASP G 65 -21.96 -42.91 -19.06
CA ASP G 65 -22.96 -43.95 -19.16
C ASP G 65 -24.30 -43.30 -19.45
N GLU G 66 -24.58 -42.17 -18.82
CA GLU G 66 -25.85 -41.48 -19.02
C GLU G 66 -26.02 -41.07 -20.48
N VAL G 67 -25.02 -40.42 -21.04
CA VAL G 67 -25.12 -39.97 -22.41
C VAL G 67 -25.37 -41.18 -23.29
N TYR G 68 -24.59 -42.24 -23.08
CA TYR G 68 -24.79 -43.42 -23.89
C TYR G 68 -26.24 -43.87 -23.75
N ASN G 69 -26.71 -44.04 -22.51
CA ASN G 69 -28.08 -44.48 -22.31
C ASN G 69 -29.06 -43.54 -22.99
N ALA G 70 -28.83 -42.25 -22.84
CA ALA G 70 -29.68 -41.24 -23.47
C ALA G 70 -29.89 -41.55 -24.94
N ALA G 71 -28.81 -41.73 -25.68
CA ALA G 71 -28.91 -42.02 -27.11
C ALA G 71 -29.47 -43.43 -27.44
N TYR G 72 -29.02 -44.47 -26.75
CA TYR G 72 -29.53 -45.80 -27.04
C TYR G 72 -31.02 -45.90 -26.76
N ASN G 73 -31.44 -45.21 -25.71
CA ASN G 73 -32.83 -45.24 -25.39
C ASN G 73 -33.67 -44.43 -26.34
N ALA G 74 -33.17 -43.30 -26.79
CA ALA G 74 -33.93 -42.50 -27.73
C ALA G 74 -34.16 -43.30 -29.02
N ALA G 75 -33.09 -43.91 -29.54
CA ALA G 75 -33.20 -44.68 -30.78
C ALA G 75 -34.02 -45.94 -30.57
N ASP G 76 -33.89 -46.54 -29.40
CA ASP G 76 -34.58 -47.77 -29.05
C ASP G 76 -36.09 -47.62 -29.24
N HIS G 77 -36.63 -46.45 -28.89
CA HIS G 77 -38.07 -46.21 -29.00
C HIS G 77 -38.49 -45.49 -30.29
N ALA G 78 -37.55 -45.29 -31.21
CA ALA G 78 -37.87 -44.60 -32.46
C ALA G 78 -38.15 -45.58 -33.59
N ALA G 79 -38.90 -45.14 -34.58
CA ALA G 79 -39.19 -45.98 -35.73
C ALA G 79 -37.87 -46.21 -36.44
N PRO G 80 -37.66 -47.40 -37.02
CA PRO G 80 -36.43 -47.77 -37.73
C PRO G 80 -35.81 -46.62 -38.54
N GLU G 81 -36.66 -45.98 -39.32
CA GLU G 81 -36.27 -44.87 -40.17
C GLU G 81 -35.66 -43.68 -39.40
N ASP G 82 -36.03 -43.51 -38.14
CA ASP G 82 -35.54 -42.40 -37.32
C ASP G 82 -34.43 -42.75 -36.31
N LYS G 83 -34.25 -44.04 -36.05
CA LYS G 83 -33.27 -44.46 -35.07
C LYS G 83 -31.92 -43.78 -35.14
N TYR G 84 -31.28 -43.81 -36.30
CA TYR G 84 -29.96 -43.19 -36.43
C TYR G 84 -29.97 -41.72 -36.04
N GLU G 85 -30.90 -40.97 -36.62
CA GLU G 85 -30.99 -39.56 -36.33
C GLU G 85 -31.30 -39.31 -34.84
N ALA G 86 -32.17 -40.15 -34.27
CA ALA G 86 -32.54 -40.03 -32.88
C ALA G 86 -31.32 -40.18 -31.97
N PHE G 87 -30.46 -41.15 -32.29
CA PHE G 87 -29.27 -41.43 -31.51
C PHE G 87 -28.28 -40.27 -31.59
N VAL G 88 -27.90 -39.91 -32.82
CA VAL G 88 -26.96 -38.82 -33.03
C VAL G 88 -27.40 -37.52 -32.34
N LEU G 89 -28.64 -37.11 -32.57
CA LEU G 89 -29.16 -35.90 -31.96
C LEU G 89 -29.04 -35.91 -30.44
N HIS G 90 -29.53 -36.97 -29.82
CA HIS G 90 -29.49 -37.05 -28.37
C HIS G 90 -28.08 -37.25 -27.81
N PHE G 91 -27.23 -37.92 -28.56
CA PHE G 91 -25.88 -38.13 -28.08
C PHE G 91 -25.09 -36.82 -28.08
N SER G 92 -25.10 -36.14 -29.22
CA SER G 92 -24.36 -34.89 -29.34
C SER G 92 -24.80 -33.89 -28.27
N GLU G 93 -26.11 -33.75 -28.06
CA GLU G 93 -26.58 -32.81 -27.04
C GLU G 93 -26.22 -33.27 -25.64
N ALA G 94 -26.48 -34.54 -25.33
CA ALA G 94 -26.17 -35.05 -24.00
C ALA G 94 -24.69 -34.88 -23.69
N LEU G 95 -23.84 -35.09 -24.68
CA LEU G 95 -22.41 -34.93 -24.47
C LEU G 95 -22.08 -33.45 -24.21
N ARG G 96 -22.74 -32.55 -24.93
CA ARG G 96 -22.48 -31.13 -24.72
C ARG G 96 -22.89 -30.72 -23.30
N ILE G 97 -23.99 -31.28 -22.83
CA ILE G 97 -24.45 -30.97 -21.49
C ILE G 97 -23.43 -31.45 -20.49
N ILE G 98 -23.01 -32.70 -20.62
CA ILE G 98 -22.02 -33.28 -19.72
C ILE G 98 -20.74 -32.46 -19.76
N ALA G 99 -20.43 -31.90 -20.93
CA ALA G 99 -19.21 -31.10 -21.08
C ALA G 99 -19.34 -29.68 -20.52
N GLY G 100 -20.55 -29.25 -20.21
CA GLY G 100 -20.71 -27.90 -19.71
C GLY G 100 -20.76 -26.91 -20.84
N THR G 101 -21.05 -27.38 -22.04
CA THR G 101 -21.17 -26.51 -23.20
C THR G 101 -22.53 -25.82 -23.16
N PRO G 102 -22.53 -24.48 -23.11
CA PRO G 102 -23.77 -23.70 -23.06
C PRO G 102 -24.73 -23.83 -24.23
N GLU G 103 -24.22 -23.85 -25.47
CA GLU G 103 -25.12 -23.96 -26.60
C GLU G 103 -25.26 -25.44 -26.88
N VAL G 104 -26.27 -26.10 -26.32
CA VAL G 104 -26.38 -27.52 -26.58
C VAL G 104 -27.18 -27.86 -27.83
N HIS G 105 -27.84 -26.89 -28.45
CA HIS G 105 -28.62 -27.21 -29.65
C HIS G 105 -27.95 -27.07 -31.03
N ALA G 106 -27.73 -25.86 -31.53
CA ALA G 106 -27.13 -25.75 -32.87
C ALA G 106 -26.67 -24.38 -33.39
N VAL G 107 -26.32 -24.40 -34.68
CA VAL G 107 -25.83 -23.23 -35.43
C VAL G 107 -26.69 -23.06 -36.71
N ALA H 4 -9.04 -52.23 -1.94
CA ALA H 4 -8.68 -52.95 -3.17
C ALA H 4 -9.88 -53.66 -3.79
N THR H 5 -9.92 -54.99 -3.61
CA THR H 5 -10.99 -55.83 -4.16
C THR H 5 -12.06 -56.00 -3.08
N THR H 6 -11.70 -55.63 -1.86
CA THR H 6 -12.59 -55.73 -0.71
C THR H 6 -13.67 -54.70 -0.85
N GLU H 7 -13.25 -53.51 -1.27
CA GLU H 7 -14.17 -52.40 -1.43
C GLU H 7 -15.27 -52.78 -2.42
N GLU H 8 -14.88 -53.44 -3.50
CA GLU H 8 -15.82 -53.85 -4.53
C GLU H 8 -16.84 -54.82 -3.93
N GLN H 9 -16.36 -55.83 -3.19
CA GLN H 9 -17.24 -56.81 -2.57
C GLN H 9 -18.27 -56.10 -1.69
N LYS H 10 -17.77 -55.26 -0.78
CA LYS H 10 -18.63 -54.54 0.13
C LYS H 10 -19.69 -53.74 -0.62
N LEU H 11 -19.29 -53.06 -1.69
CA LEU H 11 -20.25 -52.29 -2.47
C LEU H 11 -21.32 -53.17 -3.07
N ILE H 12 -20.95 -54.36 -3.53
CA ILE H 12 -21.93 -55.27 -4.10
C ILE H 12 -22.95 -55.61 -3.01
N GLU H 13 -22.46 -55.82 -1.79
CA GLU H 13 -23.33 -56.14 -0.66
C GLU H 13 -24.34 -55.01 -0.46
N ASP H 14 -23.84 -53.78 -0.47
CA ASP H 14 -24.68 -52.62 -0.29
C ASP H 14 -25.75 -52.55 -1.36
N VAL H 15 -25.33 -52.68 -2.62
CA VAL H 15 -26.27 -52.64 -3.72
C VAL H 15 -27.37 -53.66 -3.50
N ASN H 16 -26.99 -54.91 -3.24
CA ASN H 16 -27.98 -55.95 -3.02
C ASN H 16 -28.90 -55.57 -1.88
N ALA H 17 -28.34 -55.00 -0.82
CA ALA H 17 -29.12 -54.59 0.32
C ALA H 17 -30.19 -53.57 -0.09
N SER H 18 -29.76 -52.54 -0.83
CA SER H 18 -30.68 -51.51 -1.30
C SER H 18 -31.77 -52.14 -2.18
N PHE H 19 -31.34 -53.06 -3.04
CA PHE H 19 -32.24 -53.76 -3.95
C PHE H 19 -33.30 -54.52 -3.17
N ARG H 20 -32.84 -55.36 -2.25
CA ARG H 20 -33.71 -56.17 -1.43
C ARG H 20 -34.67 -55.30 -0.60
N ALA H 21 -34.17 -54.17 -0.11
CA ALA H 21 -35.00 -53.28 0.68
C ALA H 21 -36.11 -52.68 -0.18
N ALA H 22 -35.74 -52.22 -1.38
CA ALA H 22 -36.73 -51.64 -2.28
C ALA H 22 -37.79 -52.70 -2.57
N MET H 23 -37.35 -53.93 -2.82
CA MET H 23 -38.30 -55.00 -3.11
C MET H 23 -39.31 -55.09 -1.98
N ALA H 24 -38.82 -54.96 -0.75
CA ALA H 24 -39.67 -55.04 0.43
C ALA H 24 -40.77 -53.97 0.41
N THR H 25 -40.45 -52.81 -0.12
CA THR H 25 -41.41 -51.72 -0.22
C THR H 25 -42.65 -52.15 -0.99
N THR H 26 -42.47 -53.17 -1.81
CA THR H 26 -43.51 -53.71 -2.67
C THR H 26 -44.46 -54.71 -2.02
N ALA H 27 -44.10 -55.21 -0.86
CA ALA H 27 -44.91 -56.20 -0.18
C ALA H 27 -46.41 -55.95 -0.16
N ASN H 28 -46.85 -54.96 0.63
CA ASN H 28 -48.28 -54.67 0.78
C ASN H 28 -49.06 -53.95 -0.34
N VAL H 29 -48.38 -53.58 -1.43
CA VAL H 29 -49.07 -52.93 -2.54
C VAL H 29 -49.54 -54.00 -3.54
N PRO H 30 -50.65 -53.73 -4.26
CA PRO H 30 -51.13 -54.71 -5.23
C PRO H 30 -50.25 -54.69 -6.48
N PRO H 31 -50.05 -55.86 -7.11
CA PRO H 31 -49.23 -56.02 -8.32
C PRO H 31 -49.09 -54.79 -9.24
N ALA H 32 -50.20 -54.33 -9.78
CA ALA H 32 -50.21 -53.19 -10.68
C ALA H 32 -49.41 -52.01 -10.14
N ASP H 33 -49.17 -52.00 -8.84
CA ASP H 33 -48.41 -50.91 -8.21
C ASP H 33 -47.01 -51.35 -7.77
N LYS H 34 -46.78 -52.65 -7.73
CA LYS H 34 -45.50 -53.17 -7.30
C LYS H 34 -44.32 -52.53 -8.00
N TYR H 35 -44.29 -52.61 -9.32
CA TYR H 35 -43.17 -52.03 -10.06
C TYR H 35 -42.92 -50.56 -9.78
N LYS H 36 -43.91 -49.72 -10.04
CA LYS H 36 -43.74 -48.29 -9.82
C LYS H 36 -43.17 -47.98 -8.44
N THR H 37 -43.73 -48.64 -7.42
CA THR H 37 -43.31 -48.44 -6.04
C THR H 37 -41.85 -48.82 -5.83
N PHE H 38 -41.52 -50.04 -6.26
CA PHE H 38 -40.17 -50.55 -6.14
C PHE H 38 -39.18 -49.62 -6.82
N GLU H 39 -39.50 -49.28 -8.07
CA GLU H 39 -38.66 -48.43 -8.88
C GLU H 39 -38.33 -47.13 -8.17
N ALA H 40 -39.34 -46.50 -7.60
CA ALA H 40 -39.15 -45.24 -6.90
C ALA H 40 -38.20 -45.39 -5.73
N ALA H 41 -38.44 -46.41 -4.91
CA ALA H 41 -37.61 -46.64 -3.74
C ALA H 41 -36.17 -46.96 -4.10
N PHE H 42 -36.01 -47.79 -5.13
CA PHE H 42 -34.70 -48.21 -5.58
C PHE H 42 -33.86 -47.10 -6.22
N THR H 43 -34.51 -46.23 -7.00
CA THR H 43 -33.80 -45.13 -7.66
C THR H 43 -33.05 -44.25 -6.67
N VAL H 44 -33.65 -44.03 -5.51
CA VAL H 44 -33.03 -43.21 -4.48
C VAL H 44 -31.75 -43.86 -3.99
N SER H 45 -31.87 -45.00 -3.33
CA SER H 45 -30.72 -45.72 -2.79
C SER H 45 -29.64 -46.07 -3.82
N SER H 46 -30.03 -46.29 -5.06
CA SER H 46 -29.05 -46.63 -6.10
C SER H 46 -28.00 -45.55 -6.30
N LYS H 47 -28.45 -44.31 -6.39
CA LYS H 47 -27.53 -43.20 -6.60
C LYS H 47 -26.44 -43.14 -5.54
N ARG H 48 -26.81 -43.33 -4.29
CA ARG H 48 -25.82 -43.30 -3.22
C ARG H 48 -24.79 -44.37 -3.53
N ASN H 49 -25.25 -45.59 -3.76
CA ASN H 49 -24.37 -46.72 -4.06
C ASN H 49 -23.44 -46.42 -5.22
N LEU H 50 -24.01 -45.91 -6.32
CA LEU H 50 -23.20 -45.60 -7.48
C LEU H 50 -22.11 -44.56 -7.15
N ALA H 51 -22.47 -43.57 -6.34
CA ALA H 51 -21.53 -42.53 -5.95
C ALA H 51 -20.38 -43.12 -5.13
N ASP H 52 -20.74 -44.00 -4.20
CA ASP H 52 -19.74 -44.66 -3.35
C ASP H 52 -18.77 -45.41 -4.26
N ALA H 53 -19.31 -46.03 -5.30
CA ALA H 53 -18.49 -46.80 -6.23
C ALA H 53 -17.53 -45.87 -6.96
N VAL H 54 -18.04 -44.74 -7.43
CA VAL H 54 -17.22 -43.78 -8.15
C VAL H 54 -15.95 -43.38 -7.40
N SER H 55 -16.01 -43.31 -6.08
CA SER H 55 -14.83 -42.93 -5.31
C SER H 55 -14.07 -44.07 -4.65
N LYS H 56 -14.74 -45.18 -4.35
CA LYS H 56 -14.09 -46.31 -3.70
C LYS H 56 -13.64 -47.42 -4.67
N ALA H 57 -14.39 -47.62 -5.74
CA ALA H 57 -14.06 -48.65 -6.71
C ALA H 57 -14.62 -48.32 -8.09
N PRO H 58 -13.99 -47.35 -8.78
CA PRO H 58 -14.44 -46.93 -10.12
C PRO H 58 -14.64 -48.04 -11.16
N GLN H 59 -13.77 -49.05 -11.18
CA GLN H 59 -13.92 -50.12 -12.16
C GLN H 59 -15.26 -50.82 -12.04
N LEU H 60 -15.85 -50.73 -10.85
CA LEU H 60 -17.14 -51.36 -10.59
C LEU H 60 -18.32 -50.56 -11.16
N VAL H 61 -18.10 -49.28 -11.42
CA VAL H 61 -19.18 -48.45 -11.94
C VAL H 61 -19.80 -48.95 -13.22
N PRO H 62 -19.00 -49.12 -14.28
CA PRO H 62 -19.59 -49.61 -15.54
C PRO H 62 -20.28 -50.96 -15.40
N LYS H 63 -19.77 -51.80 -14.50
CA LYS H 63 -20.39 -53.11 -14.31
C LYS H 63 -21.75 -52.88 -13.72
N LEU H 64 -21.79 -52.06 -12.68
CA LEU H 64 -23.03 -51.74 -11.99
C LEU H 64 -24.01 -51.14 -12.98
N ASP H 65 -23.50 -50.30 -13.87
CA ASP H 65 -24.34 -49.67 -14.86
C ASP H 65 -24.93 -50.70 -15.81
N GLU H 66 -24.27 -51.86 -15.93
CA GLU H 66 -24.74 -52.94 -16.79
C GLU H 66 -25.92 -53.68 -16.14
N VAL H 67 -25.81 -54.00 -14.85
CA VAL H 67 -26.90 -54.71 -14.19
C VAL H 67 -28.14 -53.83 -14.22
N TYR H 68 -27.98 -52.57 -13.85
CA TYR H 68 -29.11 -51.64 -13.89
C TYR H 68 -29.67 -51.66 -15.31
N ASN H 69 -28.81 -51.42 -16.31
CA ASN H 69 -29.29 -51.41 -17.68
C ASN H 69 -30.05 -52.68 -17.99
N ALA H 70 -29.42 -53.81 -17.72
CA ALA H 70 -30.05 -55.10 -17.95
C ALA H 70 -31.47 -55.11 -17.38
N ALA H 71 -31.60 -54.78 -16.09
CA ALA H 71 -32.89 -54.77 -15.42
C ALA H 71 -33.88 -53.79 -16.02
N TYR H 72 -33.54 -52.50 -16.00
CA TYR H 72 -34.46 -51.52 -16.53
C TYR H 72 -34.90 -51.82 -17.95
N ASN H 73 -33.99 -52.36 -18.76
CA ASN H 73 -34.35 -52.69 -20.11
C ASN H 73 -35.26 -53.90 -20.21
N ALA H 74 -35.05 -54.89 -19.36
CA ALA H 74 -35.89 -56.06 -19.38
C ALA H 74 -37.34 -55.67 -19.05
N ALA H 75 -37.52 -54.86 -18.01
CA ALA H 75 -38.84 -54.43 -17.61
C ALA H 75 -39.47 -53.48 -18.63
N ASP H 76 -38.61 -52.65 -19.21
CA ASP H 76 -39.02 -51.67 -20.20
C ASP H 76 -39.79 -52.32 -21.35
N HIS H 77 -39.35 -53.50 -21.77
CA HIS H 77 -39.98 -54.20 -22.88
C HIS H 77 -40.99 -55.24 -22.42
N ALA H 78 -41.28 -55.32 -21.13
CA ALA H 78 -42.24 -56.31 -20.64
C ALA H 78 -43.63 -55.71 -20.46
N ALA H 79 -44.65 -56.56 -20.51
CA ALA H 79 -46.02 -56.10 -20.32
C ALA H 79 -46.11 -55.61 -18.87
N PRO H 80 -46.90 -54.56 -18.63
CA PRO H 80 -47.08 -53.97 -17.29
C PRO H 80 -47.11 -54.99 -16.16
N GLU H 81 -47.91 -56.02 -16.36
CA GLU H 81 -48.08 -57.10 -15.39
C GLU H 81 -46.78 -57.86 -15.08
N ASP H 82 -45.83 -57.87 -16.01
CA ASP H 82 -44.57 -58.59 -15.81
C ASP H 82 -43.36 -57.71 -15.47
N LYS H 83 -43.48 -56.41 -15.69
CA LYS H 83 -42.38 -55.51 -15.44
C LYS H 83 -41.61 -55.75 -14.13
N TYR H 84 -42.30 -55.73 -13.00
CA TYR H 84 -41.63 -55.91 -11.71
C TYR H 84 -40.81 -57.20 -11.66
N GLU H 85 -41.45 -58.31 -11.99
CA GLU H 85 -40.77 -59.59 -11.98
C GLU H 85 -39.60 -59.61 -12.97
N ALA H 86 -39.79 -58.98 -14.13
CA ALA H 86 -38.76 -58.95 -15.15
C ALA H 86 -37.51 -58.24 -14.63
N PHE H 87 -37.73 -57.12 -13.92
CA PHE H 87 -36.64 -56.35 -13.36
C PHE H 87 -35.90 -57.14 -12.29
N VAL H 88 -36.63 -57.58 -11.27
CA VAL H 88 -36.04 -58.34 -10.19
C VAL H 88 -35.23 -59.54 -10.67
N LEU H 89 -35.83 -60.34 -11.54
CA LEU H 89 -35.16 -61.51 -12.07
C LEU H 89 -33.84 -61.15 -12.74
N HIS H 90 -33.88 -60.23 -13.68
CA HIS H 90 -32.67 -59.84 -14.39
C HIS H 90 -31.63 -59.12 -13.53
N PHE H 91 -32.09 -58.35 -12.55
CA PHE H 91 -31.16 -57.63 -11.70
C PHE H 91 -30.40 -58.59 -10.80
N SER H 92 -31.14 -59.49 -10.17
CA SER H 92 -30.53 -60.43 -9.28
C SER H 92 -29.46 -61.28 -9.98
N GLU H 93 -29.78 -61.80 -11.17
CA GLU H 93 -28.84 -62.63 -11.90
C GLU H 93 -27.65 -61.83 -12.39
N ALA H 94 -27.90 -60.68 -13.00
CA ALA H 94 -26.81 -59.85 -13.51
C ALA H 94 -25.83 -59.49 -12.40
N LEU H 95 -26.35 -59.22 -11.20
CA LEU H 95 -25.49 -58.87 -10.10
C LEU H 95 -24.65 -60.09 -9.68
N ARG H 96 -25.26 -61.28 -9.70
CA ARG H 96 -24.52 -62.49 -9.33
C ARG H 96 -23.40 -62.75 -10.34
N ILE H 97 -23.66 -62.46 -11.60
CA ILE H 97 -22.65 -62.66 -12.62
C ILE H 97 -21.52 -61.68 -12.35
N ILE H 98 -21.85 -60.41 -12.16
CA ILE H 98 -20.84 -59.40 -11.89
C ILE H 98 -20.04 -59.74 -10.64
N ALA H 99 -20.68 -60.41 -9.69
CA ALA H 99 -20.01 -60.80 -8.45
C ALA H 99 -19.17 -62.06 -8.60
N GLY H 100 -19.31 -62.76 -9.70
CA GLY H 100 -18.54 -63.99 -9.88
C GLY H 100 -19.18 -65.15 -9.14
N THR H 101 -20.47 -65.03 -8.86
CA THR H 101 -21.21 -66.09 -8.19
C THR H 101 -21.56 -67.14 -9.24
N PRO H 102 -21.10 -68.38 -9.04
CA PRO H 102 -21.34 -69.50 -9.96
C PRO H 102 -22.81 -69.91 -10.18
N GLU H 103 -23.60 -69.96 -9.12
CA GLU H 103 -25.00 -70.34 -9.29
C GLU H 103 -25.79 -69.06 -9.52
N VAL H 104 -25.97 -68.65 -10.78
CA VAL H 104 -26.69 -67.42 -11.01
C VAL H 104 -28.21 -67.58 -11.09
N HIS H 105 -28.70 -68.81 -11.17
CA HIS H 105 -30.14 -68.98 -11.25
C HIS H 105 -30.95 -69.14 -9.95
N ALA H 106 -30.90 -70.31 -9.31
CA ALA H 106 -31.70 -70.45 -8.08
C ALA H 106 -31.43 -71.67 -7.17
N VAL H 107 -32.21 -71.75 -6.07
CA VAL H 107 -32.08 -72.82 -5.08
C VAL H 107 -33.39 -73.62 -4.93
N ALA I 4 12.87 24.28 14.73
CA ALA I 4 13.90 23.27 14.95
C ALA I 4 15.28 23.82 14.53
N THR I 5 15.94 23.05 13.69
CA THR I 5 17.25 23.40 13.11
C THR I 5 16.99 24.56 12.16
N THR I 6 15.70 24.81 11.90
CA THR I 6 15.27 25.88 11.01
C THR I 6 15.55 27.21 11.68
N GLU I 7 15.23 27.26 12.97
CA GLU I 7 15.41 28.46 13.75
C GLU I 7 16.87 28.90 13.70
N GLU I 8 17.76 27.93 13.80
CA GLU I 8 19.19 28.20 13.77
C GLU I 8 19.56 28.82 12.43
N GLN I 9 19.12 28.21 11.34
CA GLN I 9 19.40 28.73 10.00
C GLN I 9 18.95 30.17 9.88
N LYS I 10 17.69 30.42 10.20
CA LYS I 10 17.12 31.75 10.12
C LYS I 10 17.95 32.76 10.90
N LEU I 11 18.37 32.39 12.11
CA LEU I 11 19.16 33.29 12.93
C LEU I 11 20.49 33.61 12.26
N ILE I 12 21.11 32.61 11.61
CA ILE I 12 22.37 32.86 10.94
C ILE I 12 22.12 33.89 9.84
N GLU I 13 20.97 33.79 9.16
CA GLU I 13 20.62 34.72 8.09
C GLU I 13 20.55 36.12 8.67
N ASP I 14 19.86 36.25 9.79
CA ASP I 14 19.72 37.54 10.45
C ASP I 14 21.08 38.11 10.81
N VAL I 15 21.92 37.30 11.44
CA VAL I 15 23.23 37.74 11.84
C VAL I 15 23.96 38.29 10.64
N ASN I 16 23.99 37.52 9.56
CA ASN I 16 24.70 37.96 8.37
C ASN I 16 24.13 39.27 7.86
N ALA I 17 22.81 39.39 7.90
CA ALA I 17 22.12 40.60 7.45
C ALA I 17 22.60 41.80 8.26
N SER I 18 22.62 41.67 9.58
CA SER I 18 23.08 42.73 10.47
C SER I 18 24.52 43.10 10.16
N PHE I 19 25.32 42.06 9.94
CA PHE I 19 26.73 42.20 9.62
C PHE I 19 26.90 43.01 8.33
N ARG I 20 26.27 42.53 7.27
CA ARG I 20 26.35 43.17 5.97
C ARG I 20 25.84 44.61 6.02
N ALA I 21 24.80 44.84 6.82
CA ALA I 21 24.26 46.19 6.94
C ALA I 21 25.27 47.12 7.62
N ALA I 22 25.86 46.66 8.71
CA ALA I 22 26.85 47.48 9.42
C ALA I 22 27.99 47.78 8.45
N MET I 23 28.41 46.78 7.67
CA MET I 23 29.48 47.00 6.71
C MET I 23 29.11 48.18 5.81
N ALA I 24 27.86 48.20 5.38
CA ALA I 24 27.36 49.25 4.50
C ALA I 24 27.56 50.64 5.12
N THR I 25 27.36 50.74 6.43
CA THR I 25 27.53 52.00 7.14
C THR I 25 28.92 52.59 6.89
N THR I 26 29.84 51.72 6.52
CA THR I 26 31.22 52.08 6.29
C THR I 26 31.57 52.62 4.90
N ALA I 27 30.70 52.39 3.92
CA ALA I 27 30.97 52.83 2.54
C ALA I 27 31.60 54.20 2.30
N ASN I 28 31.05 55.23 2.94
CA ASN I 28 31.53 56.59 2.75
C ASN I 28 32.44 57.15 3.83
N VAL I 29 33.02 56.28 4.66
CA VAL I 29 33.92 56.77 5.68
C VAL I 29 35.33 56.39 5.25
N PRO I 30 36.30 57.29 5.45
CA PRO I 30 37.67 56.99 5.06
C PRO I 30 38.25 56.04 6.11
N PRO I 31 39.38 55.39 5.80
CA PRO I 31 40.10 54.43 6.66
C PRO I 31 40.12 54.66 8.17
N ALA I 32 40.62 55.81 8.59
CA ALA I 32 40.74 56.15 10.00
C ALA I 32 39.50 55.94 10.87
N ASP I 33 38.32 56.09 10.27
CA ASP I 33 37.06 55.95 11.00
C ASP I 33 36.30 54.67 10.74
N LYS I 34 36.65 53.99 9.65
CA LYS I 34 35.97 52.77 9.25
C LYS I 34 35.72 51.71 10.31
N TYR I 35 36.74 51.33 11.06
CA TYR I 35 36.50 50.29 12.05
C TYR I 35 35.52 50.66 13.14
N LYS I 36 35.72 51.82 13.75
CA LYS I 36 34.84 52.27 14.81
C LYS I 36 33.42 52.45 14.33
N THR I 37 33.28 53.00 13.14
CA THR I 37 31.94 53.22 12.61
C THR I 37 31.22 51.89 12.53
N PHE I 38 31.84 50.93 11.84
CA PHE I 38 31.27 49.62 11.67
C PHE I 38 30.98 48.97 13.02
N GLU I 39 31.99 48.99 13.88
CA GLU I 39 31.90 48.41 15.20
C GLU I 39 30.68 48.93 15.95
N ALA I 40 30.52 50.25 15.94
CA ALA I 40 29.41 50.87 16.65
C ALA I 40 28.06 50.36 16.12
N ALA I 41 27.89 50.40 14.81
CA ALA I 41 26.65 49.97 14.19
C ALA I 41 26.35 48.49 14.44
N PHE I 42 27.39 47.68 14.37
CA PHE I 42 27.24 46.25 14.56
C PHE I 42 26.93 45.84 15.98
N THR I 43 27.53 46.51 16.96
CA THR I 43 27.30 46.17 18.36
C THR I 43 25.83 46.26 18.72
N VAL I 44 25.15 47.24 18.16
CA VAL I 44 23.72 47.42 18.43
C VAL I 44 22.95 46.21 17.95
N SER I 45 22.88 46.03 16.63
CA SER I 45 22.16 44.91 16.04
C SER I 45 22.56 43.53 16.54
N SER I 46 23.82 43.36 16.92
CA SER I 46 24.27 42.06 17.42
C SER I 46 23.51 41.61 18.64
N LYS I 47 23.35 42.49 19.61
CA LYS I 47 22.65 42.16 20.84
C LYS I 47 21.26 41.61 20.59
N ARG I 48 20.53 42.24 19.67
CA ARG I 48 19.20 41.76 19.36
C ARG I 48 19.29 40.33 18.88
N ASN I 49 20.16 40.10 17.90
CA ASN I 49 20.37 38.77 17.35
C ASN I 49 20.72 37.76 18.42
N LEU I 50 21.66 38.10 19.30
CA LEU I 50 22.06 37.18 20.36
C LEU I 50 20.90 36.85 21.27
N ALA I 51 20.06 37.85 21.58
CA ALA I 51 18.89 37.63 22.45
C ALA I 51 17.90 36.68 21.78
N ASP I 52 17.67 36.87 20.48
CA ASP I 52 16.76 36.01 19.73
C ASP I 52 17.27 34.58 19.83
N ALA I 53 18.58 34.42 19.73
CA ALA I 53 19.18 33.10 19.81
C ALA I 53 18.93 32.49 21.16
N VAL I 54 19.15 33.26 22.22
CA VAL I 54 18.95 32.77 23.57
C VAL I 54 17.58 32.14 23.80
N SER I 55 16.55 32.64 23.13
CA SER I 55 15.22 32.06 23.33
C SER I 55 14.75 31.14 22.20
N LYS I 56 15.27 31.31 20.99
CA LYS I 56 14.83 30.47 19.87
C LYS I 56 15.78 29.29 19.59
N ALA I 57 17.07 29.49 19.83
CA ALA I 57 18.05 28.44 19.56
C ALA I 57 19.28 28.61 20.43
N PRO I 58 19.16 28.28 21.73
CA PRO I 58 20.27 28.41 22.68
C PRO I 58 21.60 27.75 22.28
N GLN I 59 21.55 26.57 21.67
CA GLN I 59 22.79 25.91 21.28
C GLN I 59 23.61 26.77 20.34
N LEU I 60 22.95 27.66 19.62
CA LEU I 60 23.62 28.54 18.68
C LEU I 60 24.36 29.69 19.36
N VAL I 61 23.98 30.02 20.59
CA VAL I 61 24.62 31.12 21.30
C VAL I 61 26.12 31.00 21.41
N PRO I 62 26.62 29.94 22.03
CA PRO I 62 28.07 29.80 22.16
C PRO I 62 28.80 29.80 20.83
N LYS I 63 28.16 29.28 19.79
CA LYS I 63 28.78 29.27 18.47
C LYS I 63 28.90 30.71 18.00
N LEU I 64 27.82 31.45 18.15
CA LEU I 64 27.78 32.86 17.78
C LEU I 64 28.83 33.65 18.55
N ASP I 65 28.99 33.34 19.83
CA ASP I 65 29.96 34.03 20.66
C ASP I 65 31.33 33.74 20.06
N GLU I 66 31.49 32.54 19.51
CA GLU I 66 32.75 32.16 18.89
C GLU I 66 33.03 33.00 17.65
N VAL I 67 32.06 33.15 16.75
CA VAL I 67 32.31 33.91 15.54
C VAL I 67 32.59 35.35 15.87
N TYR I 68 31.86 35.90 16.84
CA TYR I 68 32.10 37.28 17.25
C TYR I 68 33.53 37.36 17.81
N ASN I 69 33.86 36.42 18.70
CA ASN I 69 35.18 36.40 19.30
C ASN I 69 36.29 36.36 18.25
N ALA I 70 36.14 35.50 17.25
CA ALA I 70 37.12 35.40 16.18
C ALA I 70 37.35 36.76 15.54
N ALA I 71 36.26 37.42 15.17
CA ALA I 71 36.34 38.73 14.52
C ALA I 71 36.91 39.82 15.43
N TYR I 72 36.44 39.92 16.67
CA TYR I 72 36.95 40.95 17.56
C TYR I 72 38.42 40.73 17.89
N ASN I 73 38.80 39.48 18.09
CA ASN I 73 40.17 39.20 18.42
C ASN I 73 41.13 39.43 17.27
N ALA I 74 40.71 39.08 16.06
CA ALA I 74 41.58 39.29 14.91
C ALA I 74 41.87 40.79 14.75
N ALA I 75 40.83 41.62 14.86
CA ALA I 75 41.01 43.05 14.71
C ALA I 75 41.77 43.65 15.87
N ASP I 76 41.54 43.08 17.05
CA ASP I 76 42.16 43.56 18.27
C ASP I 76 43.68 43.54 18.16
N HIS I 77 44.22 42.52 17.50
CA HIS I 77 45.66 42.39 17.35
C HIS I 77 46.21 42.94 16.03
N ALA I 78 45.35 43.56 15.23
CA ALA I 78 45.78 44.11 13.94
C ALA I 78 46.11 45.59 14.04
N ALA I 79 46.95 46.07 13.13
CA ALA I 79 47.31 47.48 13.10
C ALA I 79 46.04 48.23 12.73
N PRO I 80 45.85 49.44 13.30
CA PRO I 80 44.66 50.28 13.05
C PRO I 80 44.14 50.22 11.62
N GLU I 81 45.06 50.39 10.69
CA GLU I 81 44.78 50.38 9.27
C GLU I 81 44.16 49.07 8.77
N ASP I 82 44.43 47.96 9.46
CA ASP I 82 43.92 46.66 9.05
C ASP I 82 42.74 46.13 9.87
N LYS I 83 42.49 46.73 11.03
CA LYS I 83 41.41 46.26 11.89
C LYS I 83 40.10 45.95 11.20
N TYR I 84 39.55 46.90 10.45
CA TYR I 84 38.26 46.66 9.79
C TYR I 84 38.28 45.46 8.88
N GLU I 85 39.26 45.40 8.00
CA GLU I 85 39.38 44.29 7.09
C GLU I 85 39.59 42.98 7.86
N ALA I 86 40.37 43.03 8.92
CA ALA I 86 40.64 41.83 9.71
C ALA I 86 39.37 41.27 10.30
N PHE I 87 38.53 42.16 10.81
CA PHE I 87 37.26 41.76 11.42
C PHE I 87 36.31 41.15 10.38
N VAL I 88 36.05 41.90 9.30
CA VAL I 88 35.16 41.43 8.25
C VAL I 88 35.58 40.06 7.69
N LEU I 89 36.84 39.95 7.31
CA LEU I 89 37.34 38.69 6.78
C LEU I 89 37.10 37.51 7.73
N HIS I 90 37.54 37.65 8.99
CA HIS I 90 37.36 36.56 9.93
C HIS I 90 35.92 36.32 10.33
N PHE I 91 35.10 37.35 10.30
CA PHE I 91 33.72 37.15 10.68
C PHE I 91 32.96 36.37 9.61
N SER I 92 33.07 36.78 8.35
CA SER I 92 32.34 36.11 7.29
C SER I 92 32.76 34.65 7.17
N GLU I 93 34.04 34.35 7.41
CA GLU I 93 34.47 32.97 7.33
C GLU I 93 33.97 32.20 8.55
N ALA I 94 34.18 32.73 9.73
CA ALA I 94 33.74 32.04 10.92
C ALA I 94 32.25 31.75 10.87
N LEU I 95 31.48 32.69 10.35
CA LEU I 95 30.04 32.50 10.27
C LEU I 95 29.72 31.39 9.26
N ARG I 96 30.46 31.35 8.17
CA ARG I 96 30.23 30.32 7.17
C ARG I 96 30.53 28.96 7.76
N ILE I 97 31.56 28.88 8.58
CA ILE I 97 31.91 27.63 9.20
C ILE I 97 30.78 27.21 10.13
N ILE I 98 30.36 28.12 10.99
CA ILE I 98 29.28 27.83 11.91
C ILE I 98 28.02 27.40 11.14
N ALA I 99 27.83 27.97 9.96
CA ALA I 99 26.64 27.64 9.16
C ALA I 99 26.75 26.31 8.42
N GLY I 100 27.95 25.74 8.39
CA GLY I 100 28.13 24.48 7.68
C GLY I 100 28.30 24.73 6.19
N THR I 101 28.67 25.96 5.84
CA THR I 101 28.90 26.30 4.43
C THR I 101 30.27 25.76 4.02
N PRO I 102 30.31 24.89 3.00
CA PRO I 102 31.54 24.30 2.51
C PRO I 102 32.62 25.23 1.94
N GLU I 103 32.21 26.23 1.16
CA GLU I 103 33.20 27.14 0.60
C GLU I 103 33.31 28.29 1.59
N VAL I 104 34.26 28.23 2.51
CA VAL I 104 34.36 29.31 3.47
C VAL I 104 35.25 30.47 3.00
N HIS I 105 35.98 30.30 1.91
CA HIS I 105 36.84 31.38 1.48
C HIS I 105 36.29 32.39 0.47
N ALA I 106 36.16 32.04 -0.80
CA ALA I 106 35.67 33.03 -1.78
C ALA I 106 35.32 32.54 -3.19
N VAL I 107 35.10 33.47 -4.10
CA VAL I 107 34.76 33.12 -5.48
C VAL I 107 35.34 34.12 -6.47
N ALA J 4 14.69 26.28 36.77
CA ALA J 4 14.35 27.70 36.68
C ALA J 4 15.56 28.59 37.03
N THR J 5 15.41 29.45 38.05
CA THR J 5 16.50 30.33 38.48
C THR J 5 17.46 29.52 39.33
N THR J 6 17.00 28.36 39.77
CA THR J 6 17.79 27.46 40.61
C THR J 6 18.88 26.86 39.76
N GLU J 7 18.50 26.46 38.56
CA GLU J 7 19.43 25.86 37.63
C GLU J 7 20.61 26.80 37.38
N GLU J 8 20.31 28.08 37.23
CA GLU J 8 21.33 29.07 37.00
C GLU J 8 22.30 29.14 38.17
N GLN J 9 21.75 29.19 39.39
CA GLN J 9 22.57 29.26 40.59
C GLN J 9 23.51 28.08 40.63
N LYS J 10 22.95 26.88 40.50
CA LYS J 10 23.73 25.66 40.54
C LYS J 10 24.87 25.68 39.51
N LEU J 11 24.57 26.12 38.29
CA LEU J 11 25.59 26.20 37.28
C LEU J 11 26.71 27.15 37.66
N ILE J 12 26.36 28.26 38.31
CA ILE J 12 27.39 29.21 38.72
C ILE J 12 28.30 28.50 39.72
N GLU J 13 27.70 27.69 40.59
CA GLU J 13 28.46 26.95 41.59
C GLU J 13 29.45 26.04 40.89
N ASP J 14 28.96 25.31 39.89
CA ASP J 14 29.80 24.40 39.14
C ASP J 14 30.96 25.13 38.49
N VAL J 15 30.64 26.24 37.82
CA VAL J 15 31.68 27.02 37.16
C VAL J 15 32.75 27.40 38.16
N ASN J 16 32.33 27.96 39.27
CA ASN J 16 33.30 28.37 40.26
C ASN J 16 34.14 27.20 40.72
N ALA J 17 33.50 26.05 40.92
CA ALA J 17 34.19 24.83 41.35
C ALA J 17 35.28 24.47 40.33
N SER J 18 34.92 24.44 39.05
CA SER J 18 35.87 24.11 37.99
C SER J 18 37.02 25.11 38.01
N PHE J 19 36.66 26.38 38.20
CA PHE J 19 37.63 27.46 38.24
C PHE J 19 38.63 27.24 39.37
N ARG J 20 38.08 27.07 40.57
CA ARG J 20 38.88 26.88 41.76
C ARG J 20 39.76 25.63 41.63
N ALA J 21 39.22 24.59 41.03
CA ALA J 21 40.00 23.37 40.85
C ALA J 21 41.17 23.60 39.91
N ALA J 22 40.92 24.27 38.78
CA ALA J 22 41.99 24.56 37.84
C ALA J 22 43.06 25.39 38.55
N MET J 23 42.64 26.37 39.35
CA MET J 23 43.61 27.19 40.08
C MET J 23 44.52 26.28 40.90
N ALA J 24 43.92 25.27 41.54
CA ALA J 24 44.66 24.33 42.37
C ALA J 24 45.77 23.60 41.58
N THR J 25 45.51 23.32 40.31
CA THR J 25 46.48 22.66 39.45
C THR J 25 47.77 23.46 39.39
N THR J 26 47.66 24.75 39.67
CA THR J 26 48.76 25.69 39.60
C THR J 26 49.64 25.71 40.84
N ALA J 27 49.22 25.00 41.87
CA ALA J 27 49.96 24.94 43.13
C ALA J 27 51.49 24.81 43.02
N ASN J 28 51.96 23.73 42.40
CA ASN J 28 53.40 23.47 42.30
C ASN J 28 54.20 23.92 41.06
N VAL J 29 53.54 24.39 40.01
CA VAL J 29 54.30 24.80 38.83
C VAL J 29 54.95 26.17 39.08
N PRO J 30 56.07 26.44 38.39
CA PRO J 30 56.77 27.74 38.56
C PRO J 30 56.00 28.81 37.80
N PRO J 31 56.06 30.06 38.27
CA PRO J 31 55.37 31.20 37.66
C PRO J 31 55.29 31.15 36.12
N ALA J 32 56.40 30.77 35.51
CA ALA J 32 56.48 30.70 34.06
C ALA J 32 55.43 29.80 33.39
N ASP J 33 54.97 28.78 34.10
CA ASP J 33 53.99 27.87 33.52
C ASP J 33 52.61 27.95 34.15
N LYS J 34 52.50 28.71 35.24
CA LYS J 34 51.23 28.85 35.94
C LYS J 34 50.05 29.12 35.03
N TYR J 35 50.12 30.22 34.28
CA TYR J 35 49.01 30.56 33.43
C TYR J 35 48.66 29.49 32.37
N LYS J 36 49.67 28.87 31.78
CA LYS J 36 49.47 27.83 30.77
C LYS J 36 48.88 26.58 31.41
N THR J 37 49.25 26.32 32.66
CA THR J 37 48.76 25.16 33.36
C THR J 37 47.28 25.35 33.71
N PHE J 38 46.98 26.45 34.40
CA PHE J 38 45.62 26.75 34.80
C PHE J 38 44.70 26.77 33.59
N GLU J 39 45.13 27.51 32.59
CA GLU J 39 44.36 27.69 31.36
C GLU J 39 43.97 26.35 30.76
N ALA J 40 44.93 25.44 30.66
CA ALA J 40 44.69 24.13 30.09
C ALA J 40 43.64 23.37 30.89
N ALA J 41 43.81 23.33 32.20
CA ALA J 41 42.89 22.61 33.08
C ALA J 41 41.49 23.20 33.04
N PHE J 42 41.42 24.52 33.03
CA PHE J 42 40.15 25.20 33.02
C PHE J 42 39.36 25.08 31.71
N THR J 43 40.07 25.10 30.58
CA THR J 43 39.41 24.99 29.28
C THR J 43 38.59 23.72 29.17
N VAL J 44 39.12 22.63 29.73
CA VAL J 44 38.43 21.36 29.70
C VAL J 44 37.09 21.44 30.43
N SER J 45 37.16 21.60 31.74
CA SER J 45 35.96 21.69 32.57
C SER J 45 34.97 22.79 32.17
N SER J 46 35.46 23.88 31.59
CA SER J 46 34.57 24.97 31.17
C SER J 46 33.54 24.52 30.14
N LYS J 47 34.00 23.81 29.12
CA LYS J 47 33.11 23.33 28.08
C LYS J 47 31.94 22.52 28.63
N ARG J 48 32.21 21.64 29.57
CA ARG J 48 31.14 20.85 30.14
C ARG J 48 30.12 21.81 30.74
N ASN J 49 30.60 22.72 31.58
CA ASN J 49 29.74 23.70 32.24
C ASN J 49 28.90 24.48 31.24
N LEU J 50 29.56 24.98 30.20
CA LEU J 50 28.84 25.75 29.19
C LEU J 50 27.75 24.91 28.54
N ALA J 51 28.03 23.64 28.26
CA ALA J 51 27.06 22.74 27.64
C ALA J 51 25.86 22.54 28.56
N ASP J 52 26.13 22.34 29.84
CA ASP J 52 25.07 22.15 30.83
C ASP J 52 24.17 23.38 30.80
N ALA J 53 24.79 24.55 30.69
CA ALA J 53 24.05 25.79 30.65
C ALA J 53 23.15 25.84 29.43
N VAL J 54 23.70 25.48 28.28
CA VAL J 54 22.94 25.50 27.04
C VAL J 54 21.62 24.74 27.11
N SER J 55 21.58 23.66 27.88
CA SER J 55 20.34 22.90 27.98
C SER J 55 19.54 23.14 29.26
N LYS J 56 20.19 23.53 30.35
CA LYS J 56 19.46 23.76 31.59
C LYS J 56 19.09 25.23 31.85
N ALA J 57 19.92 26.16 31.39
CA ALA J 57 19.67 27.58 31.59
C ALA J 57 20.34 28.41 30.51
N PRO J 58 19.77 28.40 29.29
CA PRO J 58 20.32 29.15 28.16
C PRO J 58 20.60 30.64 28.40
N GLN J 59 19.72 31.32 29.13
CA GLN J 59 19.93 32.74 29.40
C GLN J 59 21.26 33.00 30.08
N LEU J 60 21.76 31.99 30.79
CA LEU J 60 23.02 32.12 31.49
C LEU J 60 24.24 31.98 30.59
N VAL J 61 24.05 31.43 29.39
CA VAL J 61 25.16 31.25 28.49
C VAL J 61 25.88 32.53 28.13
N PRO J 62 25.17 33.50 27.56
CA PRO J 62 25.85 34.75 27.20
C PRO J 62 26.53 35.43 28.39
N LYS J 63 25.93 35.31 29.56
CA LYS J 63 26.53 35.92 30.75
C LYS J 63 27.85 35.23 31.00
N LEU J 64 27.81 33.89 30.99
CA LEU J 64 28.99 33.08 31.22
C LEU J 64 30.07 33.41 30.18
N ASP J 65 29.65 33.51 28.93
CA ASP J 65 30.56 33.82 27.84
C ASP J 65 31.23 35.11 28.17
N GLU J 66 30.43 36.06 28.66
CA GLU J 66 30.95 37.37 29.01
C GLU J 66 32.01 37.36 30.11
N VAL J 67 31.86 36.56 31.16
CA VAL J 67 32.89 36.55 32.21
C VAL J 67 34.13 35.87 31.65
N TYR J 68 33.93 34.75 30.96
CA TYR J 68 35.06 34.07 30.36
C TYR J 68 35.85 35.14 29.62
N ASN J 69 35.17 35.85 28.71
CA ASN J 69 35.82 36.90 27.93
C ASN J 69 36.53 37.96 28.77
N ALA J 70 35.92 38.34 29.89
CA ALA J 70 36.52 39.33 30.77
C ALA J 70 37.88 38.85 31.23
N ALA J 71 37.94 37.61 31.71
CA ALA J 71 39.18 37.02 32.22
C ALA J 71 40.21 36.76 31.12
N TYR J 72 39.79 36.14 30.03
CA TYR J 72 40.75 35.88 28.96
C TYR J 72 41.35 37.19 28.45
N ASN J 73 40.50 38.16 28.15
CA ASN J 73 40.99 39.42 27.62
C ASN J 73 41.91 40.16 28.55
N ALA J 74 41.62 40.13 29.85
CA ALA J 74 42.47 40.83 30.79
C ALA J 74 43.87 40.22 30.74
N ALA J 75 43.95 38.90 30.76
CA ALA J 75 45.24 38.21 30.73
C ALA J 75 45.93 38.38 29.38
N ASP J 76 45.12 38.43 28.33
CA ASP J 76 45.61 38.58 26.97
C ASP J 76 46.47 39.83 26.80
N HIS J 77 46.08 40.90 27.47
CA HIS J 77 46.82 42.15 27.36
C HIS J 77 47.80 42.38 28.51
N ALA J 78 47.98 41.39 29.37
CA ALA J 78 48.90 41.55 30.49
C ALA J 78 50.27 40.95 30.20
N ALA J 79 51.28 41.44 30.91
CA ALA J 79 52.62 40.93 30.73
C ALA J 79 52.59 39.49 31.21
N PRO J 80 53.34 38.60 30.56
CA PRO J 80 53.40 37.18 30.93
C PRO J 80 53.34 36.91 32.43
N GLU J 81 54.17 37.64 33.16
CA GLU J 81 54.28 37.54 34.61
C GLU J 81 52.98 37.83 35.33
N ASP J 82 52.11 38.64 34.72
CA ASP J 82 50.83 39.00 35.35
C ASP J 82 49.59 38.28 34.81
N LYS J 83 49.73 37.62 33.68
CA LYS J 83 48.60 36.94 33.07
C LYS J 83 47.74 36.11 34.02
N TYR J 84 48.34 35.17 34.73
CA TYR J 84 47.57 34.33 35.64
C TYR J 84 46.76 35.15 36.65
N GLU J 85 47.43 36.03 37.35
CA GLU J 85 46.75 36.86 38.35
C GLU J 85 45.66 37.73 37.69
N ALA J 86 45.94 38.26 36.50
CA ALA J 86 44.97 39.09 35.80
C ALA J 86 43.71 38.31 35.50
N PHE J 87 43.87 37.06 35.06
CA PHE J 87 42.72 36.22 34.74
C PHE J 87 41.90 35.91 35.98
N VAL J 88 42.55 35.35 36.99
CA VAL J 88 41.86 34.99 38.22
C VAL J 88 41.10 36.17 38.83
N LEU J 89 41.78 37.30 38.97
CA LEU J 89 41.15 38.48 39.54
C LEU J 89 39.89 38.89 38.78
N HIS J 90 40.00 39.04 37.47
CA HIS J 90 38.85 39.44 36.69
C HIS J 90 37.75 38.38 36.58
N PHE J 91 38.13 37.12 36.64
CA PHE J 91 37.14 36.06 36.54
C PHE J 91 36.28 36.00 37.81
N SER J 92 36.91 35.99 38.97
CA SER J 92 36.16 35.93 40.22
C SER J 92 35.22 37.13 40.35
N GLU J 93 35.74 38.33 40.11
CA GLU J 93 34.87 39.49 40.24
C GLU J 93 33.75 39.41 39.20
N ALA J 94 34.09 39.12 37.95
CA ALA J 94 33.07 39.04 36.93
C ALA J 94 31.99 38.03 37.31
N LEU J 95 32.42 36.90 37.86
CA LEU J 95 31.47 35.86 38.22
C LEU J 95 30.58 36.33 39.37
N ARG J 96 31.17 37.05 40.32
CA ARG J 96 30.39 37.57 41.45
C ARG J 96 29.33 38.56 40.96
N ILE J 97 29.69 39.38 39.98
CA ILE J 97 28.75 40.33 39.42
C ILE J 97 27.63 39.57 38.76
N ILE J 98 27.97 38.60 37.92
CA ILE J 98 26.95 37.81 37.23
C ILE J 98 26.05 37.11 38.25
N ALA J 99 26.62 36.75 39.39
CA ALA J 99 25.87 36.06 40.43
C ALA J 99 24.99 36.98 41.26
N GLY J 100 25.20 38.29 41.13
CA GLY J 100 24.42 39.24 41.91
C GLY J 100 24.99 39.38 43.30
N THR J 101 26.26 39.02 43.47
CA THR J 101 26.93 39.13 44.76
C THR J 101 27.34 40.57 44.96
N PRO J 102 26.83 41.20 46.02
CA PRO J 102 27.14 42.61 46.32
C PRO J 102 28.60 42.97 46.59
N GLU J 103 29.32 42.14 47.33
CA GLU J 103 30.73 42.46 47.61
C GLU J 103 31.54 41.79 46.51
N VAL J 104 31.83 42.52 45.43
CA VAL J 104 32.59 41.89 44.37
C VAL J 104 34.10 41.98 44.53
N HIS J 105 34.58 42.78 45.49
CA HIS J 105 36.02 42.88 45.64
C HIS J 105 36.73 41.95 46.64
N ALA J 106 36.60 42.18 47.95
CA ALA J 106 37.32 41.29 48.87
C ALA J 106 36.99 41.36 50.37
N VAL J 107 37.77 40.58 51.12
CA VAL J 107 37.64 40.45 52.57
C VAL J 107 39.02 40.52 53.25
N ALA K 4 -26.22 -35.99 1.65
CA ALA K 4 -25.06 -35.95 0.76
C ALA K 4 -25.53 -35.86 -0.69
N THR K 5 -25.49 -37.00 -1.36
CA THR K 5 -25.95 -37.11 -2.74
C THR K 5 -27.47 -37.00 -2.70
N THR K 6 -28.02 -37.11 -1.49
CA THR K 6 -29.45 -37.03 -1.27
C THR K 6 -29.91 -35.60 -1.50
N GLU K 7 -29.12 -34.66 -0.99
CA GLU K 7 -29.42 -33.25 -1.13
C GLU K 7 -29.56 -32.90 -2.60
N GLU K 8 -28.64 -33.42 -3.41
CA GLU K 8 -28.65 -33.16 -4.83
C GLU K 8 -29.94 -33.67 -5.45
N GLN K 9 -30.32 -34.90 -5.13
CA GLN K 9 -31.55 -35.48 -5.66
C GLN K 9 -32.73 -34.59 -5.32
N LYS K 10 -32.87 -34.27 -4.04
CA LYS K 10 -33.97 -33.44 -3.59
C LYS K 10 -34.03 -32.13 -4.34
N LEU K 11 -32.89 -31.48 -4.53
CA LEU K 11 -32.86 -30.22 -5.25
C LEU K 11 -33.34 -30.39 -6.68
N ILE K 12 -32.98 -31.50 -7.31
CA ILE K 12 -33.42 -31.74 -8.69
C ILE K 12 -34.95 -31.82 -8.68
N GLU K 13 -35.50 -32.46 -7.65
CA GLU K 13 -36.95 -32.59 -7.54
C GLU K 13 -37.58 -31.21 -7.46
N ASP K 14 -37.00 -30.36 -6.62
CA ASP K 14 -37.49 -29.01 -6.44
C ASP K 14 -37.46 -28.24 -7.77
N VAL K 15 -36.32 -28.31 -8.45
CA VAL K 15 -36.18 -27.63 -9.71
C VAL K 15 -37.28 -28.06 -10.66
N ASN K 16 -37.44 -29.37 -10.82
CA ASN K 16 -38.48 -29.86 -11.71
C ASN K 16 -39.85 -29.35 -11.31
N ALA K 17 -40.10 -29.32 -10.00
CA ALA K 17 -41.37 -28.85 -9.46
C ALA K 17 -41.60 -27.40 -9.89
N SER K 18 -40.59 -26.55 -9.70
CA SER K 18 -40.68 -25.15 -10.09
C SER K 18 -40.95 -25.02 -11.56
N PHE K 19 -40.24 -25.84 -12.33
CA PHE K 19 -40.36 -25.87 -13.78
C PHE K 19 -41.78 -26.21 -14.18
N ARG K 20 -42.26 -27.35 -13.71
CA ARG K 20 -43.58 -27.84 -14.03
C ARG K 20 -44.66 -26.83 -13.60
N ALA K 21 -44.44 -26.18 -12.47
CA ALA K 21 -45.40 -25.19 -12.00
C ALA K 21 -45.44 -23.98 -12.94
N ALA K 22 -44.27 -23.49 -13.33
CA ALA K 22 -44.22 -22.36 -14.24
C ALA K 22 -44.93 -22.75 -15.53
N MET K 23 -44.69 -23.97 -16.02
CA MET K 23 -45.34 -24.43 -17.24
C MET K 23 -46.85 -24.29 -17.10
N ALA K 24 -47.35 -24.65 -15.91
CA ALA K 24 -48.77 -24.58 -15.63
C ALA K 24 -49.33 -23.17 -15.81
N THR K 25 -48.53 -22.17 -15.44
CA THR K 25 -48.93 -20.77 -15.56
C THR K 25 -49.30 -20.45 -17.00
N THR K 26 -48.81 -21.26 -17.92
CA THR K 26 -49.01 -21.09 -19.34
C THR K 26 -50.27 -21.69 -19.96
N ALA K 27 -50.92 -22.65 -19.30
CA ALA K 27 -52.10 -23.31 -19.87
C ALA K 27 -53.18 -22.46 -20.58
N ASN K 28 -53.51 -21.31 -20.01
CA ASN K 28 -54.56 -20.48 -20.58
C ASN K 28 -54.11 -19.32 -21.45
N VAL K 29 -52.81 -19.15 -21.63
CA VAL K 29 -52.36 -18.05 -22.47
C VAL K 29 -52.16 -18.58 -23.89
N PRO K 30 -52.51 -17.76 -24.91
CA PRO K 30 -52.34 -18.20 -26.30
C PRO K 30 -50.88 -17.98 -26.67
N PRO K 31 -50.41 -18.65 -27.73
CA PRO K 31 -49.04 -18.61 -28.25
C PRO K 31 -48.15 -17.39 -27.96
N ALA K 32 -48.52 -16.25 -28.54
CA ALA K 32 -47.76 -15.03 -28.36
C ALA K 32 -47.25 -14.73 -26.95
N ASP K 33 -48.05 -15.08 -25.94
CA ASP K 33 -47.69 -14.80 -24.56
C ASP K 33 -47.09 -15.95 -23.76
N LYS K 34 -47.23 -17.18 -24.26
CA LYS K 34 -46.73 -18.36 -23.56
C LYS K 34 -45.27 -18.32 -23.08
N TYR K 35 -44.34 -17.98 -23.95
CA TYR K 35 -42.95 -17.95 -23.52
C TYR K 35 -42.66 -16.93 -22.43
N LYS K 36 -43.01 -15.69 -22.72
CA LYS K 36 -42.83 -14.57 -21.80
C LYS K 36 -43.37 -14.90 -20.43
N THR K 37 -44.61 -15.38 -20.40
CA THR K 37 -45.29 -15.71 -19.16
C THR K 37 -44.51 -16.75 -18.37
N PHE K 38 -44.22 -17.86 -19.03
CA PHE K 38 -43.48 -18.94 -18.40
C PHE K 38 -42.15 -18.46 -17.87
N GLU K 39 -41.43 -17.76 -18.73
CA GLU K 39 -40.12 -17.23 -18.40
C GLU K 39 -40.16 -16.39 -17.13
N ALA K 40 -41.14 -15.50 -17.05
CA ALA K 40 -41.26 -14.64 -15.88
C ALA K 40 -41.47 -15.45 -14.60
N ALA K 41 -42.42 -16.38 -14.64
CA ALA K 41 -42.72 -17.21 -13.50
C ALA K 41 -41.53 -18.07 -13.07
N PHE K 42 -40.84 -18.62 -14.05
CA PHE K 42 -39.72 -19.50 -13.78
C PHE K 42 -38.50 -18.80 -13.23
N THR K 43 -38.23 -17.59 -13.71
CA THR K 43 -37.06 -16.84 -13.25
C THR K 43 -37.10 -16.61 -11.75
N VAL K 44 -38.30 -16.38 -11.22
CA VAL K 44 -38.45 -16.16 -9.80
C VAL K 44 -38.04 -17.40 -9.02
N SER K 45 -38.81 -18.47 -9.15
CA SER K 45 -38.55 -19.71 -8.45
C SER K 45 -37.15 -20.30 -8.69
N SER K 46 -36.57 -20.05 -9.86
CA SER K 46 -35.24 -20.58 -10.15
C SER K 46 -34.18 -20.07 -9.18
N LYS K 47 -34.19 -18.77 -8.93
CA LYS K 47 -33.21 -18.17 -8.03
C LYS K 47 -33.21 -18.82 -6.65
N ARG K 48 -34.39 -19.10 -6.12
CA ARG K 48 -34.47 -19.74 -4.81
C ARG K 48 -33.75 -21.08 -4.90
N ASN K 49 -34.13 -21.88 -5.90
CA ASN K 49 -33.53 -23.19 -6.10
C ASN K 49 -32.02 -23.10 -6.21
N LEU K 50 -31.53 -22.18 -7.03
CA LEU K 50 -30.08 -22.03 -7.20
C LEU K 50 -29.39 -21.69 -5.88
N ALA K 51 -30.02 -20.82 -5.09
CA ALA K 51 -29.47 -20.43 -3.79
C ALA K 51 -29.39 -21.64 -2.85
N ASP K 52 -30.44 -22.45 -2.83
CA ASP K 52 -30.48 -23.64 -2.00
C ASP K 52 -29.33 -24.55 -2.39
N ALA K 53 -29.07 -24.65 -3.69
CA ALA K 53 -27.99 -25.48 -4.18
C ALA K 53 -26.67 -24.95 -3.68
N VAL K 54 -26.47 -23.63 -3.79
CA VAL K 54 -25.21 -23.02 -3.35
C VAL K 54 -24.82 -23.39 -1.93
N SER K 55 -25.79 -23.59 -1.05
CA SER K 55 -25.44 -23.94 0.32
C SER K 55 -25.63 -25.42 0.67
N LYS K 56 -26.50 -26.13 -0.04
CA LYS K 56 -26.71 -27.54 0.27
C LYS K 56 -25.93 -28.50 -0.62
N ALA K 57 -25.72 -28.12 -1.88
CA ALA K 57 -25.00 -28.98 -2.82
C ALA K 57 -24.33 -28.15 -3.91
N PRO K 58 -23.24 -27.45 -3.58
CA PRO K 58 -22.51 -26.61 -4.54
C PRO K 58 -22.11 -27.27 -5.86
N GLN K 59 -21.70 -28.53 -5.83
CA GLN K 59 -21.30 -29.21 -7.06
C GLN K 59 -22.43 -29.23 -8.08
N LEU K 60 -23.66 -29.14 -7.59
CA LEU K 60 -24.82 -29.16 -8.46
C LEU K 60 -25.06 -27.81 -9.15
N VAL K 61 -24.51 -26.74 -8.62
CA VAL K 61 -24.72 -25.43 -9.20
C VAL K 61 -24.32 -25.32 -10.65
N PRO K 62 -23.06 -25.60 -10.98
CA PRO K 62 -22.66 -25.49 -12.38
C PRO K 62 -23.47 -26.39 -13.31
N LYS K 63 -23.90 -27.55 -12.81
CA LYS K 63 -24.71 -28.44 -13.63
C LYS K 63 -26.03 -27.77 -13.91
N LEU K 64 -26.64 -27.23 -12.86
CA LEU K 64 -27.91 -26.52 -12.97
C LEU K 64 -27.78 -25.34 -13.95
N ASP K 65 -26.68 -24.60 -13.84
CA ASP K 65 -26.41 -23.46 -14.71
C ASP K 65 -26.42 -23.96 -16.16
N GLU K 66 -25.93 -25.18 -16.35
CA GLU K 66 -25.87 -25.83 -17.66
C GLU K 66 -27.26 -26.12 -18.25
N VAL K 67 -28.15 -26.73 -17.47
CA VAL K 67 -29.44 -27.06 -18.03
C VAL K 67 -30.19 -25.79 -18.28
N TYR K 68 -30.07 -24.83 -17.38
CA TYR K 68 -30.75 -23.56 -17.59
C TYR K 68 -30.20 -22.99 -18.89
N ASN K 69 -28.88 -23.03 -19.03
CA ASN K 69 -28.25 -22.50 -20.24
C ASN K 69 -28.77 -23.22 -21.47
N ALA K 70 -28.78 -24.55 -21.39
CA ALA K 70 -29.26 -25.38 -22.48
C ALA K 70 -30.64 -24.89 -22.93
N ALA K 71 -31.55 -24.75 -21.97
CA ALA K 71 -32.91 -24.30 -22.28
C ALA K 71 -33.00 -22.88 -22.81
N TYR K 72 -32.43 -21.92 -22.08
CA TYR K 72 -32.52 -20.55 -22.55
C TYR K 72 -31.93 -20.35 -23.96
N ASN K 73 -30.77 -20.94 -24.20
CA ASN K 73 -30.16 -20.80 -25.48
C ASN K 73 -30.95 -21.41 -26.61
N ALA K 74 -31.59 -22.55 -26.36
CA ALA K 74 -32.37 -23.18 -27.41
C ALA K 74 -33.51 -22.24 -27.82
N ALA K 75 -34.20 -21.67 -26.85
CA ALA K 75 -35.31 -20.76 -27.13
C ALA K 75 -34.82 -19.47 -27.74
N ASP K 76 -33.65 -19.04 -27.30
CA ASP K 76 -33.05 -17.78 -27.77
C ASP K 76 -32.87 -17.77 -29.27
N HIS K 77 -32.51 -18.91 -29.85
CA HIS K 77 -32.30 -19.02 -31.28
C HIS K 77 -33.51 -19.55 -32.05
N ALA K 78 -34.63 -19.75 -31.38
CA ALA K 78 -35.83 -20.25 -32.04
C ALA K 78 -36.78 -19.14 -32.47
N ALA K 79 -37.61 -19.42 -33.46
CA ALA K 79 -38.58 -18.43 -33.91
C ALA K 79 -39.57 -18.25 -32.76
N PRO K 80 -40.06 -17.03 -32.56
CA PRO K 80 -41.02 -16.70 -31.49
C PRO K 80 -42.04 -17.81 -31.21
N GLU K 81 -42.64 -18.29 -32.28
CA GLU K 81 -43.65 -19.34 -32.21
C GLU K 81 -43.15 -20.65 -31.59
N ASP K 82 -41.84 -20.90 -31.67
CA ASP K 82 -41.28 -22.13 -31.13
C ASP K 82 -40.52 -21.98 -29.81
N LYS K 83 -40.22 -20.75 -29.43
CA LYS K 83 -39.47 -20.53 -28.20
C LYS K 83 -39.91 -21.33 -27.00
N TYR K 84 -41.19 -21.25 -26.63
CA TYR K 84 -41.67 -21.96 -25.46
C TYR K 84 -41.42 -23.45 -25.52
N GLU K 85 -41.83 -24.05 -26.63
CA GLU K 85 -41.62 -25.48 -26.80
C GLU K 85 -40.14 -25.82 -26.79
N ALA K 86 -39.32 -24.97 -27.41
CA ALA K 86 -37.88 -25.22 -27.47
C ALA K 86 -37.27 -25.27 -26.08
N PHE K 87 -37.71 -24.34 -25.24
CA PHE K 87 -37.21 -24.27 -23.87
C PHE K 87 -37.62 -25.49 -23.06
N VAL K 88 -38.92 -25.75 -23.02
CA VAL K 88 -39.43 -26.89 -22.26
C VAL K 88 -38.77 -28.21 -22.67
N LEU K 89 -38.75 -28.48 -23.97
CA LEU K 89 -38.13 -29.70 -24.46
C LEU K 89 -36.67 -29.86 -24.00
N HIS K 90 -35.85 -28.84 -24.24
CA HIS K 90 -34.46 -28.91 -23.85
C HIS K 90 -34.24 -28.89 -22.35
N PHE K 91 -35.14 -28.26 -21.62
CA PHE K 91 -34.95 -28.21 -20.19
C PHE K 91 -35.23 -29.57 -19.55
N SER K 92 -36.33 -30.21 -19.89
CA SER K 92 -36.65 -31.49 -19.26
C SER K 92 -35.60 -32.53 -19.60
N GLU K 93 -35.11 -32.51 -20.82
CA GLU K 93 -34.11 -33.50 -21.18
C GLU K 93 -32.80 -33.21 -20.47
N ALA K 94 -32.34 -31.97 -20.53
CA ALA K 94 -31.10 -31.62 -19.87
C ALA K 94 -31.14 -31.95 -18.39
N LEU K 95 -32.28 -31.72 -17.75
CA LEU K 95 -32.41 -32.01 -16.34
C LEU K 95 -32.34 -33.51 -16.10
N ARG K 96 -32.97 -34.28 -16.98
CA ARG K 96 -32.95 -35.72 -16.85
C ARG K 96 -31.53 -36.24 -16.97
N ILE K 97 -30.77 -35.64 -17.86
CA ILE K 97 -29.40 -36.06 -18.04
C ILE K 97 -28.62 -35.78 -16.77
N ILE K 98 -28.74 -34.54 -16.29
CA ILE K 98 -28.04 -34.15 -15.08
C ILE K 98 -28.46 -35.05 -13.93
N ALA K 99 -29.69 -35.53 -13.94
CA ALA K 99 -30.18 -36.39 -12.85
C ALA K 99 -29.72 -37.84 -13.00
N GLY K 100 -29.16 -38.19 -14.15
CA GLY K 100 -28.74 -39.56 -14.36
C GLY K 100 -29.92 -40.44 -14.75
N THR K 101 -30.98 -39.82 -15.25
CA THR K 101 -32.15 -40.57 -15.68
C THR K 101 -31.87 -41.16 -17.06
N PRO K 102 -31.92 -42.48 -17.18
CA PRO K 102 -31.66 -43.17 -18.45
C PRO K 102 -32.58 -42.85 -19.63
N GLU K 103 -33.88 -42.74 -19.40
CA GLU K 103 -34.78 -42.43 -20.51
C GLU K 103 -34.92 -40.92 -20.55
N VAL K 104 -34.10 -40.25 -21.35
CA VAL K 104 -34.20 -38.80 -21.38
C VAL K 104 -35.21 -38.28 -22.40
N HIS K 105 -35.73 -39.14 -23.27
CA HIS K 105 -36.68 -38.63 -24.25
C HIS K 105 -38.16 -38.67 -23.92
N ALA K 106 -38.81 -39.84 -23.94
CA ALA K 106 -40.24 -39.86 -23.66
C ALA K 106 -40.92 -41.23 -23.44
N VAL K 107 -42.24 -41.20 -23.23
CA VAL K 107 -43.06 -42.39 -23.05
C VAL K 107 -44.48 -42.03 -22.58
N ALA L 4 -12.00 -18.29 3.55
CA ALA L 4 -13.13 -17.38 3.71
C ALA L 4 -13.35 -16.51 2.45
N THR L 5 -13.42 -15.19 2.67
CA THR L 5 -13.62 -14.23 1.58
C THR L 5 -12.31 -14.12 0.81
N THR L 6 -11.24 -14.65 1.42
CA THR L 6 -9.92 -14.63 0.82
C THR L 6 -9.89 -15.57 -0.34
N GLU L 7 -10.49 -16.73 -0.13
CA GLU L 7 -10.55 -17.75 -1.15
C GLU L 7 -11.21 -17.21 -2.41
N GLU L 8 -12.28 -16.45 -2.23
CA GLU L 8 -13.01 -15.86 -3.33
C GLU L 8 -12.11 -14.91 -4.11
N GLN L 9 -11.41 -14.03 -3.40
CA GLN L 9 -10.50 -13.07 -4.03
C GLN L 9 -9.48 -13.81 -4.87
N LYS L 10 -8.78 -14.76 -4.26
CA LYS L 10 -7.77 -15.54 -4.95
C LYS L 10 -8.30 -16.19 -6.22
N LEU L 11 -9.50 -16.77 -6.15
CA LEU L 11 -10.10 -17.40 -7.31
C LEU L 11 -10.36 -16.39 -8.41
N ILE L 12 -10.77 -15.18 -8.04
CA ILE L 12 -11.01 -14.16 -9.06
C ILE L 12 -9.68 -13.88 -9.76
N GLU L 13 -8.59 -13.85 -8.99
CA GLU L 13 -7.27 -13.60 -9.54
C GLU L 13 -6.95 -14.68 -10.56
N ASP L 14 -7.18 -15.92 -10.18
CA ASP L 14 -6.91 -17.04 -11.06
C ASP L 14 -7.69 -16.92 -12.34
N VAL L 15 -8.99 -16.67 -12.21
CA VAL L 15 -9.85 -16.53 -13.38
C VAL L 15 -9.29 -15.49 -14.31
N ASN L 16 -8.99 -14.32 -13.78
CA ASN L 16 -8.45 -13.26 -14.60
C ASN L 16 -7.16 -13.71 -15.29
N ALA L 17 -6.31 -14.41 -14.55
CA ALA L 17 -5.05 -14.89 -15.08
C ALA L 17 -5.31 -15.80 -16.28
N SER L 18 -6.23 -16.76 -16.11
CA SER L 18 -6.58 -17.69 -17.19
C SER L 18 -7.10 -16.91 -18.39
N PHE L 19 -7.93 -15.92 -18.11
CA PHE L 19 -8.53 -15.07 -19.12
C PHE L 19 -7.46 -14.34 -19.92
N ARG L 20 -6.59 -13.63 -19.20
CA ARG L 20 -5.52 -12.87 -19.80
C ARG L 20 -4.57 -13.77 -20.59
N ALA L 21 -4.32 -14.97 -20.10
CA ALA L 21 -3.44 -15.90 -20.80
C ALA L 21 -4.09 -16.34 -22.12
N ALA L 22 -5.37 -16.69 -22.07
CA ALA L 22 -6.05 -17.11 -23.29
C ALA L 22 -6.01 -15.95 -24.29
N MET L 23 -6.24 -14.73 -23.83
CA MET L 23 -6.17 -13.59 -24.72
C MET L 23 -4.82 -13.57 -25.43
N ALA L 24 -3.76 -13.86 -24.68
CA ALA L 24 -2.40 -13.87 -25.22
C ALA L 24 -2.25 -14.86 -26.38
N THR L 25 -2.95 -15.98 -26.30
CA THR L 25 -2.92 -16.99 -27.34
C THR L 25 -3.33 -16.41 -28.68
N THR L 26 -4.10 -15.32 -28.61
CA THR L 26 -4.63 -14.65 -29.78
C THR L 26 -3.65 -13.70 -30.48
N ALA L 27 -2.47 -13.53 -29.89
CA ALA L 27 -1.45 -12.63 -30.41
C ALA L 27 -1.14 -12.69 -31.90
N ASN L 28 -0.73 -13.87 -32.38
CA ASN L 28 -0.37 -14.02 -33.79
C ASN L 28 -1.43 -14.65 -34.70
N VAL L 29 -2.64 -14.89 -34.18
CA VAL L 29 -3.69 -15.47 -35.02
C VAL L 29 -4.42 -14.37 -35.76
N PRO L 30 -4.82 -14.64 -37.01
CA PRO L 30 -5.52 -13.65 -37.81
C PRO L 30 -6.94 -13.46 -37.27
N PRO L 31 -7.50 -12.26 -37.40
CA PRO L 31 -8.84 -11.89 -36.93
C PRO L 31 -9.87 -13.00 -37.09
N ALA L 32 -9.88 -13.63 -38.27
CA ALA L 32 -10.83 -14.69 -38.56
C ALA L 32 -10.81 -15.79 -37.53
N ASP L 33 -9.64 -16.10 -36.99
CA ASP L 33 -9.56 -17.19 -36.02
C ASP L 33 -9.37 -16.78 -34.56
N LYS L 34 -9.19 -15.48 -34.31
CA LYS L 34 -9.00 -14.99 -32.95
C LYS L 34 -10.00 -15.51 -31.93
N TYR L 35 -11.27 -15.25 -32.17
CA TYR L 35 -12.28 -15.69 -31.22
C TYR L 35 -12.23 -17.20 -30.94
N LYS L 36 -12.12 -18.00 -31.99
CA LYS L 36 -12.06 -19.45 -31.87
C LYS L 36 -10.81 -19.87 -31.07
N THR L 37 -9.70 -19.21 -31.36
CA THR L 37 -8.44 -19.53 -30.67
C THR L 37 -8.57 -19.23 -29.18
N PHE L 38 -8.94 -17.98 -28.87
CA PHE L 38 -9.09 -17.57 -27.48
C PHE L 38 -10.07 -18.47 -26.76
N GLU L 39 -11.24 -18.64 -27.38
CA GLU L 39 -12.30 -19.45 -26.82
C GLU L 39 -11.83 -20.84 -26.44
N ALA L 40 -11.09 -21.46 -27.35
CA ALA L 40 -10.59 -22.81 -27.10
C ALA L 40 -9.67 -22.84 -25.89
N ALA L 41 -8.70 -21.94 -25.86
CA ALA L 41 -7.74 -21.87 -24.76
C ALA L 41 -8.41 -21.59 -23.42
N PHE L 42 -9.37 -20.66 -23.44
CA PHE L 42 -10.07 -20.27 -22.23
C PHE L 42 -11.00 -21.33 -21.66
N THR L 43 -11.68 -22.08 -22.53
CA THR L 43 -12.59 -23.11 -22.07
C THR L 43 -11.89 -24.15 -21.19
N VAL L 44 -10.66 -24.47 -21.55
CA VAL L 44 -9.88 -25.43 -20.78
C VAL L 44 -9.65 -24.91 -19.36
N SER L 45 -8.84 -23.86 -19.24
CA SER L 45 -8.53 -23.28 -17.94
C SER L 45 -9.74 -22.87 -17.10
N SER L 46 -10.84 -22.49 -17.75
CA SER L 46 -12.04 -22.09 -17.01
C SER L 46 -12.59 -23.20 -16.13
N LYS L 47 -12.70 -24.39 -16.69
CA LYS L 47 -13.23 -25.51 -15.93
C LYS L 47 -12.46 -25.76 -14.64
N ARG L 48 -11.14 -25.69 -14.70
CA ARG L 48 -10.35 -25.90 -13.50
C ARG L 48 -10.79 -24.86 -12.47
N ASN L 49 -10.78 -23.60 -12.88
CA ASN L 49 -11.16 -22.50 -12.00
C ASN L 49 -12.54 -22.72 -11.38
N LEU L 50 -13.50 -23.08 -12.20
CA LEU L 50 -14.86 -23.30 -11.72
C LEU L 50 -14.88 -24.42 -10.69
N ALA L 51 -14.12 -25.48 -10.93
CA ALA L 51 -14.06 -26.61 -10.00
C ALA L 51 -13.47 -26.18 -8.66
N ASP L 52 -12.41 -25.38 -8.71
CA ASP L 52 -11.77 -24.88 -7.49
C ASP L 52 -12.80 -24.09 -6.70
N ALA L 53 -13.61 -23.32 -7.41
CA ALA L 53 -14.64 -22.52 -6.78
C ALA L 53 -15.65 -23.41 -6.09
N VAL L 54 -16.10 -24.45 -6.78
CA VAL L 54 -17.08 -25.35 -6.23
C VAL L 54 -16.70 -25.92 -4.86
N SER L 55 -15.41 -26.13 -4.62
CA SER L 55 -14.99 -26.67 -3.33
C SER L 55 -14.42 -25.64 -2.36
N LYS L 56 -13.85 -24.54 -2.85
CA LYS L 56 -13.27 -23.54 -1.97
C LYS L 56 -14.19 -22.35 -1.67
N ALA L 57 -15.05 -21.98 -2.63
CA ALA L 57 -15.96 -20.87 -2.44
C ALA L 57 -17.19 -21.01 -3.32
N PRO L 58 -18.10 -21.92 -2.96
CA PRO L 58 -19.33 -22.17 -3.72
C PRO L 58 -20.18 -20.94 -4.06
N GLN L 59 -20.30 -20.00 -3.13
CA GLN L 59 -21.10 -18.80 -3.40
C GLN L 59 -20.60 -18.05 -4.62
N LEU L 60 -19.32 -18.22 -4.94
CA LEU L 60 -18.73 -17.55 -6.08
C LEU L 60 -19.07 -18.23 -7.41
N VAL L 61 -19.50 -19.48 -7.36
CA VAL L 61 -19.82 -20.18 -8.59
C VAL L 61 -20.87 -19.49 -9.45
N PRO L 62 -22.06 -19.25 -8.89
CA PRO L 62 -23.09 -18.60 -9.71
C PRO L 62 -22.66 -17.24 -10.24
N LYS L 63 -21.86 -16.52 -9.46
CA LYS L 63 -21.39 -15.22 -9.92
C LYS L 63 -20.50 -15.43 -11.13
N LEU L 64 -19.58 -16.37 -11.02
CA LEU L 64 -18.65 -16.72 -12.10
C LEU L 64 -19.42 -17.15 -13.36
N ASP L 65 -20.46 -17.98 -13.15
CA ASP L 65 -21.27 -18.43 -14.26
C ASP L 65 -21.89 -17.22 -14.94
N GLU L 66 -22.26 -16.22 -14.14
CA GLU L 66 -22.86 -15.02 -14.68
C GLU L 66 -21.90 -14.25 -15.57
N VAL L 67 -20.64 -14.06 -15.15
CA VAL L 67 -19.70 -13.32 -15.99
C VAL L 67 -19.44 -14.13 -17.26
N TYR L 68 -19.21 -15.42 -17.10
CA TYR L 68 -19.01 -16.26 -18.27
C TYR L 68 -20.19 -15.98 -19.23
N ASN L 69 -21.40 -16.26 -18.78
CA ASN L 69 -22.59 -16.05 -19.60
C ASN L 69 -22.64 -14.68 -20.26
N ALA L 70 -22.26 -13.66 -19.50
CA ALA L 70 -22.26 -12.29 -20.01
C ALA L 70 -21.36 -12.19 -21.24
N ALA L 71 -20.17 -12.77 -21.17
CA ALA L 71 -19.26 -12.71 -22.30
C ALA L 71 -19.72 -13.60 -23.45
N TYR L 72 -20.10 -14.84 -23.17
CA TYR L 72 -20.52 -15.71 -24.25
C TYR L 72 -21.72 -15.13 -24.98
N ASN L 73 -22.70 -14.65 -24.22
CA ASN L 73 -23.87 -14.09 -24.85
C ASN L 73 -23.61 -12.84 -25.66
N ALA L 74 -22.74 -11.97 -25.17
CA ALA L 74 -22.44 -10.76 -25.91
C ALA L 74 -21.83 -11.12 -27.27
N ALA L 75 -20.85 -12.03 -27.26
CA ALA L 75 -20.19 -12.45 -28.49
C ALA L 75 -21.14 -13.24 -29.38
N ASP L 76 -22.00 -14.03 -28.76
CA ASP L 76 -22.97 -14.86 -29.47
C ASP L 76 -23.83 -14.04 -30.43
N HIS L 77 -24.21 -12.84 -30.01
CA HIS L 77 -25.06 -11.99 -30.84
C HIS L 77 -24.28 -10.96 -31.64
N ALA L 78 -22.95 -11.02 -31.61
CA ALA L 78 -22.16 -10.05 -32.36
C ALA L 78 -21.73 -10.59 -33.72
N ALA L 79 -21.43 -9.69 -34.64
CA ALA L 79 -20.98 -10.09 -35.96
C ALA L 79 -19.62 -10.76 -35.76
N PRO L 80 -19.31 -11.79 -36.54
CA PRO L 80 -18.04 -12.54 -36.45
C PRO L 80 -16.85 -11.65 -36.15
N GLU L 81 -16.73 -10.56 -36.90
CA GLU L 81 -15.65 -9.61 -36.76
C GLU L 81 -15.54 -8.97 -35.37
N ASP L 82 -16.67 -8.89 -34.67
CA ASP L 82 -16.68 -8.26 -33.33
C ASP L 82 -16.74 -9.22 -32.14
N LYS L 83 -17.04 -10.50 -32.41
CA LYS L 83 -17.17 -11.47 -31.35
C LYS L 83 -16.06 -11.44 -30.30
N TYR L 84 -14.81 -11.53 -30.72
CA TYR L 84 -13.70 -11.55 -29.76
C TYR L 84 -13.71 -10.33 -28.86
N GLU L 85 -13.76 -9.15 -29.47
CA GLU L 85 -13.77 -7.92 -28.71
C GLU L 85 -15.00 -7.83 -27.80
N ALA L 86 -16.15 -8.30 -28.28
CA ALA L 86 -17.39 -8.28 -27.50
C ALA L 86 -17.23 -9.11 -26.24
N PHE L 87 -16.62 -10.28 -26.38
CA PHE L 87 -16.42 -11.18 -25.25
C PHE L 87 -15.48 -10.56 -24.23
N VAL L 88 -14.27 -10.21 -24.67
CA VAL L 88 -13.29 -9.61 -23.79
C VAL L 88 -13.83 -8.38 -23.02
N LEU L 89 -14.44 -7.46 -23.74
CA LEU L 89 -14.98 -6.27 -23.12
C LEU L 89 -15.97 -6.61 -22.01
N HIS L 90 -16.97 -7.43 -22.33
CA HIS L 90 -17.97 -7.78 -21.34
C HIS L 90 -17.46 -8.66 -20.21
N PHE L 91 -16.47 -9.50 -20.50
CA PHE L 91 -15.93 -10.36 -19.47
C PHE L 91 -15.15 -9.56 -18.43
N SER L 92 -14.22 -8.74 -18.89
CA SER L 92 -13.42 -7.95 -17.97
C SER L 92 -14.27 -7.02 -17.11
N GLU L 93 -15.28 -6.36 -17.68
CA GLU L 93 -16.12 -5.48 -16.86
C GLU L 93 -16.95 -6.32 -15.90
N ALA L 94 -17.57 -7.38 -16.40
CA ALA L 94 -18.39 -8.22 -15.53
C ALA L 94 -17.58 -8.73 -14.35
N LEU L 95 -16.33 -9.11 -14.61
CA LEU L 95 -15.48 -9.63 -13.55
C LEU L 95 -15.16 -8.54 -12.54
N ARG L 96 -14.94 -7.32 -13.03
CA ARG L 96 -14.65 -6.21 -12.13
C ARG L 96 -15.85 -5.93 -11.22
N ILE L 97 -17.05 -6.04 -11.78
CA ILE L 97 -18.25 -5.82 -11.01
C ILE L 97 -18.35 -6.88 -9.94
N ILE L 98 -18.19 -8.14 -10.33
CA ILE L 98 -18.27 -9.23 -9.38
C ILE L 98 -17.20 -9.06 -8.28
N ALA L 99 -16.08 -8.45 -8.65
CA ALA L 99 -14.99 -8.26 -7.70
C ALA L 99 -15.21 -7.08 -6.78
N GLY L 100 -16.18 -6.23 -7.10
CA GLY L 100 -16.43 -5.07 -6.27
C GLY L 100 -15.49 -3.94 -6.63
N THR L 101 -14.93 -4.00 -7.84
CA THR L 101 -14.01 -2.96 -8.31
C THR L 101 -14.83 -1.78 -8.79
N PRO L 102 -14.62 -0.62 -8.17
CA PRO L 102 -15.35 0.61 -8.53
C PRO L 102 -15.20 1.14 -9.95
N GLU L 103 -13.99 1.12 -10.50
CA GLU L 103 -13.81 1.61 -11.86
C GLU L 103 -13.97 0.42 -12.78
N VAL L 104 -15.18 0.17 -13.29
CA VAL L 104 -15.35 -0.98 -14.14
C VAL L 104 -15.06 -0.71 -15.62
N HIS L 105 -14.90 0.55 -16.01
CA HIS L 105 -14.64 0.82 -17.41
C HIS L 105 -13.18 0.92 -17.88
N ALA L 106 -12.47 2.01 -17.58
CA ALA L 106 -11.10 2.08 -18.09
C ALA L 106 -10.16 3.17 -17.56
N VAL L 107 -8.97 3.21 -18.15
CA VAL L 107 -7.91 4.16 -17.78
C VAL L 107 -7.53 5.04 -18.98
N ALA M 4 31.49 12.43 27.19
CA ALA M 4 30.40 13.36 26.86
C ALA M 4 30.93 14.47 25.94
N THR M 5 31.21 15.62 26.55
CA THR M 5 31.76 16.77 25.82
C THR M 5 33.28 16.58 25.86
N THR M 6 33.72 15.67 26.71
CA THR M 6 35.13 15.39 26.88
C THR M 6 35.63 14.66 25.66
N GLU M 7 34.81 13.73 25.19
CA GLU M 7 35.14 12.92 24.03
C GLU M 7 35.39 13.83 22.84
N GLU M 8 34.55 14.83 22.68
CA GLU M 8 34.67 15.77 21.58
C GLU M 8 36.00 16.51 21.68
N GLN M 9 36.33 17.02 22.86
CA GLN M 9 37.59 17.73 23.06
C GLN M 9 38.75 16.85 22.66
N LYS M 10 38.79 15.65 23.22
CA LYS M 10 39.87 14.72 22.93
C LYS M 10 40.02 14.48 21.43
N LEU M 11 38.90 14.28 20.74
CA LEU M 11 38.95 14.05 19.30
C LEU M 11 39.53 15.24 18.57
N ILE M 12 39.21 16.45 19.02
CA ILE M 12 39.75 17.64 18.37
C ILE M 12 41.27 17.60 18.53
N GLU M 13 41.73 17.18 19.71
CA GLU M 13 43.16 17.10 19.97
C GLU M 13 43.80 16.14 18.98
N ASP M 14 43.16 14.98 18.80
CA ASP M 14 43.66 13.98 17.89
C ASP M 14 43.75 14.51 16.48
N VAL M 15 42.66 15.14 16.03
CA VAL M 15 42.64 15.70 14.69
C VAL M 15 43.81 16.65 14.50
N ASN M 16 43.97 17.57 15.44
CA ASN M 16 45.05 18.53 15.33
C ASN M 16 46.41 17.82 15.27
N ALA M 17 46.56 16.78 16.10
CA ALA M 17 47.80 16.01 16.12
C ALA M 17 48.08 15.41 14.74
N SER M 18 47.06 14.78 14.14
CA SER M 18 47.20 14.19 12.82
C SER M 18 47.57 15.25 11.80
N PHE M 19 46.92 16.41 11.93
CA PHE M 19 47.15 17.55 11.05
C PHE M 19 48.61 18.02 11.15
N ARG M 20 49.02 18.30 12.37
CA ARG M 20 50.36 18.79 12.63
C ARG M 20 51.42 17.78 12.18
N ALA M 21 51.13 16.50 12.35
CA ALA M 21 52.07 15.46 11.94
C ALA M 21 52.20 15.44 10.42
N ALA M 22 51.07 15.52 9.72
CA ALA M 22 51.10 15.51 8.27
C ALA M 22 51.90 16.73 7.80
N MET M 23 51.69 17.88 8.44
CA MET M 23 52.42 19.08 8.06
C MET M 23 53.93 18.79 8.13
N ALA M 24 54.33 18.10 9.19
CA ALA M 24 55.73 17.76 9.41
C ALA M 24 56.32 16.95 8.23
N THR M 25 55.51 16.07 7.63
CA THR M 25 55.93 15.26 6.50
C THR M 25 56.41 16.18 5.37
N THR M 26 55.95 17.41 5.40
CA THR M 26 56.27 18.40 4.37
C THR M 26 57.61 19.09 4.60
N ALA M 27 58.17 18.85 5.77
CA ALA M 27 59.43 19.45 6.18
C ALA M 27 60.50 19.58 5.11
N ASN M 28 60.89 18.48 4.49
CA ASN M 28 61.95 18.55 3.49
C ASN M 28 61.57 18.68 2.02
N VAL M 29 60.39 18.24 1.64
CA VAL M 29 60.01 18.34 0.23
C VAL M 29 59.94 19.80 -0.19
N PRO M 30 60.36 20.10 -1.44
CA PRO M 30 60.33 21.46 -1.98
C PRO M 30 58.88 21.92 -2.15
N PRO M 31 58.65 23.22 -2.10
CA PRO M 31 57.33 23.86 -2.24
C PRO M 31 56.29 23.24 -3.19
N ALA M 32 56.70 22.99 -4.43
CA ALA M 32 55.78 22.44 -5.43
C ALA M 32 55.09 21.15 -5.02
N ASP M 33 55.83 20.26 -4.35
CA ASP M 33 55.29 18.97 -3.93
C ASP M 33 54.73 18.98 -2.51
N LYS M 34 55.10 20.01 -1.74
CA LYS M 34 54.66 20.14 -0.34
C LYS M 34 53.19 19.82 -0.14
N TYR M 35 52.30 20.49 -0.89
CA TYR M 35 50.87 20.23 -0.74
C TYR M 35 50.50 18.77 -0.98
N LYS M 36 51.00 18.19 -2.06
CA LYS M 36 50.70 16.80 -2.40
C LYS M 36 51.09 15.85 -1.26
N THR M 37 52.32 16.02 -0.78
CA THR M 37 52.88 15.21 0.30
C THR M 37 52.02 15.27 1.56
N PHE M 38 51.74 16.49 1.99
CA PHE M 38 50.92 16.72 3.17
C PHE M 38 49.56 16.08 3.01
N GLU M 39 48.93 16.34 1.87
CA GLU M 39 47.62 15.81 1.58
C GLU M 39 47.58 14.29 1.72
N ALA M 40 48.56 13.62 1.16
CA ALA M 40 48.62 12.17 1.23
C ALA M 40 48.70 11.68 2.68
N ALA M 41 49.62 12.24 3.44
CA ALA M 41 49.80 11.85 4.83
C ALA M 41 48.57 12.13 5.68
N PHE M 42 47.94 13.28 5.44
CA PHE M 42 46.78 13.68 6.21
C PHE M 42 45.54 12.86 5.91
N THR M 43 45.34 12.50 4.65
CA THR M 43 44.16 11.70 4.27
C THR M 43 44.09 10.40 5.04
N VAL M 44 45.24 9.78 5.27
CA VAL M 44 45.29 8.52 6.01
C VAL M 44 44.78 8.72 7.44
N SER M 45 45.54 9.47 8.24
CA SER M 45 45.17 9.71 9.62
C SER M 45 43.79 10.33 9.82
N SER M 46 43.31 11.10 8.86
CA SER M 46 41.99 11.71 9.00
C SER M 46 40.89 10.70 9.15
N LYS M 47 40.90 9.69 8.28
CA LYS M 47 39.87 8.66 8.31
C LYS M 47 39.73 8.01 9.67
N ARG M 48 40.85 7.72 10.32
CA ARG M 48 40.81 7.11 11.63
C ARG M 48 40.06 8.05 12.56
N ASN M 49 40.50 9.31 12.59
CA ASN M 49 39.88 10.32 13.44
C ASN M 49 38.38 10.44 13.20
N LEU M 50 37.98 10.49 11.93
CA LEU M 50 36.58 10.62 11.61
C LEU M 50 35.80 9.40 12.12
N ALA M 51 36.38 8.22 11.99
CA ALA M 51 35.73 7.00 12.45
C ALA M 51 35.54 7.04 13.97
N ASP M 52 36.57 7.49 14.69
CA ASP M 52 36.51 7.59 16.14
C ASP M 52 35.38 8.51 16.51
N ALA M 53 35.23 9.58 15.74
CA ALA M 53 34.15 10.53 16.00
C ALA M 53 32.80 9.88 15.79
N VAL M 54 32.66 9.13 14.70
CA VAL M 54 31.38 8.47 14.41
C VAL M 54 30.85 7.63 15.56
N SER M 55 31.74 7.03 16.33
CA SER M 55 31.28 6.20 17.45
C SER M 55 31.40 6.84 18.83
N LYS M 56 32.30 7.80 19.00
CA LYS M 56 32.46 8.43 20.31
C LYS M 56 31.73 9.78 20.45
N ALA M 57 31.61 10.51 19.34
CA ALA M 57 30.95 11.81 19.36
C ALA M 57 30.41 12.17 17.98
N PRO M 58 29.32 11.53 17.57
CA PRO M 58 28.69 11.78 16.27
C PRO M 58 28.39 13.23 15.93
N GLN M 59 27.92 14.01 16.89
CA GLN M 59 27.61 15.42 16.60
C GLN M 59 28.82 16.16 16.06
N LEU M 60 30.02 15.68 16.39
CA LEU M 60 31.25 16.31 15.95
C LEU M 60 31.60 15.98 14.50
N VAL M 61 31.02 14.92 13.95
CA VAL M 61 31.31 14.54 12.58
C VAL M 61 31.03 15.62 11.56
N PRO M 62 29.78 16.10 11.48
CA PRO M 62 29.49 17.15 10.49
C PRO M 62 30.36 18.39 10.67
N LYS M 63 30.71 18.72 11.91
CA LYS M 63 31.56 19.88 12.15
C LYS M 63 32.91 19.59 11.53
N LEU M 64 33.45 18.42 11.82
CA LEU M 64 34.75 18.00 11.30
C LEU M 64 34.74 18.04 9.78
N ASP M 65 33.62 17.64 9.19
CA ASP M 65 33.56 17.65 7.74
C ASP M 65 33.69 19.09 7.26
N GLU M 66 33.13 20.02 8.01
CA GLU M 66 33.19 21.42 7.64
C GLU M 66 34.62 21.91 7.60
N VAL M 67 35.39 21.63 8.64
CA VAL M 67 36.76 22.10 8.65
C VAL M 67 37.53 21.51 7.49
N TYR M 68 37.37 20.22 7.26
CA TYR M 68 38.07 19.60 6.14
C TYR M 68 37.66 20.34 4.88
N ASN M 69 36.35 20.41 4.65
CA ASN M 69 35.85 21.07 3.46
C ASN M 69 36.41 22.46 3.33
N ALA M 70 36.40 23.21 4.42
CA ALA M 70 36.93 24.56 4.41
C ALA M 70 38.35 24.59 3.87
N ALA M 71 39.18 23.64 4.31
CA ALA M 71 40.57 23.60 3.86
C ALA M 71 40.76 23.05 2.43
N TYR M 72 40.06 21.98 2.09
CA TYR M 72 40.22 21.44 0.73
C TYR M 72 39.69 22.44 -0.28
N ASN M 73 38.63 23.15 0.09
CA ASN M 73 38.07 24.11 -0.84
C ASN M 73 38.94 25.33 -0.99
N ALA M 74 39.52 25.78 0.11
CA ALA M 74 40.39 26.95 0.01
C ALA M 74 41.56 26.64 -0.92
N ALA M 75 42.20 25.49 -0.70
CA ALA M 75 43.35 25.11 -1.50
C ALA M 75 42.96 24.82 -2.94
N ASP M 76 41.77 24.23 -3.10
CA ASP M 76 41.25 23.85 -4.40
C ASP M 76 41.21 25.03 -5.35
N HIS M 77 40.87 26.21 -4.83
CA HIS M 77 40.78 27.41 -5.65
C HIS M 77 42.04 28.29 -5.62
N ALA M 78 43.09 27.82 -4.96
CA ALA M 78 44.32 28.59 -4.87
C ALA M 78 45.34 28.18 -5.93
N ALA M 79 46.24 29.10 -6.26
CA ALA M 79 47.28 28.80 -7.25
C ALA M 79 48.16 27.74 -6.62
N PRO M 80 48.67 26.80 -7.42
CA PRO M 80 49.53 25.70 -6.95
C PRO M 80 50.50 26.11 -5.84
N GLU M 81 51.19 27.21 -6.07
CA GLU M 81 52.15 27.77 -5.13
C GLU M 81 51.56 28.11 -3.75
N ASP M 82 50.27 28.41 -3.71
CA ASP M 82 49.61 28.77 -2.45
C ASP M 82 48.75 27.69 -1.81
N LYS M 83 48.45 26.64 -2.56
CA LYS M 83 47.59 25.58 -2.05
C LYS M 83 47.92 25.11 -0.65
N TYR M 84 49.16 24.69 -0.39
CA TYR M 84 49.52 24.20 0.93
C TYR M 84 49.23 25.20 2.04
N GLU M 85 49.71 26.42 1.86
CA GLU M 85 49.48 27.44 2.85
C GLU M 85 47.99 27.74 3.02
N ALA M 86 47.24 27.74 1.92
CA ALA M 86 45.81 28.00 1.96
C ALA M 86 45.09 26.98 2.82
N PHE M 87 45.46 25.71 2.64
CA PHE M 87 44.85 24.61 3.39
C PHE M 87 45.17 24.73 4.88
N VAL M 88 46.46 24.78 5.21
CA VAL M 88 46.88 24.88 6.61
C VAL M 88 46.22 26.05 7.33
N LEU M 89 46.29 27.23 6.74
CA LEU M 89 45.69 28.42 7.35
C LEU M 89 44.21 28.22 7.64
N HIS M 90 43.45 27.79 6.64
CA HIS M 90 42.03 27.61 6.85
C HIS M 90 41.67 26.45 7.74
N PHE M 91 42.49 25.41 7.75
CA PHE M 91 42.21 24.27 8.58
C PHE M 91 42.42 24.62 10.06
N SER M 92 43.58 25.17 10.35
CA SER M 92 43.92 25.54 11.72
C SER M 92 42.87 26.50 12.27
N GLU M 93 42.51 27.54 11.51
CA GLU M 93 41.50 28.48 12.01
C GLU M 93 40.14 27.80 12.15
N ALA M 94 39.72 27.09 11.11
CA ALA M 94 38.42 26.41 11.16
C ALA M 94 38.37 25.45 12.35
N LEU M 95 39.47 24.76 12.62
CA LEU M 95 39.48 23.83 13.74
C LEU M 95 39.35 24.59 15.05
N ARG M 96 40.02 25.75 15.16
CA ARG M 96 39.94 26.55 16.38
C ARG M 96 38.51 27.02 16.62
N ILE M 97 37.83 27.39 15.53
CA ILE M 97 36.46 27.84 15.64
C ILE M 97 35.60 26.69 16.14
N ILE M 98 35.72 25.53 15.50
CA ILE M 98 34.95 24.38 15.91
C ILE M 98 35.25 24.02 17.36
N ALA M 99 36.47 24.28 17.80
CA ALA M 99 36.87 23.98 19.18
C ALA M 99 36.39 25.01 20.19
N GLY M 100 35.92 26.15 19.70
CA GLY M 100 35.47 27.18 20.62
C GLY M 100 36.64 27.99 21.14
N THR M 101 37.75 27.94 20.42
CA THR M 101 38.93 28.71 20.80
C THR M 101 38.73 30.17 20.37
N PRO M 102 38.76 31.10 21.34
CA PRO M 102 38.56 32.52 21.07
C PRO M 102 39.57 33.19 20.15
N GLU M 103 40.84 32.90 20.30
CA GLU M 103 41.83 33.54 19.43
C GLU M 103 42.01 32.64 18.23
N VAL M 104 41.25 32.85 17.15
CA VAL M 104 41.41 31.98 16.01
C VAL M 104 42.49 32.40 15.05
N HIS M 105 43.06 33.59 15.20
CA HIS M 105 44.10 33.99 14.26
C HIS M 105 45.56 33.71 14.61
N ALA M 106 46.17 34.45 15.55
CA ALA M 106 47.59 34.19 15.83
C ALA M 106 48.23 34.87 17.04
N VAL M 107 49.56 34.77 17.08
CA VAL M 107 50.41 35.33 18.14
C VAL M 107 51.61 36.08 17.52
N ALA N 4 19.66 -1.00 13.94
CA ALA N 4 19.27 0.36 13.54
C ALA N 4 19.60 0.64 12.07
N THR N 5 19.46 -0.39 11.22
CA THR N 5 19.76 -0.22 9.80
C THR N 5 18.52 0.34 9.12
N THR N 6 17.40 0.28 9.83
CA THR N 6 16.12 0.76 9.33
C THR N 6 16.17 2.28 9.32
N GLU N 7 16.73 2.84 10.38
CA GLU N 7 16.83 4.27 10.52
C GLU N 7 17.62 4.86 9.34
N GLU N 8 18.69 4.18 8.97
CA GLU N 8 19.52 4.62 7.85
C GLU N 8 18.71 4.63 6.56
N GLN N 9 17.97 3.56 6.29
CA GLN N 9 17.15 3.48 5.09
C GLN N 9 16.19 4.64 5.05
N LYS N 10 15.43 4.81 6.12
CA LYS N 10 14.45 5.88 6.20
C LYS N 10 15.07 7.23 5.91
N LEU N 11 16.24 7.49 6.50
CA LEU N 11 16.92 8.75 6.27
C LEU N 11 17.29 8.94 4.81
N ILE N 12 17.72 7.87 4.15
CA ILE N 12 18.06 7.98 2.74
C ILE N 12 16.80 8.40 2.00
N GLU N 13 15.66 7.83 2.38
CA GLU N 13 14.38 8.16 1.73
C GLU N 13 14.11 9.64 1.87
N ASP N 14 14.28 10.15 3.09
CA ASP N 14 14.06 11.57 3.37
C ASP N 14 14.95 12.44 2.52
N VAL N 15 16.24 12.12 2.51
CA VAL N 15 17.20 12.88 1.72
C VAL N 15 16.74 12.94 0.26
N ASN N 16 16.45 11.78 -0.32
CA ASN N 16 16.01 11.76 -1.70
C ASN N 16 14.77 12.62 -1.88
N ALA N 17 13.85 12.54 -0.92
CA ALA N 17 12.62 13.32 -0.99
C ALA N 17 12.95 14.81 -1.04
N SER N 18 13.82 15.27 -0.15
CA SER N 18 14.22 16.67 -0.11
C SER N 18 14.87 17.07 -1.44
N PHE N 19 15.70 16.17 -1.94
CA PHE N 19 16.41 16.36 -3.19
C PHE N 19 15.42 16.55 -4.33
N ARG N 20 14.53 15.59 -4.48
CA ARG N 20 13.52 15.60 -5.53
C ARG N 20 12.61 16.84 -5.43
N ALA N 21 12.29 17.24 -4.21
CA ALA N 21 11.46 18.41 -4.01
C ALA N 21 12.20 19.66 -4.47
N ALA N 22 13.46 19.80 -4.09
CA ALA N 22 14.23 20.96 -4.49
C ALA N 22 14.29 21.00 -6.02
N MET N 23 14.52 19.84 -6.63
CA MET N 23 14.58 19.78 -8.09
C MET N 23 13.29 20.37 -8.66
N ALA N 24 12.16 20.03 -8.04
CA ALA N 24 10.86 20.51 -8.49
C ALA N 24 10.79 22.05 -8.49
N THR N 25 11.46 22.68 -7.52
CA THR N 25 11.48 24.13 -7.41
C THR N 25 12.02 24.75 -8.68
N THR N 26 12.80 23.96 -9.43
CA THR N 26 13.45 24.38 -10.65
C THR N 26 12.57 24.33 -11.89
N ALA N 27 11.41 23.71 -11.73
CA ALA N 27 10.45 23.55 -12.81
C ALA N 27 10.38 24.68 -13.83
N ASN N 28 9.63 25.73 -13.49
CA ASN N 28 9.40 26.86 -14.41
C ASN N 28 10.39 28.02 -14.45
N VAL N 29 11.59 27.82 -13.93
CA VAL N 29 12.59 28.88 -13.96
C VAL N 29 13.49 28.65 -15.16
N PRO N 30 13.96 29.73 -15.79
CA PRO N 30 14.83 29.59 -16.97
C PRO N 30 16.15 28.91 -16.59
N PRO N 31 16.67 28.05 -17.47
CA PRO N 31 17.91 27.30 -17.26
C PRO N 31 18.96 28.02 -16.37
N ALA N 32 19.50 29.12 -16.87
CA ALA N 32 20.51 29.89 -16.14
C ALA N 32 20.10 30.17 -14.70
N ASP N 33 18.81 30.10 -14.43
CA ASP N 33 18.32 30.34 -13.08
C ASP N 33 18.14 29.05 -12.30
N LYS N 34 17.98 27.94 -13.02
CA LYS N 34 17.79 26.63 -12.41
C LYS N 34 18.66 26.33 -11.21
N TYR N 35 19.96 26.12 -11.42
CA TYR N 35 20.88 25.78 -10.34
C TYR N 35 20.75 26.67 -9.10
N LYS N 36 20.85 27.98 -9.31
CA LYS N 36 20.74 28.93 -8.23
C LYS N 36 19.59 28.59 -7.28
N THR N 37 18.43 28.39 -7.90
CA THR N 37 17.16 28.11 -7.24
C THR N 37 17.16 26.79 -6.50
N PHE N 38 17.56 25.74 -7.21
CA PHE N 38 17.60 24.40 -6.63
C PHE N 38 18.50 24.39 -5.40
N GLU N 39 19.69 24.92 -5.56
CA GLU N 39 20.68 24.98 -4.51
C GLU N 39 20.12 25.60 -3.24
N ALA N 40 19.44 26.73 -3.39
CA ALA N 40 18.85 27.41 -2.25
C ALA N 40 17.82 26.55 -1.54
N ALA N 41 16.90 25.97 -2.30
CA ALA N 41 15.86 25.14 -1.72
C ALA N 41 16.42 23.90 -1.03
N PHE N 42 17.40 23.28 -1.68
CA PHE N 42 18.02 22.08 -1.15
C PHE N 42 18.86 22.29 0.12
N THR N 43 19.59 23.41 0.19
CA THR N 43 20.42 23.70 1.35
C THR N 43 19.61 23.72 2.65
N VAL N 44 18.39 24.23 2.57
CA VAL N 44 17.52 24.29 3.72
C VAL N 44 17.19 22.89 4.23
N SER N 45 16.43 22.15 3.43
CA SER N 45 16.03 20.79 3.80
C SER N 45 17.19 19.84 4.12
N SER N 46 18.35 20.05 3.50
CA SER N 46 19.49 19.18 3.76
C SER N 46 19.92 19.18 5.22
N LYS N 47 20.04 20.37 5.79
CA LYS N 47 20.45 20.50 7.18
C LYS N 47 19.57 19.70 8.13
N ARG N 48 18.27 19.75 7.92
CA ARG N 48 17.36 18.99 8.78
C ARG N 48 17.75 17.52 8.68
N ASN N 49 17.83 17.02 7.45
CA ASN N 49 18.18 15.63 7.20
C ASN N 49 19.49 15.25 7.87
N LEU N 50 20.52 16.07 7.69
CA LEU N 50 21.82 15.78 8.27
C LEU N 50 21.72 15.70 9.81
N ALA N 51 20.93 16.60 10.41
CA ALA N 51 20.74 16.63 11.85
C ALA N 51 20.08 15.35 12.33
N ASP N 52 19.04 14.93 11.59
CA ASP N 52 18.33 13.70 11.93
C ASP N 52 19.31 12.54 11.92
N ALA N 53 20.21 12.56 10.96
CA ALA N 53 21.21 11.51 10.82
C ALA N 53 22.14 11.51 12.03
N VAL N 54 22.59 12.70 12.42
CA VAL N 54 23.49 12.82 13.56
C VAL N 54 22.96 12.14 14.83
N SER N 55 21.66 12.15 15.03
CA SER N 55 21.11 11.53 16.22
C SER N 55 20.49 10.13 16.02
N LYS N 56 20.02 9.83 14.82
CA LYS N 56 19.41 8.53 14.55
C LYS N 56 20.36 7.50 13.93
N ALA N 57 21.29 7.98 13.10
CA ALA N 57 22.24 7.08 12.44
C ALA N 57 23.52 7.80 12.09
N PRO N 58 24.36 8.07 13.10
CA PRO N 58 25.64 8.77 12.90
C PRO N 58 26.57 8.21 11.81
N GLN N 59 26.65 6.89 11.68
CA GLN N 59 27.52 6.30 10.65
C GLN N 59 27.16 6.77 9.26
N LEU N 60 25.90 7.17 9.10
CA LEU N 60 25.43 7.65 7.81
C LEU N 60 25.86 9.07 7.50
N VAL N 61 26.21 9.83 8.53
CA VAL N 61 26.61 11.21 8.30
C VAL N 61 27.76 11.37 7.32
N PRO N 62 28.93 10.78 7.60
CA PRO N 62 30.05 10.94 6.66
C PRO N 62 29.73 10.47 5.24
N LYS N 63 28.86 9.46 5.12
CA LYS N 63 28.49 8.98 3.80
C LYS N 63 27.71 10.08 3.12
N LEU N 64 26.73 10.62 3.84
CA LEU N 64 25.90 11.69 3.31
C LEU N 64 26.77 12.89 2.91
N ASP N 65 27.78 13.20 3.71
CA ASP N 65 28.68 14.31 3.39
C ASP N 65 29.45 14.00 2.12
N GLU N 66 29.59 12.71 1.80
CA GLU N 66 30.30 12.35 0.59
C GLU N 66 29.48 12.61 -0.65
N VAL N 67 28.17 12.33 -0.61
CA VAL N 67 27.35 12.55 -1.79
C VAL N 67 27.21 14.05 -2.02
N TYR N 68 27.04 14.81 -0.96
CA TYR N 68 26.94 16.26 -1.11
C TYR N 68 28.23 16.73 -1.76
N ASN N 69 29.37 16.45 -1.13
CA ASN N 69 30.65 16.86 -1.70
C ASN N 69 30.75 16.47 -3.17
N ALA N 70 30.30 15.26 -3.46
CA ALA N 70 30.32 14.75 -4.81
C ALA N 70 29.59 15.71 -5.74
N ALA N 71 28.32 15.97 -5.43
CA ALA N 71 27.48 16.85 -6.22
C ALA N 71 27.94 18.29 -6.23
N TYR N 72 28.20 18.85 -5.05
CA TYR N 72 28.64 20.25 -4.99
C TYR N 72 29.92 20.46 -5.74
N ASN N 73 30.84 19.51 -5.63
CA ASN N 73 32.09 19.64 -6.33
C ASN N 73 31.96 19.46 -7.82
N ALA N 74 31.09 18.56 -8.25
CA ALA N 74 30.92 18.37 -9.67
C ALA N 74 30.41 19.65 -10.32
N ALA N 75 29.41 20.28 -9.71
CA ALA N 75 28.83 21.50 -10.24
C ALA N 75 29.80 22.66 -10.14
N ASP N 76 30.57 22.65 -9.06
CA ASP N 76 31.54 23.70 -8.79
C ASP N 76 32.52 23.88 -9.95
N HIS N 77 32.93 22.76 -10.55
CA HIS N 77 33.88 22.80 -11.66
C HIS N 77 33.22 22.79 -13.03
N ALA N 78 31.89 22.85 -13.08
CA ALA N 78 31.20 22.82 -14.37
C ALA N 78 30.85 24.23 -14.85
N ALA N 79 30.68 24.37 -16.16
CA ALA N 79 30.32 25.66 -16.74
C ALA N 79 28.91 25.96 -16.24
N PRO N 80 28.62 27.25 -15.98
CA PRO N 80 27.31 27.69 -15.48
C PRO N 80 26.13 26.94 -16.07
N GLU N 81 26.14 26.81 -17.38
CA GLU N 81 25.09 26.12 -18.13
C GLU N 81 24.92 24.63 -17.74
N ASP N 82 25.99 24.00 -17.24
CA ASP N 82 25.93 22.59 -16.86
C ASP N 82 25.85 22.31 -15.37
N LYS N 83 26.11 23.32 -14.55
CA LYS N 83 26.09 23.13 -13.11
C LYS N 83 24.91 22.33 -12.56
N TYR N 84 23.68 22.77 -12.85
CA TYR N 84 22.50 22.07 -12.34
C TYR N 84 22.48 20.58 -12.69
N GLU N 85 22.64 20.30 -13.97
CA GLU N 85 22.64 18.93 -14.42
C GLU N 85 23.80 18.14 -13.79
N ALA N 86 24.97 18.79 -13.65
CA ALA N 86 26.14 18.14 -13.06
C ALA N 86 25.85 17.71 -11.62
N PHE N 87 25.19 18.58 -10.87
CA PHE N 87 24.85 18.31 -9.49
C PHE N 87 23.87 17.16 -9.39
N VAL N 88 22.73 17.31 -10.06
CA VAL N 88 21.69 16.28 -10.04
C VAL N 88 22.22 14.90 -10.42
N LEU N 89 22.94 14.84 -11.54
CA LEU N 89 23.48 13.58 -12.00
C LEU N 89 24.36 12.92 -10.94
N HIS N 90 25.34 13.66 -10.44
CA HIS N 90 26.24 13.11 -9.44
C HIS N 90 25.60 12.81 -8.09
N PHE N 91 24.61 13.61 -7.70
CA PHE N 91 23.95 13.39 -6.43
C PHE N 91 23.13 12.11 -6.48
N SER N 92 22.32 11.96 -7.52
CA SER N 92 21.47 10.81 -7.66
C SER N 92 22.26 9.49 -7.63
N GLU N 93 23.36 9.41 -8.38
CA GLU N 93 24.17 8.20 -8.42
C GLU N 93 24.90 7.93 -7.11
N ALA N 94 25.52 8.96 -6.55
CA ALA N 94 26.24 8.79 -5.28
C ALA N 94 25.31 8.26 -4.19
N LEU N 95 24.08 8.76 -4.17
CA LEU N 95 23.12 8.30 -3.17
C LEU N 95 22.79 6.83 -3.40
N ARG N 96 22.61 6.43 -4.66
CA ARG N 96 22.30 5.04 -4.99
C ARG N 96 23.45 4.13 -4.54
N ILE N 97 24.67 4.60 -4.74
CA ILE N 97 25.83 3.81 -4.33
C ILE N 97 25.79 3.66 -2.80
N ILE N 98 25.64 4.77 -2.10
CA ILE N 98 25.60 4.74 -0.64
C ILE N 98 24.46 3.84 -0.16
N ALA N 99 23.38 3.77 -0.94
CA ALA N 99 22.23 2.95 -0.56
C ALA N 99 22.41 1.47 -0.92
N GLY N 100 23.45 1.15 -1.67
CA GLY N 100 23.66 -0.23 -2.05
C GLY N 100 22.78 -0.63 -3.21
N THR N 101 22.30 0.36 -3.95
CA THR N 101 21.46 0.09 -5.11
C THR N 101 22.37 -0.32 -6.28
N PRO N 102 22.17 -1.53 -6.80
CA PRO N 102 22.97 -2.07 -7.91
C PRO N 102 22.94 -1.29 -9.23
N GLU N 103 21.77 -0.82 -9.65
CA GLU N 103 21.70 -0.08 -10.90
C GLU N 103 21.89 1.39 -10.56
N VAL N 104 23.12 1.88 -10.59
CA VAL N 104 23.32 3.27 -10.23
C VAL N 104 23.16 4.24 -11.40
N HIS N 105 23.08 3.74 -12.62
CA HIS N 105 22.93 4.67 -13.73
C HIS N 105 21.52 5.03 -14.21
N ALA N 106 20.81 4.15 -14.92
CA ALA N 106 19.48 4.53 -15.41
C ALA N 106 18.53 3.46 -15.95
N VAL N 107 17.34 3.92 -16.37
CA VAL N 107 16.25 3.10 -16.89
C VAL N 107 15.57 3.71 -18.16
#